data_3EXT
# 
_entry.id   3EXT 
# 
_audit_conform.dict_name       mmcif_pdbx.dic 
_audit_conform.dict_version    5.380 
_audit_conform.dict_location   http://mmcif.pdb.org/dictionaries/ascii/mmcif_pdbx.dic 
# 
loop_
_database_2.database_id 
_database_2.database_code 
_database_2.pdbx_database_accession 
_database_2.pdbx_DOI 
PDB   3EXT         pdb_00003ext 10.2210/pdb3ext/pdb 
RCSB  RCSB049901   ?            ?                   
WWPDB D_1000049901 ?            ?                   
# 
loop_
_pdbx_database_related.db_name 
_pdbx_database_related.db_id 
_pdbx_database_related.details 
_pdbx_database_related.content_type 
PDB 3EXR . unspecified 
PDB 3EXS . unspecified 
# 
_pdbx_database_status.entry_id                        3EXT 
_pdbx_database_status.deposit_site                    RCSB 
_pdbx_database_status.process_site                    PDBJ 
_pdbx_database_status.recvd_initial_deposition_date   2008-10-17 
_pdbx_database_status.status_code                     REL 
_pdbx_database_status.status_code_sf                  REL 
_pdbx_database_status.status_code_mr                  ? 
_pdbx_database_status.SG_entry                        ? 
_pdbx_database_status.pdb_format_compatible           Y 
_pdbx_database_status.status_code_cs                  ? 
_pdbx_database_status.methods_development_category    ? 
_pdbx_database_status.status_code_nmr_data            ? 
# 
loop_
_audit_author.name 
_audit_author.pdbx_ordinal 
'Liu, X.'  1 
'Li, G.L.' 2 
'Li, L.F.' 3 
'Su, X.D.' 4 
# 
_citation.id                        primary 
_citation.title                     
;Open-closed conformational change revealed by the crystal structures of 3-keto-L-gulonate 6-phosphate decarboxylase from Streptococcus mutans
;
_citation.journal_abbrev            Biochem.Biophys.Res.Commun. 
_citation.journal_volume            381 
_citation.page_first                429 
_citation.page_last                 433 
_citation.year                      2009 
_citation.journal_id_ASTM           BBRCA9 
_citation.country                   US 
_citation.journal_id_ISSN           0006-291X 
_citation.journal_id_CSD            0146 
_citation.book_publisher            ? 
_citation.pdbx_database_id_PubMed   19222992 
_citation.pdbx_database_id_DOI      10.1016/j.bbrc.2009.02.049 
# 
loop_
_citation_author.citation_id 
_citation_author.name 
_citation_author.ordinal 
_citation_author.identifier_ORCID 
primary 'Li, G.L.'       1 ? 
primary 'Liu, X.'        2 ? 
primary 'Nan, J.'        3 ? 
primary 'Brostromer, E.' 4 ? 
primary 'Li, L.F.'       5 ? 
primary 'Su, X.D.'       6 ? 
# 
_cell.length_a           83.780 
_cell.length_b           83.780 
_cell.length_c           171.620 
_cell.angle_alpha        90.000 
_cell.angle_beta         90.000 
_cell.angle_gamma        90.000 
_cell.entry_id           3EXT 
_cell.pdbx_unique_axis   ? 
_cell.Z_PDB              16 
_cell.length_a_esd       ? 
_cell.length_b_esd       ? 
_cell.length_c_esd       ? 
_cell.angle_alpha_esd    ? 
_cell.angle_beta_esd     ? 
_cell.angle_gamma_esd    ? 
# 
_symmetry.space_group_name_H-M             'I 4 2 2' 
_symmetry.entry_id                         3EXT 
_symmetry.Int_Tables_number                97 
_symmetry.pdbx_full_space_group_name_H-M   ? 
_symmetry.cell_setting                     ? 
_symmetry.space_group_name_Hall            ? 
# 
loop_
_entity.id 
_entity.type 
_entity.src_method 
_entity.pdbx_description 
_entity.formula_weight 
_entity.pdbx_number_of_molecules 
_entity.pdbx_ec 
_entity.pdbx_mutation 
_entity.pdbx_fragment 
_entity.details 
1 polymer     man 'RmpD (Hexulose-6-phosphate synthase)' 23850.229 1  4.1.1.85 ? ? ? 
2 non-polymer syn 'MAGNESIUM ION'                        24.305    1  ?        ? ? ? 
3 water       nat water                                  18.015    82 ?        ? ? ? 
# 
_entity_name_com.entity_id   1 
_entity_name_com.name        '3-keto-L-gulonate 6-phosphate decarboxylase' 
# 
_entity_poly.entity_id                      1 
_entity_poly.type                           'polypeptide(L)' 
_entity_poly.nstd_linkage                   no 
_entity_poly.nstd_monomer                   no 
_entity_poly.pdbx_seq_one_letter_code       
;MTKQLPNLQVALDHSNLKGAITAAVSVGNEVDVIEAGTVCLLQVGSELVEVLRSLFPDKIIVADTKCADAGGTVAKNNAV
RGADWMTCICSATIPTMKAARKAIEDINPDKGEIQVELYGDWTYDQAQQWLDAGISQAIYHQSRDALLAGETWGEKDLNK
VKKLIEMGFRVSVTGGLSVDTLKLFEGVDVFTFIAGRGITEAKNPAGAARAFKDEIKRIWG
;
_entity_poly.pdbx_seq_one_letter_code_can   
;MTKQLPNLQVALDHSNLKGAITAAVSVGNEVDVIEAGTVCLLQVGSELVEVLRSLFPDKIIVADTKCADAGGTVAKNNAV
RGADWMTCICSATIPTMKAARKAIEDINPDKGEIQVELYGDWTYDQAQQWLDAGISQAIYHQSRDALLAGETWGEKDLNK
VKKLIEMGFRVSVTGGLSVDTLKLFEGVDVFTFIAGRGITEAKNPAGAARAFKDEIKRIWG
;
_entity_poly.pdbx_strand_id                 A 
_entity_poly.pdbx_target_identifier         ? 
# 
loop_
_entity_poly_seq.entity_id 
_entity_poly_seq.num 
_entity_poly_seq.mon_id 
_entity_poly_seq.hetero 
1 1   MET n 
1 2   THR n 
1 3   LYS n 
1 4   GLN n 
1 5   LEU n 
1 6   PRO n 
1 7   ASN n 
1 8   LEU n 
1 9   GLN n 
1 10  VAL n 
1 11  ALA n 
1 12  LEU n 
1 13  ASP n 
1 14  HIS n 
1 15  SER n 
1 16  ASN n 
1 17  LEU n 
1 18  LYS n 
1 19  GLY n 
1 20  ALA n 
1 21  ILE n 
1 22  THR n 
1 23  ALA n 
1 24  ALA n 
1 25  VAL n 
1 26  SER n 
1 27  VAL n 
1 28  GLY n 
1 29  ASN n 
1 30  GLU n 
1 31  VAL n 
1 32  ASP n 
1 33  VAL n 
1 34  ILE n 
1 35  GLU n 
1 36  ALA n 
1 37  GLY n 
1 38  THR n 
1 39  VAL n 
1 40  CYS n 
1 41  LEU n 
1 42  LEU n 
1 43  GLN n 
1 44  VAL n 
1 45  GLY n 
1 46  SER n 
1 47  GLU n 
1 48  LEU n 
1 49  VAL n 
1 50  GLU n 
1 51  VAL n 
1 52  LEU n 
1 53  ARG n 
1 54  SER n 
1 55  LEU n 
1 56  PHE n 
1 57  PRO n 
1 58  ASP n 
1 59  LYS n 
1 60  ILE n 
1 61  ILE n 
1 62  VAL n 
1 63  ALA n 
1 64  ASP n 
1 65  THR n 
1 66  LYS n 
1 67  CYS n 
1 68  ALA n 
1 69  ASP n 
1 70  ALA n 
1 71  GLY n 
1 72  GLY n 
1 73  THR n 
1 74  VAL n 
1 75  ALA n 
1 76  LYS n 
1 77  ASN n 
1 78  ASN n 
1 79  ALA n 
1 80  VAL n 
1 81  ARG n 
1 82  GLY n 
1 83  ALA n 
1 84  ASP n 
1 85  TRP n 
1 86  MET n 
1 87  THR n 
1 88  CYS n 
1 89  ILE n 
1 90  CYS n 
1 91  SER n 
1 92  ALA n 
1 93  THR n 
1 94  ILE n 
1 95  PRO n 
1 96  THR n 
1 97  MET n 
1 98  LYS n 
1 99  ALA n 
1 100 ALA n 
1 101 ARG n 
1 102 LYS n 
1 103 ALA n 
1 104 ILE n 
1 105 GLU n 
1 106 ASP n 
1 107 ILE n 
1 108 ASN n 
1 109 PRO n 
1 110 ASP n 
1 111 LYS n 
1 112 GLY n 
1 113 GLU n 
1 114 ILE n 
1 115 GLN n 
1 116 VAL n 
1 117 GLU n 
1 118 LEU n 
1 119 TYR n 
1 120 GLY n 
1 121 ASP n 
1 122 TRP n 
1 123 THR n 
1 124 TYR n 
1 125 ASP n 
1 126 GLN n 
1 127 ALA n 
1 128 GLN n 
1 129 GLN n 
1 130 TRP n 
1 131 LEU n 
1 132 ASP n 
1 133 ALA n 
1 134 GLY n 
1 135 ILE n 
1 136 SER n 
1 137 GLN n 
1 138 ALA n 
1 139 ILE n 
1 140 TYR n 
1 141 HIS n 
1 142 GLN n 
1 143 SER n 
1 144 ARG n 
1 145 ASP n 
1 146 ALA n 
1 147 LEU n 
1 148 LEU n 
1 149 ALA n 
1 150 GLY n 
1 151 GLU n 
1 152 THR n 
1 153 TRP n 
1 154 GLY n 
1 155 GLU n 
1 156 LYS n 
1 157 ASP n 
1 158 LEU n 
1 159 ASN n 
1 160 LYS n 
1 161 VAL n 
1 162 LYS n 
1 163 LYS n 
1 164 LEU n 
1 165 ILE n 
1 166 GLU n 
1 167 MET n 
1 168 GLY n 
1 169 PHE n 
1 170 ARG n 
1 171 VAL n 
1 172 SER n 
1 173 VAL n 
1 174 THR n 
1 175 GLY n 
1 176 GLY n 
1 177 LEU n 
1 178 SER n 
1 179 VAL n 
1 180 ASP n 
1 181 THR n 
1 182 LEU n 
1 183 LYS n 
1 184 LEU n 
1 185 PHE n 
1 186 GLU n 
1 187 GLY n 
1 188 VAL n 
1 189 ASP n 
1 190 VAL n 
1 191 PHE n 
1 192 THR n 
1 193 PHE n 
1 194 ILE n 
1 195 ALA n 
1 196 GLY n 
1 197 ARG n 
1 198 GLY n 
1 199 ILE n 
1 200 THR n 
1 201 GLU n 
1 202 ALA n 
1 203 LYS n 
1 204 ASN n 
1 205 PRO n 
1 206 ALA n 
1 207 GLY n 
1 208 ALA n 
1 209 ALA n 
1 210 ARG n 
1 211 ALA n 
1 212 PHE n 
1 213 LYS n 
1 214 ASP n 
1 215 GLU n 
1 216 ILE n 
1 217 LYS n 
1 218 ARG n 
1 219 ILE n 
1 220 TRP n 
1 221 GLY n 
# 
_entity_src_gen.entity_id                          1 
_entity_src_gen.pdbx_src_id                        1 
_entity_src_gen.pdbx_alt_source_flag               sample 
_entity_src_gen.pdbx_seq_type                      ? 
_entity_src_gen.pdbx_beg_seq_num                   ? 
_entity_src_gen.pdbx_end_seq_num                   ? 
_entity_src_gen.gene_src_common_name               ? 
_entity_src_gen.gene_src_genus                     ? 
_entity_src_gen.pdbx_gene_src_gene                 ulaD 
_entity_src_gen.gene_src_species                   ? 
_entity_src_gen.gene_src_strain                    ? 
_entity_src_gen.gene_src_tissue                    ? 
_entity_src_gen.gene_src_tissue_fraction           ? 
_entity_src_gen.gene_src_details                   ? 
_entity_src_gen.pdbx_gene_src_fragment             ? 
_entity_src_gen.pdbx_gene_src_scientific_name      'Streptococcus mutans' 
_entity_src_gen.pdbx_gene_src_ncbi_taxonomy_id     1309 
_entity_src_gen.pdbx_gene_src_variant              ? 
_entity_src_gen.pdbx_gene_src_cell_line            ? 
_entity_src_gen.pdbx_gene_src_atcc                 ? 
_entity_src_gen.pdbx_gene_src_organ                ? 
_entity_src_gen.pdbx_gene_src_organelle            ? 
_entity_src_gen.pdbx_gene_src_cell                 ? 
_entity_src_gen.pdbx_gene_src_cellular_location    ? 
_entity_src_gen.host_org_common_name               ? 
_entity_src_gen.pdbx_host_org_scientific_name      'Escherichia coli' 
_entity_src_gen.pdbx_host_org_ncbi_taxonomy_id     562 
_entity_src_gen.host_org_genus                     ? 
_entity_src_gen.pdbx_host_org_gene                 ? 
_entity_src_gen.pdbx_host_org_organ                ? 
_entity_src_gen.host_org_species                   ? 
_entity_src_gen.pdbx_host_org_tissue               ? 
_entity_src_gen.pdbx_host_org_tissue_fraction      ? 
_entity_src_gen.pdbx_host_org_strain               'BL21(DE3)' 
_entity_src_gen.pdbx_host_org_variant              ? 
_entity_src_gen.pdbx_host_org_cell_line            ? 
_entity_src_gen.pdbx_host_org_atcc                 ? 
_entity_src_gen.pdbx_host_org_culture_collection   ? 
_entity_src_gen.pdbx_host_org_cell                 ? 
_entity_src_gen.pdbx_host_org_organelle            ? 
_entity_src_gen.pdbx_host_org_cellular_location    ? 
_entity_src_gen.pdbx_host_org_vector_type          plasmid 
_entity_src_gen.pdbx_host_org_vector               ? 
_entity_src_gen.host_org_details                   ? 
_entity_src_gen.expression_system_id               ? 
_entity_src_gen.plasmid_name                       pET28a 
_entity_src_gen.plasmid_details                    ? 
_entity_src_gen.pdbx_description                   ? 
# 
_struct_ref.id                         1 
_struct_ref.db_name                    UNP 
_struct_ref.db_code                    Q93DA8_STRMU 
_struct_ref.pdbx_db_accession          Q93DA8 
_struct_ref.entity_id                  1 
_struct_ref.pdbx_seq_one_letter_code   
;MTKQLPNLQVALDHSNLKGAITAAVSVGNEVDVIEAGTVCLLQVGSELVEVLRSLFPDKIIVADTKCADAGGTVAKNNAV
RGADWMTCICSATIPTMKAARKAIEDINPDKGEIQVELYGDWTYDQAQQWLDAGISQAIYHQSRDALLAGETWGEKDLNK
VKKLIEMGFRVSVTGGLSVDTLKLFEGVDVFTFIAGRGITEAKNPAGAARAFKDEIKRIWG
;
_struct_ref.pdbx_align_begin           1 
_struct_ref.pdbx_db_isoform            ? 
# 
_struct_ref_seq.align_id                      1 
_struct_ref_seq.ref_id                        1 
_struct_ref_seq.pdbx_PDB_id_code              3EXT 
_struct_ref_seq.pdbx_strand_id                A 
_struct_ref_seq.seq_align_beg                 1 
_struct_ref_seq.pdbx_seq_align_beg_ins_code   ? 
_struct_ref_seq.seq_align_end                 221 
_struct_ref_seq.pdbx_seq_align_end_ins_code   ? 
_struct_ref_seq.pdbx_db_accession             Q93DA8 
_struct_ref_seq.db_align_beg                  1 
_struct_ref_seq.pdbx_db_align_beg_ins_code    ? 
_struct_ref_seq.db_align_end                  221 
_struct_ref_seq.pdbx_db_align_end_ins_code    ? 
_struct_ref_seq.pdbx_auth_seq_align_beg       1 
_struct_ref_seq.pdbx_auth_seq_align_end       221 
# 
loop_
_chem_comp.id 
_chem_comp.type 
_chem_comp.mon_nstd_flag 
_chem_comp.name 
_chem_comp.pdbx_synonyms 
_chem_comp.formula 
_chem_comp.formula_weight 
ALA 'L-peptide linking' y ALANINE         ? 'C3 H7 N O2'     89.093  
ARG 'L-peptide linking' y ARGININE        ? 'C6 H15 N4 O2 1' 175.209 
ASN 'L-peptide linking' y ASPARAGINE      ? 'C4 H8 N2 O3'    132.118 
ASP 'L-peptide linking' y 'ASPARTIC ACID' ? 'C4 H7 N O4'     133.103 
CYS 'L-peptide linking' y CYSTEINE        ? 'C3 H7 N O2 S'   121.158 
GLN 'L-peptide linking' y GLUTAMINE       ? 'C5 H10 N2 O3'   146.144 
GLU 'L-peptide linking' y 'GLUTAMIC ACID' ? 'C5 H9 N O4'     147.129 
GLY 'peptide linking'   y GLYCINE         ? 'C2 H5 N O2'     75.067  
HIS 'L-peptide linking' y HISTIDINE       ? 'C6 H10 N3 O2 1' 156.162 
HOH non-polymer         . WATER           ? 'H2 O'           18.015  
ILE 'L-peptide linking' y ISOLEUCINE      ? 'C6 H13 N O2'    131.173 
LEU 'L-peptide linking' y LEUCINE         ? 'C6 H13 N O2'    131.173 
LYS 'L-peptide linking' y LYSINE          ? 'C6 H15 N2 O2 1' 147.195 
MET 'L-peptide linking' y METHIONINE      ? 'C5 H11 N O2 S'  149.211 
MG  non-polymer         . 'MAGNESIUM ION' ? 'Mg 2'           24.305  
PHE 'L-peptide linking' y PHENYLALANINE   ? 'C9 H11 N O2'    165.189 
PRO 'L-peptide linking' y PROLINE         ? 'C5 H9 N O2'     115.130 
SER 'L-peptide linking' y SERINE          ? 'C3 H7 N O3'     105.093 
THR 'L-peptide linking' y THREONINE       ? 'C4 H9 N O3'     119.119 
TRP 'L-peptide linking' y TRYPTOPHAN      ? 'C11 H12 N2 O2'  204.225 
TYR 'L-peptide linking' y TYROSINE        ? 'C9 H11 N O3'    181.189 
VAL 'L-peptide linking' y VALINE          ? 'C5 H11 N O2'    117.146 
# 
_exptl.crystals_number   1 
_exptl.entry_id          3EXT 
_exptl.method            'X-RAY DIFFRACTION' 
# 
_exptl_crystal.id                    1 
_exptl_crystal.pdbx_mosaicity        ? 
_exptl_crystal.pdbx_mosaicity_esd    ? 
_exptl_crystal.density_Matthews      3.16 
_exptl_crystal.density_diffrn        ? 
_exptl_crystal.density_meas          ? 
_exptl_crystal.density_meas_temp     ? 
_exptl_crystal.density_percent_sol   61.04 
_exptl_crystal.size_max              ? 
_exptl_crystal.size_mid              ? 
_exptl_crystal.size_min              ? 
_exptl_crystal.size_rad              ? 
_exptl_crystal.description           ? 
_exptl_crystal.F_000                 ? 
_exptl_crystal.preparation           ? 
# 
_exptl_crystal_grow.crystal_id      1 
_exptl_crystal_grow.method          'VAPOR DIFFUSION, HANGING DROP' 
_exptl_crystal_grow.pH              7.5 
_exptl_crystal_grow.temp            289 
_exptl_crystal_grow.temp_details    ? 
_exptl_crystal_grow.pdbx_details    
'0.2M KCl, 0.05M HEPES, pH7.5, 35%(v/v) pentaerythritol propoxylate (5/4 PO/OH), VAPOR DIFFUSION, HANGING DROP, temperature 289K' 
_exptl_crystal_grow.pdbx_pH_range   . 
# 
_diffrn.id                     1 
_diffrn.ambient_temp           100 
_diffrn.ambient_temp_details   ? 
_diffrn.crystal_id             1 
# 
_diffrn_detector.diffrn_id              1 
_diffrn_detector.detector               CCD 
_diffrn_detector.type                   'MAR CCD 165 mm' 
_diffrn_detector.pdbx_collection_date   2007-01-01 
_diffrn_detector.details                ? 
# 
_diffrn_radiation.diffrn_id                        1 
_diffrn_radiation.wavelength_id                    1 
_diffrn_radiation.pdbx_diffrn_protocol             'SINGLE WAVELENGTH' 
_diffrn_radiation.monochromator                    ? 
_diffrn_radiation.pdbx_monochromatic_or_laue_m_l   M 
_diffrn_radiation.pdbx_scattering_type             x-ray 
# 
_diffrn_radiation_wavelength.id           1 
_diffrn_radiation_wavelength.wavelength   0.9074 
_diffrn_radiation_wavelength.wt           1.0 
# 
_diffrn_source.diffrn_id                   1 
_diffrn_source.source                      SYNCHROTRON 
_diffrn_source.type                        'MAX II BEAMLINE I711' 
_diffrn_source.pdbx_wavelength             ? 
_diffrn_source.pdbx_wavelength_list        0.9074 
_diffrn_source.pdbx_synchrotron_site       'MAX II' 
_diffrn_source.pdbx_synchrotron_beamline   I711 
# 
_reflns.entry_id                     3EXT 
_reflns.d_resolution_high            2.000 
_reflns.number_obs                   20739 
_reflns.pdbx_Rmerge_I_obs            0.055 
_reflns.percent_possible_obs         98.900 
_reflns.B_iso_Wilson_estimate        37.447 
_reflns.observed_criterion_sigma_I   -3.00 
_reflns.observed_criterion_sigma_F   ? 
_reflns.d_resolution_low             30 
_reflns.number_all                   ? 
_reflns.pdbx_Rsym_value              ? 
_reflns.pdbx_netI_over_sigmaI        ? 
_reflns.pdbx_redundancy              ? 
_reflns.R_free_details               ? 
_reflns.limit_h_max                  ? 
_reflns.limit_h_min                  ? 
_reflns.limit_k_max                  ? 
_reflns.limit_k_min                  ? 
_reflns.limit_l_max                  ? 
_reflns.limit_l_min                  ? 
_reflns.observed_criterion_F_max     ? 
_reflns.observed_criterion_F_min     ? 
_reflns.pdbx_chi_squared             ? 
_reflns.pdbx_scaling_rejects         ? 
_reflns.pdbx_ordinal                 1 
_reflns.pdbx_diffrn_id               1 
# 
loop_
_reflns_shell.d_res_high 
_reflns_shell.d_res_low 
_reflns_shell.number_measured_obs 
_reflns_shell.number_measured_all 
_reflns_shell.number_unique_obs 
_reflns_shell.Rmerge_I_obs 
_reflns_shell.meanI_over_sigI_obs 
_reflns_shell.pdbx_Rsym_value 
_reflns_shell.pdbx_chi_squared 
_reflns_shell.pdbx_redundancy 
_reflns_shell.percent_possible_obs 
_reflns_shell.number_unique_all 
_reflns_shell.percent_possible_all 
_reflns_shell.pdbx_ordinal 
_reflns_shell.pdbx_diffrn_id 
2.00 2.12 51319 ? 3258 0.345 8.3  ? ? ? ? ? 98.30 1 1 
2.12 2.27 50449 ? 3118 0.212 13.6 ? ? ? ? ? 99.90 2 1 
2.27 2.45 46560 ? 2887 0.148 19.2 ? ? ? ? ? 99.70 3 1 
2.45 2.68 43274 ? 2697 0.098 28.1 ? ? ? ? ? 99.70 4 1 
2.68 3.00 38852 ? 2455 0.068 38.7 ? ? ? ? ? 99.80 5 1 
3.00 3.46 33900 ? 2169 0.048 50.0 ? ? ? ? ? 99.70 6 1 
3.46 4.22 28541 ? 1874 0.035 61.4 ? ? ? ? ? 99.80 7 1 
4.22 5.91 21552 ? 1484 0.039 65.2 ? ? ? ? ? 99.20 8 1 
5.91 ?    9354  ? 797  0.032 57.2 ? ? ? ? ? 85.60 9 1 
# 
_refine.entry_id                                 3EXT 
_refine.ls_d_res_high                            2.000 
_refine.ls_d_res_low                             19.750 
_refine.pdbx_ls_sigma_F                          0.00 
_refine.ls_percent_reflns_obs                    99.180 
_refine.ls_number_reflns_obs                     19853 
_refine.pdbx_ls_cross_valid_method               THROUGHOUT 
_refine.pdbx_R_Free_selection_details            RANDOM 
_refine.details                                  'HYDROGENS HAVE BEEN ADDED IN THE RIDING POSITIONS' 
_refine.ls_R_factor_obs                          0.200 
_refine.ls_R_factor_R_work                       0.199 
_refine.ls_wR_factor_R_work                      0.204 
_refine.ls_R_factor_R_free                       0.222 
_refine.ls_wR_factor_R_free                      0.218 
_refine.ls_percent_reflns_R_free                 5.000 
_refine.ls_number_reflns_R_free                  1042 
_refine.B_iso_mean                               29.087 
_refine.aniso_B[1][1]                            0.410 
_refine.aniso_B[2][2]                            0.410 
_refine.aniso_B[3][3]                            -0.820 
_refine.aniso_B[1][2]                            0.000 
_refine.aniso_B[1][3]                            0.000 
_refine.aniso_B[2][3]                            0.000 
_refine.correlation_coeff_Fo_to_Fc               0.952 
_refine.correlation_coeff_Fo_to_Fc_free          0.945 
_refine.overall_SU_R_Cruickshank_DPI             0.150 
_refine.overall_SU_R_free                        0.133 
_refine.pdbx_overall_ESU_R                       0.144 
_refine.pdbx_overall_ESU_R_Free                  0.131 
_refine.overall_SU_ML                            0.094 
_refine.overall_SU_B                             6.565 
_refine.solvent_model_details                    MASK 
_refine.pdbx_solvent_vdw_probe_radii             1.200 
_refine.pdbx_solvent_ion_probe_radii             0.800 
_refine.pdbx_solvent_shrinkage_radii             0.800 
_refine.pdbx_method_to_determine_struct          'MOLECULAR REPLACEMENT' 
_refine.pdbx_stereochemistry_target_values       'MAXIMUM LIKELIHOOD' 
_refine.overall_FOM_work_R_set                   0.847 
_refine.B_iso_max                                61.61 
_refine.B_iso_min                                13.82 
_refine.occupancy_max                            1.00 
_refine.occupancy_min                            0.50 
_refine.pdbx_ls_sigma_I                          ? 
_refine.ls_number_reflns_all                     ? 
_refine.ls_R_factor_all                          ? 
_refine.ls_redundancy_reflns_obs                 ? 
_refine.pdbx_data_cutoff_high_absF               ? 
_refine.pdbx_data_cutoff_low_absF                ? 
_refine.ls_number_parameters                     ? 
_refine.ls_number_restraints                     ? 
_refine.ls_R_factor_R_free_error                 ? 
_refine.ls_R_factor_R_free_error_details         ? 
_refine.pdbx_starting_model                      'PDB ENTRY 1KV8' 
_refine.pdbx_stereochem_target_val_spec_case     ? 
_refine.solvent_model_param_bsol                 ? 
_refine.solvent_model_param_ksol                 ? 
_refine.pdbx_isotropic_thermal_model             ? 
_refine.pdbx_data_cutoff_high_rms_absF           ? 
_refine.overall_FOM_free_R_set                   ? 
_refine.pdbx_refine_id                           'X-RAY DIFFRACTION' 
_refine.pdbx_overall_phase_error                 ? 
_refine.pdbx_TLS_residual_ADP_flag               'LIKELY RESIDUAL' 
_refine.pdbx_diffrn_id                           1 
_refine.pdbx_overall_SU_R_free_Cruickshank_DPI   ? 
_refine.pdbx_overall_SU_R_Blow_DPI               ? 
_refine.pdbx_overall_SU_R_free_Blow_DPI          ? 
# 
_refine_hist.pdbx_refine_id                   'X-RAY DIFFRACTION' 
_refine_hist.cycle_id                         LAST 
_refine_hist.pdbx_number_atoms_protein        1579 
_refine_hist.pdbx_number_atoms_nucleic_acid   0 
_refine_hist.pdbx_number_atoms_ligand         1 
_refine_hist.number_atoms_solvent             82 
_refine_hist.number_atoms_total               1662 
_refine_hist.d_res_high                       2.000 
_refine_hist.d_res_low                        19.750 
# 
loop_
_refine_ls_restr.type 
_refine_ls_restr.number 
_refine_ls_restr.dev_ideal 
_refine_ls_restr.dev_ideal_target 
_refine_ls_restr.weight 
_refine_ls_restr.pdbx_refine_id 
_refine_ls_restr.pdbx_restraint_function 
r_bond_refined_d         1603 0.019  0.022  ? 'X-RAY DIFFRACTION' ? 
r_angle_refined_deg      2173 1.537  1.947  ? 'X-RAY DIFFRACTION' ? 
r_dihedral_angle_1_deg   209  6.073  5.000  ? 'X-RAY DIFFRACTION' ? 
r_dihedral_angle_2_deg   65   34.259 25.077 ? 'X-RAY DIFFRACTION' ? 
r_dihedral_angle_3_deg   269  12.357 15.000 ? 'X-RAY DIFFRACTION' ? 
r_dihedral_angle_4_deg   8    22.250 15.000 ? 'X-RAY DIFFRACTION' ? 
r_chiral_restr           254  0.111  0.200  ? 'X-RAY DIFFRACTION' ? 
r_gen_planes_refined     1188 0.007  0.020  ? 'X-RAY DIFFRACTION' ? 
r_nbd_refined            701  0.204  0.200  ? 'X-RAY DIFFRACTION' ? 
r_nbtor_refined          1104 0.298  0.200  ? 'X-RAY DIFFRACTION' ? 
r_xyhbond_nbd_refined    81   0.106  0.200  ? 'X-RAY DIFFRACTION' ? 
r_metal_ion_refined      2    0.071  0.200  ? 'X-RAY DIFFRACTION' ? 
r_symmetry_vdw_refined   28   0.138  0.200  ? 'X-RAY DIFFRACTION' ? 
r_symmetry_hbond_refined 10   0.132  0.200  ? 'X-RAY DIFFRACTION' ? 
r_mcbond_it              1074 0.958  1.500  ? 'X-RAY DIFFRACTION' ? 
r_mcangle_it             1655 1.455  2.000  ? 'X-RAY DIFFRACTION' ? 
r_scbond_it              629  2.303  3.000  ? 'X-RAY DIFFRACTION' ? 
r_scangle_it             518  3.267  4.500  ? 'X-RAY DIFFRACTION' ? 
# 
_refine_ls_shell.d_res_high                       2.000 
_refine_ls_shell.d_res_low                        2.051 
_refine_ls_shell.pdbx_total_number_of_bins_used   20 
_refine_ls_shell.percent_reflns_obs               99.930 
_refine_ls_shell.number_reflns_R_work             1429 
_refine_ls_shell.R_factor_all                     ? 
_refine_ls_shell.R_factor_R_work                  0.242 
_refine_ls_shell.R_factor_R_free                  0.323 
_refine_ls_shell.percent_reflns_R_free            ? 
_refine_ls_shell.number_reflns_R_free             77 
_refine_ls_shell.R_factor_R_free_error            ? 
_refine_ls_shell.number_reflns_all                1506 
_refine_ls_shell.number_reflns_obs                ? 
_refine_ls_shell.redundancy_reflns_obs            ? 
_refine_ls_shell.pdbx_refine_id                   'X-RAY DIFFRACTION' 
# 
_struct.entry_id                  3EXT 
_struct.title                     'Crystal structure of KGPDC from Streptococcus mutans' 
_struct.pdbx_model_details        ? 
_struct.pdbx_CASP_flag            ? 
_struct.pdbx_model_type_details   ? 
# 
_struct_keywords.entry_id        3EXT 
_struct_keywords.pdbx_keywords   LYASE 
_struct_keywords.text            'beta barrel, LYASE' 
# 
loop_
_struct_asym.id 
_struct_asym.pdbx_blank_PDB_chainid_flag 
_struct_asym.pdbx_modified 
_struct_asym.entity_id 
_struct_asym.details 
A N N 1 ? 
B N N 2 ? 
C N N 3 ? 
# 
loop_
_struct_conf.conf_type_id 
_struct_conf.id 
_struct_conf.pdbx_PDB_helix_id 
_struct_conf.beg_label_comp_id 
_struct_conf.beg_label_asym_id 
_struct_conf.beg_label_seq_id 
_struct_conf.pdbx_beg_PDB_ins_code 
_struct_conf.end_label_comp_id 
_struct_conf.end_label_asym_id 
_struct_conf.end_label_seq_id 
_struct_conf.pdbx_end_PDB_ins_code 
_struct_conf.beg_auth_comp_id 
_struct_conf.beg_auth_asym_id 
_struct_conf.beg_auth_seq_id 
_struct_conf.end_auth_comp_id 
_struct_conf.end_auth_asym_id 
_struct_conf.end_auth_seq_id 
_struct_conf.pdbx_PDB_helix_class 
_struct_conf.details 
_struct_conf.pdbx_PDB_helix_length 
HELX_P HELX_P1  1  ASN A 16  ? GLY A 28  ? ASN A 16  GLY A 28  1 ? 13 
HELX_P HELX_P2  2  ASN A 29  ? VAL A 31  ? ASN A 29  VAL A 31  5 ? 3  
HELX_P HELX_P3  3  GLY A 37  ? GLY A 45  ? GLY A 37  GLY A 45  1 ? 9  
HELX_P HELX_P4  4  SER A 46  ? PHE A 56  ? SER A 46  PHE A 56  1 ? 11 
HELX_P HELX_P5  5  ALA A 70  ? VAL A 80  ? ALA A 70  VAL A 80  1 ? 11 
HELX_P HELX_P6  6  THR A 93  ? ASN A 108 ? THR A 93  ASN A 108 1 ? 16 
HELX_P HELX_P7  7  THR A 123 ? ALA A 133 ? THR A 123 ALA A 133 1 ? 11 
HELX_P HELX_P8  8  GLY A 154 ? GLY A 168 ? GLY A 154 GLY A 168 1 ? 15 
HELX_P HELX_P9  9  THR A 181 ? GLU A 186 ? THR A 181 GLU A 186 5 ? 6  
HELX_P HELX_P10 10 GLY A 196 ? GLU A 201 ? GLY A 196 GLU A 201 1 ? 6  
HELX_P HELX_P11 11 ASN A 204 ? GLY A 221 ? ASN A 204 GLY A 221 1 ? 18 
# 
_struct_conf_type.id          HELX_P 
_struct_conf_type.criteria    ? 
_struct_conf_type.reference   ? 
# 
loop_
_struct_conn.id 
_struct_conn.conn_type_id 
_struct_conn.pdbx_leaving_atom_flag 
_struct_conn.pdbx_PDB_id 
_struct_conn.ptnr1_label_asym_id 
_struct_conn.ptnr1_label_comp_id 
_struct_conn.ptnr1_label_seq_id 
_struct_conn.ptnr1_label_atom_id 
_struct_conn.pdbx_ptnr1_label_alt_id 
_struct_conn.pdbx_ptnr1_PDB_ins_code 
_struct_conn.pdbx_ptnr1_standard_comp_id 
_struct_conn.ptnr1_symmetry 
_struct_conn.ptnr2_label_asym_id 
_struct_conn.ptnr2_label_comp_id 
_struct_conn.ptnr2_label_seq_id 
_struct_conn.ptnr2_label_atom_id 
_struct_conn.pdbx_ptnr2_label_alt_id 
_struct_conn.pdbx_ptnr2_PDB_ins_code 
_struct_conn.ptnr1_auth_asym_id 
_struct_conn.ptnr1_auth_comp_id 
_struct_conn.ptnr1_auth_seq_id 
_struct_conn.ptnr2_auth_asym_id 
_struct_conn.ptnr2_auth_comp_id 
_struct_conn.ptnr2_auth_seq_id 
_struct_conn.ptnr2_symmetry 
_struct_conn.pdbx_ptnr3_label_atom_id 
_struct_conn.pdbx_ptnr3_label_seq_id 
_struct_conn.pdbx_ptnr3_label_comp_id 
_struct_conn.pdbx_ptnr3_label_asym_id 
_struct_conn.pdbx_ptnr3_label_alt_id 
_struct_conn.pdbx_ptnr3_PDB_ins_code 
_struct_conn.details 
_struct_conn.pdbx_dist_value 
_struct_conn.pdbx_value_order 
_struct_conn.pdbx_role 
metalc1 metalc ? ? A GLU 35 OE2 ? ? ? 1_555 B MG  . MG ? ? A GLU 35  A MG  222 1_555 ? ? ? ? ? ? ? 2.120 ? ? 
metalc2 metalc ? ? A ASP 64 OD2 ? ? ? 1_555 B MG  . MG ? ? A ASP 64  A MG  222 1_555 ? ? ? ? ? ? ? 1.934 ? ? 
metalc3 metalc ? ? B MG  .  MG  ? ? ? 1_555 C HOH . O  ? ? A MG  222 A HOH 301 1_555 ? ? ? ? ? ? ? 2.314 ? ? 
metalc4 metalc ? ? B MG  .  MG  ? ? ? 1_555 C HOH . O  ? ? A MG  222 A HOH 302 1_555 ? ? ? ? ? ? ? 2.344 ? ? 
metalc5 metalc ? ? B MG  .  MG  ? ? ? 1_555 C HOH . O  ? ? A MG  222 A HOH 303 1_555 ? ? ? ? ? ? ? 1.908 ? ? 
metalc6 metalc ? ? B MG  .  MG  ? ? ? 1_555 C HOH . O  ? ? A MG  222 A HOH 304 1_555 ? ? ? ? ? ? ? 2.141 ? ? 
# 
_struct_conn_type.id          metalc 
_struct_conn_type.criteria    ? 
_struct_conn_type.reference   ? 
# 
_struct_sheet.id               A 
_struct_sheet.type             ? 
_struct_sheet.number_strands   9 
_struct_sheet.details          ? 
# 
loop_
_struct_sheet_order.sheet_id 
_struct_sheet_order.range_id_1 
_struct_sheet_order.range_id_2 
_struct_sheet_order.offset 
_struct_sheet_order.sense 
A 1 2 ? parallel 
A 2 3 ? parallel 
A 3 4 ? parallel 
A 4 5 ? parallel 
A 5 6 ? parallel 
A 6 7 ? parallel 
A 7 8 ? parallel 
A 8 9 ? parallel 
# 
loop_
_struct_sheet_range.sheet_id 
_struct_sheet_range.id 
_struct_sheet_range.beg_label_comp_id 
_struct_sheet_range.beg_label_asym_id 
_struct_sheet_range.beg_label_seq_id 
_struct_sheet_range.pdbx_beg_PDB_ins_code 
_struct_sheet_range.end_label_comp_id 
_struct_sheet_range.end_label_asym_id 
_struct_sheet_range.end_label_seq_id 
_struct_sheet_range.pdbx_end_PDB_ins_code 
_struct_sheet_range.beg_auth_comp_id 
_struct_sheet_range.beg_auth_asym_id 
_struct_sheet_range.beg_auth_seq_id 
_struct_sheet_range.end_auth_comp_id 
_struct_sheet_range.end_auth_asym_id 
_struct_sheet_range.end_auth_seq_id 
A 1 ASN A 7   ? LEU A 12  ? ASN A 7   LEU A 12  
A 2 VAL A 33  ? ALA A 36  ? VAL A 33  ALA A 36  
A 3 ILE A 60  ? CYS A 67  ? ILE A 60  CYS A 67  
A 4 TRP A 85  ? ILE A 89  ? TRP A 85  ILE A 89  
A 5 GLU A 113 ? GLU A 117 ? GLU A 113 GLU A 117 
A 6 GLN A 137 ? HIS A 141 ? GLN A 137 HIS A 141 
A 7 ARG A 170 ? THR A 174 ? ARG A 170 THR A 174 
A 8 THR A 192 ? ALA A 195 ? THR A 192 ALA A 195 
A 9 ASN A 7   ? LEU A 12  ? ASN A 7   LEU A 12  
# 
loop_
_pdbx_struct_sheet_hbond.sheet_id 
_pdbx_struct_sheet_hbond.range_id_1 
_pdbx_struct_sheet_hbond.range_id_2 
_pdbx_struct_sheet_hbond.range_1_label_atom_id 
_pdbx_struct_sheet_hbond.range_1_label_comp_id 
_pdbx_struct_sheet_hbond.range_1_label_asym_id 
_pdbx_struct_sheet_hbond.range_1_label_seq_id 
_pdbx_struct_sheet_hbond.range_1_PDB_ins_code 
_pdbx_struct_sheet_hbond.range_1_auth_atom_id 
_pdbx_struct_sheet_hbond.range_1_auth_comp_id 
_pdbx_struct_sheet_hbond.range_1_auth_asym_id 
_pdbx_struct_sheet_hbond.range_1_auth_seq_id 
_pdbx_struct_sheet_hbond.range_2_label_atom_id 
_pdbx_struct_sheet_hbond.range_2_label_comp_id 
_pdbx_struct_sheet_hbond.range_2_label_asym_id 
_pdbx_struct_sheet_hbond.range_2_label_seq_id 
_pdbx_struct_sheet_hbond.range_2_PDB_ins_code 
_pdbx_struct_sheet_hbond.range_2_auth_atom_id 
_pdbx_struct_sheet_hbond.range_2_auth_comp_id 
_pdbx_struct_sheet_hbond.range_2_auth_asym_id 
_pdbx_struct_sheet_hbond.range_2_auth_seq_id 
A 1 2 N VAL A 10  ? N VAL A 10  O GLU A 35  ? O GLU A 35  
A 2 3 N ALA A 36  ? N ALA A 36  O VAL A 62  ? O VAL A 62  
A 3 4 N ALA A 63  ? N ALA A 63  O TRP A 85  ? O TRP A 85  
A 4 5 N CYS A 88  ? N CYS A 88  O GLU A 117 ? O GLU A 117 
A 5 6 N VAL A 116 ? N VAL A 116 O ILE A 139 ? O ILE A 139 
A 6 7 N TYR A 140 ? N TYR A 140 O SER A 172 ? O SER A 172 
A 7 8 N VAL A 173 ? N VAL A 173 O ILE A 194 ? O ILE A 194 
A 8 9 O ALA A 195 ? O ALA A 195 N GLN A 9   ? N GLN A 9   
# 
_struct_site.id                   AC1 
_struct_site.pdbx_evidence_code   Software 
_struct_site.pdbx_auth_asym_id    A 
_struct_site.pdbx_auth_comp_id    MG 
_struct_site.pdbx_auth_seq_id     222 
_struct_site.pdbx_auth_ins_code   ? 
_struct_site.pdbx_num_residues    6 
_struct_site.details              'BINDING SITE FOR RESIDUE MG A 222' 
# 
loop_
_struct_site_gen.id 
_struct_site_gen.site_id 
_struct_site_gen.pdbx_num_res 
_struct_site_gen.label_comp_id 
_struct_site_gen.label_asym_id 
_struct_site_gen.label_seq_id 
_struct_site_gen.pdbx_auth_ins_code 
_struct_site_gen.auth_comp_id 
_struct_site_gen.auth_asym_id 
_struct_site_gen.auth_seq_id 
_struct_site_gen.label_atom_id 
_struct_site_gen.label_alt_id 
_struct_site_gen.symmetry 
_struct_site_gen.details 
1 AC1 6 GLU A 35 ? GLU A 35  . ? 1_555 ? 
2 AC1 6 ASP A 64 ? ASP A 64  . ? 1_555 ? 
3 AC1 6 HOH C .  ? HOH A 301 . ? 1_555 ? 
4 AC1 6 HOH C .  ? HOH A 302 . ? 1_555 ? 
5 AC1 6 HOH C .  ? HOH A 303 . ? 1_555 ? 
6 AC1 6 HOH C .  ? HOH A 304 . ? 1_555 ? 
# 
_atom_sites.entry_id                    3EXT 
_atom_sites.fract_transf_matrix[1][1]   0.01067127 
_atom_sites.fract_transf_matrix[1][2]   -0.00518782 
_atom_sites.fract_transf_matrix[1][3]   -0.00129559 
_atom_sites.fract_transf_matrix[2][1]   -0.00302219 
_atom_sites.fract_transf_matrix[2][2]   -0.00823745 
_atom_sites.fract_transf_matrix[2][3]   0.00809190 
_atom_sites.fract_transf_matrix[3][1]   -0.00215347 
_atom_sites.fract_transf_matrix[3][2]   -0.00337164 
_atom_sites.fract_transf_matrix[3][3]   -0.00423657 
_atom_sites.fract_transf_vector[1]      0.143764 
_atom_sites.fract_transf_vector[2]      0.405004 
_atom_sites.fract_transf_vector[3]      0.131918 
# 
loop_
_atom_type.symbol 
C  
MG 
N  
O  
S  
# 
loop_
_atom_site.group_PDB 
_atom_site.id 
_atom_site.type_symbol 
_atom_site.label_atom_id 
_atom_site.label_alt_id 
_atom_site.label_comp_id 
_atom_site.label_asym_id 
_atom_site.label_entity_id 
_atom_site.label_seq_id 
_atom_site.pdbx_PDB_ins_code 
_atom_site.Cartn_x 
_atom_site.Cartn_y 
_atom_site.Cartn_z 
_atom_site.occupancy 
_atom_site.B_iso_or_equiv 
_atom_site.pdbx_formal_charge 
_atom_site.auth_seq_id 
_atom_site.auth_comp_id 
_atom_site.auth_asym_id 
_atom_site.auth_atom_id 
_atom_site.pdbx_PDB_model_num 
ATOM   1    N  N   . GLN A 1 4   ? 17.678  -1.804  -2.875  1.00 33.72 ? 4   GLN A N   1 
ATOM   2    C  CA  . GLN A 1 4   ? 16.217  -1.764  -3.240  1.00 31.42 ? 4   GLN A CA  1 
ATOM   3    C  C   . GLN A 1 4   ? 15.763  -0.326  -3.460  1.00 30.61 ? 4   GLN A C   1 
ATOM   4    O  O   . GLN A 1 4   ? 15.928  0.502   -2.576  1.00 32.11 ? 4   GLN A O   1 
ATOM   5    N  N   . LEU A 1 5   ? 15.221  -0.020  -4.635  1.00 28.68 ? 5   LEU A N   1 
ATOM   6    C  CA  . LEU A 1 5   ? 14.620  1.284   -4.898  1.00 27.50 ? 5   LEU A CA  1 
ATOM   7    C  C   . LEU A 1 5   ? 13.215  1.349   -4.235  1.00 26.95 ? 5   LEU A C   1 
ATOM   8    O  O   . LEU A 1 5   ? 12.657  0.302   -3.879  1.00 27.09 ? 5   LEU A O   1 
ATOM   9    C  CB  . LEU A 1 5   ? 14.472  1.502   -6.396  1.00 27.03 ? 5   LEU A CB  1 
ATOM   10   C  CG  . LEU A 1 5   ? 15.719  1.593   -7.274  1.00 30.26 ? 5   LEU A CG  1 
ATOM   11   C  CD1 . LEU A 1 5   ? 15.307  1.481   -8.739  1.00 32.57 ? 5   LEU A CD1 1 
ATOM   12   C  CD2 . LEU A 1 5   ? 16.459  2.861   -7.004  1.00 29.55 ? 5   LEU A CD2 1 
ATOM   13   N  N   . PRO A 1 6   ? 12.702  2.577   -3.967  1.00 26.04 ? 6   PRO A N   1 
ATOM   14   C  CA  . PRO A 1 6   ? 11.291  2.692   -3.654  1.00 24.49 ? 6   PRO A CA  1 
ATOM   15   C  C   . PRO A 1 6   ? 10.441  1.942   -4.678  1.00 23.63 ? 6   PRO A C   1 
ATOM   16   O  O   . PRO A 1 6   ? 10.719  2.007   -5.882  1.00 22.87 ? 6   PRO A O   1 
ATOM   17   C  CB  . PRO A 1 6   ? 11.048  4.192   -3.721  1.00 24.78 ? 6   PRO A CB  1 
ATOM   18   C  CG  . PRO A 1 6   ? 12.330  4.771   -3.187  1.00 25.41 ? 6   PRO A CG  1 
ATOM   19   C  CD  . PRO A 1 6   ? 13.387  3.887   -3.849  1.00 25.00 ? 6   PRO A CD  1 
ATOM   20   N  N   . ASN A 1 7   ? 9.426   1.220   -4.180  1.00 23.27 ? 7   ASN A N   1 
ATOM   21   C  CA  . ASN A 1 7   ? 8.483   0.493   -5.039  1.00 22.34 ? 7   ASN A CA  1 
ATOM   22   C  C   . ASN A 1 7   ? 7.525   1.488   -5.676  1.00 22.32 ? 7   ASN A C   1 
ATOM   23   O  O   . ASN A 1 7   ? 7.192   2.496   -5.077  1.00 22.57 ? 7   ASN A O   1 
ATOM   24   C  CB  . ASN A 1 7   ? 7.617   -0.486  -4.237  1.00 22.39 ? 7   ASN A CB  1 
ATOM   25   C  CG  . ASN A 1 7   ? 8.369   -1.675  -3.659  1.00 21.99 ? 7   ASN A CG  1 
ATOM   26   O  OD1 . ASN A 1 7   ? 8.132   -2.072  -2.492  1.00 28.69 ? 7   ASN A OD1 1 
ATOM   27   N  ND2 . ASN A 1 7   ? 9.171   -2.307  -4.451  1.00 16.73 ? 7   ASN A ND2 1 
ATOM   28   N  N   . LEU A 1 8   ? 7.048   1.170   -6.879  1.00 23.51 ? 8   LEU A N   1 
ATOM   29   C  CA  . LEU A 1 8   ? 5.835   1.795   -7.423  1.00 23.16 ? 8   LEU A CA  1 
ATOM   30   C  C   . LEU A 1 8   ? 4.607   0.856   -7.194  1.00 23.13 ? 8   LEU A C   1 
ATOM   31   O  O   . LEU A 1 8   ? 4.582   -0.276  -7.651  1.00 24.19 ? 8   LEU A O   1 
ATOM   32   C  CB  . LEU A 1 8   ? 6.022   2.168   -8.901  1.00 22.92 ? 8   LEU A CB  1 
ATOM   33   C  CG  . LEU A 1 8   ? 4.835   2.761   -9.670  1.00 22.54 ? 8   LEU A CG  1 
ATOM   34   C  CD1 . LEU A 1 8   ? 4.258   4.050   -9.016  1.00 23.20 ? 8   LEU A CD1 1 
ATOM   35   C  CD2 . LEU A 1 8   ? 5.137   2.936   -11.107 1.00 21.93 ? 8   LEU A CD2 1 
ATOM   36   N  N   . GLN A 1 9   ? 3.598   1.373   -6.510  1.00 22.21 ? 9   GLN A N   1 
ATOM   37   C  CA  . GLN A 1 9   ? 2.346   0.659   -6.199  1.00 21.41 ? 9   GLN A CA  1 
ATOM   38   C  C   . GLN A 1 9   ? 1.226   1.370   -6.962  1.00 22.08 ? 9   GLN A C   1 
ATOM   39   O  O   . GLN A 1 9   ? 1.155   2.605   -6.935  1.00 21.88 ? 9   GLN A O   1 
ATOM   40   C  CB  . GLN A 1 9   ? 2.083   0.719   -4.708  1.00 20.81 ? 9   GLN A CB  1 
ATOM   41   C  CG  . GLN A 1 9   ? 0.739   0.061   -4.286  1.00 19.62 ? 9   GLN A CG  1 
ATOM   42   C  CD  . GLN A 1 9   ? 0.661   -0.187  -2.821  1.00 19.53 ? 9   GLN A CD  1 
ATOM   43   O  OE1 . GLN A 1 9   ? 1.655   -0.525  -2.180  1.00 20.72 ? 9   GLN A OE1 1 
ATOM   44   N  NE2 . GLN A 1 9   ? -0.560  -0.082  -2.263  1.00 15.17 ? 9   GLN A NE2 1 
ATOM   45   N  N   . VAL A 1 10  ? 0.404   0.598   -7.702  1.00 20.69 ? 10  VAL A N   1 
ATOM   46   C  CA  . VAL A 1 10  ? -0.817  1.154   -8.266  1.00 21.28 ? 10  VAL A CA  1 
ATOM   47   C  C   . VAL A 1 10  ? -2.045  0.772   -7.414  1.00 21.20 ? 10  VAL A C   1 
ATOM   48   O  O   . VAL A 1 10  ? -2.294  -0.411  -7.179  1.00 21.71 ? 10  VAL A O   1 
ATOM   49   C  CB  . VAL A 1 10  ? -1.030  0.738   -9.736  1.00 21.03 ? 10  VAL A CB  1 
ATOM   50   C  CG1 . VAL A 1 10  ? -1.106  -0.844  -9.937  1.00 22.50 ? 10  VAL A CG1 1 
ATOM   51   C  CG2 . VAL A 1 10  ? -2.262  1.485   -10.335 1.00 22.44 ? 10  VAL A CG2 1 
ATOM   52   N  N   . ALA A 1 11  ? -2.778  1.799   -6.972  1.00 20.86 ? 11  ALA A N   1 
ATOM   53   C  CA  . ALA A 1 11  ? -4.013  1.669   -6.216  1.00 20.57 ? 11  ALA A CA  1 
ATOM   54   C  C   . ALA A 1 11  ? -5.158  1.520   -7.203  1.00 20.81 ? 11  ALA A C   1 
ATOM   55   O  O   . ALA A 1 11  ? -5.357  2.378   -8.084  1.00 22.00 ? 11  ALA A O   1 
ATOM   56   C  CB  . ALA A 1 11  ? -4.217  2.926   -5.345  1.00 19.43 ? 11  ALA A CB  1 
ATOM   57   N  N   . LEU A 1 12  ? -5.925  0.441   -7.079  1.00 20.07 ? 12  LEU A N   1 
ATOM   58   C  CA  . LEU A 1 12  ? -7.112  0.286   -7.881  1.00 20.06 ? 12  LEU A CA  1 
ATOM   59   C  C   . LEU A 1 12  ? -8.288  0.655   -7.020  1.00 20.53 ? 12  LEU A C   1 
ATOM   60   O  O   . LEU A 1 12  ? -8.759  -0.149  -6.236  1.00 19.55 ? 12  LEU A O   1 
ATOM   61   C  CB  . LEU A 1 12  ? -7.244  -1.168  -8.419  1.00 18.69 ? 12  LEU A CB  1 
ATOM   62   C  CG  . LEU A 1 12  ? -5.968  -1.720  -9.128  1.00 20.30 ? 12  LEU A CG  1 
ATOM   63   C  CD1 . LEU A 1 12  ? -6.088  -3.253  -9.315  1.00 17.46 ? 12  LEU A CD1 1 
ATOM   64   C  CD2 . LEU A 1 12  ? -5.663  -0.960  -10.490 1.00 17.72 ? 12  LEU A CD2 1 
ATOM   65   N  N   . ASP A 1 13  ? -8.812  1.855   -7.194  1.00 21.26 ? 13  ASP A N   1 
ATOM   66   C  CA  . ASP A 1 13  ? -9.873  2.318   -6.310  1.00 21.67 ? 13  ASP A CA  1 
ATOM   67   C  C   . ASP A 1 13  ? -11.194 2.416   -7.093  1.00 20.76 ? 13  ASP A C   1 
ATOM   68   O  O   . ASP A 1 13  ? -12.068 3.199   -6.744  1.00 20.69 ? 13  ASP A O   1 
ATOM   69   C  CB  . ASP A 1 13  ? -9.482  3.712   -5.670  1.00 23.26 ? 13  ASP A CB  1 
ATOM   70   C  CG  . ASP A 1 13  ? -8.238  3.655   -4.695  1.00 26.49 ? 13  ASP A CG  1 
ATOM   71   O  OD1 . ASP A 1 13  ? -8.059  2.684   -3.935  1.00 29.15 ? 13  ASP A OD1 1 
ATOM   72   O  OD2 . ASP A 1 13  ? -7.425  4.627   -4.663  1.00 33.60 ? 13  ASP A OD2 1 
ATOM   73   N  N   . HIS A 1 14  ? -11.351 1.609   -8.138  1.00 19.48 ? 14  HIS A N   1 
ATOM   74   C  CA  . HIS A 1 14  ? -12.543 1.620   -8.994  1.00 19.54 ? 14  HIS A CA  1 
ATOM   75   C  C   . HIS A 1 14  ? -13.793 1.116   -8.279  1.00 19.07 ? 14  HIS A C   1 
ATOM   76   O  O   . HIS A 1 14  ? -13.698 0.306   -7.362  1.00 19.75 ? 14  HIS A O   1 
ATOM   77   C  CB  . HIS A 1 14  ? -12.250 0.779   -10.236 1.00 18.87 ? 14  HIS A CB  1 
ATOM   78   C  CG  . HIS A 1 14  ? -11.016 1.245   -10.953 1.00 20.38 ? 14  HIS A CG  1 
ATOM   79   N  ND1 . HIS A 1 14  ? -9.749  0.885   -10.552 1.00 17.10 ? 14  HIS A ND1 1 
ATOM   80   C  CD2 . HIS A 1 14  ? -10.856 2.101   -11.990 1.00 21.77 ? 14  HIS A CD2 1 
ATOM   81   C  CE1 . HIS A 1 14  ? -8.858  1.470   -11.338 1.00 18.91 ? 14  HIS A CE1 1 
ATOM   82   N  NE2 . HIS A 1 14  ? -9.508  2.226   -12.210 1.00 19.14 ? 14  HIS A NE2 1 
ATOM   83   N  N   . SER A 1 15  ? -14.947 1.554   -8.736  1.00 18.70 ? 15  SER A N   1 
ATOM   84   C  CA  . SER A 1 15  ? -16.261 1.188   -8.142  1.00 18.94 ? 15  SER A CA  1 
ATOM   85   C  C   . SER A 1 15  ? -16.829 -0.063  -8.858  1.00 19.51 ? 15  SER A C   1 
ATOM   86   O  O   . SER A 1 15  ? -17.980 -0.494  -8.638  1.00 19.71 ? 15  SER A O   1 
ATOM   87   C  CB  . SER A 1 15  ? -17.235 2.412   -8.204  1.00 18.29 ? 15  SER A CB  1 
ATOM   88   O  OG  . SER A 1 15  ? -16.898 3.326   -7.144  1.00 17.83 ? 15  SER A OG  1 
ATOM   89   N  N   . ASN A 1 16  ? -16.013 -0.652  -9.728  1.00 19.14 ? 16  ASN A N   1 
ATOM   90   C  CA  . ASN A 1 16  ? -16.438 -1.884  -10.403 1.00 19.47 ? 16  ASN A CA  1 
ATOM   91   C  C   . ASN A 1 16  ? -15.264 -2.785  -10.759 1.00 20.13 ? 16  ASN A C   1 
ATOM   92   O  O   . ASN A 1 16  ? -14.088 -2.318  -10.818 1.00 19.70 ? 16  ASN A O   1 
ATOM   93   C  CB  . ASN A 1 16  ? -17.363 -1.591  -11.612 1.00 18.29 ? 16  ASN A CB  1 
ATOM   94   C  CG  . ASN A 1 16  ? -16.691 -0.730  -12.661 1.00 20.72 ? 16  ASN A CG  1 
ATOM   95   O  OD1 . ASN A 1 16  ? -15.539 -0.927  -12.980 1.00 19.71 ? 16  ASN A OD1 1 
ATOM   96   N  ND2 . ASN A 1 16  ? -17.411 0.213   -13.195 1.00 23.77 ? 16  ASN A ND2 1 
ATOM   97   N  N   . LEU A 1 17  ? -15.587 -4.059  -11.018 1.00 19.41 ? 17  LEU A N   1 
ATOM   98   C  CA  . LEU A 1 17  ? -14.567 -5.076  -11.320 1.00 20.39 ? 17  LEU A CA  1 
ATOM   99   C  C   . LEU A 1 17  ? -13.808 -4.805  -12.645 1.00 19.50 ? 17  LEU A C   1 
ATOM   100  O  O   . LEU A 1 17  ? -12.590 -4.942  -12.723 1.00 20.20 ? 17  LEU A O   1 
ATOM   101  C  CB  . LEU A 1 17  ? -15.259 -6.454  -11.427 1.00 20.05 ? 17  LEU A CB  1 
ATOM   102  C  CG  . LEU A 1 17  ? -14.383 -7.674  -11.681 1.00 20.77 ? 17  LEU A CG  1 
ATOM   103  C  CD1 . LEU A 1 17  ? -13.400 -7.863  -10.486 1.00 20.41 ? 17  LEU A CD1 1 
ATOM   104  C  CD2 . LEU A 1 17  ? -15.263 -8.896  -11.819 1.00 22.26 ? 17  LEU A CD2 1 
ATOM   105  N  N   . LYS A 1 18  ? -14.544 -4.470  -13.693 1.00 20.19 ? 18  LYS A N   1 
ATOM   106  C  CA  . LYS A 1 18  ? -13.933 -4.244  -15.017 1.00 20.05 ? 18  LYS A CA  1 
ATOM   107  C  C   . LYS A 1 18  ? -12.923 -3.072  -14.944 1.00 20.38 ? 18  LYS A C   1 
ATOM   108  O  O   . LYS A 1 18  ? -11.850 -3.120  -15.551 1.00 21.82 ? 18  LYS A O   1 
ATOM   109  C  CB  . LYS A 1 18  ? -15.016 -4.039  -16.092 1.00 17.84 ? 18  LYS A CB  1 
ATOM   110  C  CG  . LYS A 1 18  ? -15.685 -2.650  -16.048 1.00 20.08 ? 18  LYS A CG  1 
ATOM   111  C  CD  . LYS A 1 18  ? -16.769 -2.520  -17.071 1.00 22.27 ? 18  LYS A CD  1 
ATOM   112  C  CE  . LYS A 1 18  ? -17.267 -1.074  -17.240 1.00 25.14 ? 18  LYS A CE  1 
ATOM   113  N  NZ  . LYS A 1 18  ? -18.240 -1.071  -18.359 1.00 26.37 ? 18  LYS A NZ  1 
ATOM   114  N  N   . GLY A 1 19  ? -13.211 -2.050  -14.165 1.00 20.74 ? 19  GLY A N   1 
ATOM   115  C  CA  . GLY A 1 19  ? -12.290 -0.907  -14.094 1.00 21.47 ? 19  GLY A CA  1 
ATOM   116  C  C   . GLY A 1 19  ? -11.002 -1.316  -13.433 1.00 20.95 ? 19  GLY A C   1 
ATOM   117  O  O   . GLY A 1 19  ? -9.909  -0.953  -13.908 1.00 19.78 ? 19  GLY A O   1 
ATOM   118  N  N   . ALA A 1 20  ? -11.112 -2.050  -12.311 1.00 18.68 ? 20  ALA A N   1 
ATOM   119  C  CA  . ALA A 1 20  ? -9.906  -2.500  -11.579 1.00 18.59 ? 20  ALA A CA  1 
ATOM   120  C  C   . ALA A 1 20  ? -9.039  -3.450  -12.431 1.00 19.18 ? 20  ALA A C   1 
ATOM   121  O  O   . ALA A 1 20  ? -7.810  -3.278  -12.517 1.00 18.80 ? 20  ALA A O   1 
ATOM   122  C  CB  . ALA A 1 20  ? -10.280 -3.168  -10.217 1.00 18.76 ? 20  ALA A CB  1 
ATOM   123  N  N   . ILE A 1 21  ? -9.674  -4.458  -13.042 1.00 19.55 ? 21  ILE A N   1 
ATOM   124  C  CA  . ILE A 1 21  ? -8.951  -5.432  -13.876 1.00 18.96 ? 21  ILE A CA  1 
ATOM   125  C  C   . ILE A 1 21  ? -8.298  -4.753  -15.076 1.00 19.30 ? 21  ILE A C   1 
ATOM   126  O  O   . ILE A 1 21  ? -7.132  -5.021  -15.370 1.00 19.66 ? 21  ILE A O   1 
ATOM   127  C  CB  . ILE A 1 21  ? -9.882  -6.621  -14.387 1.00 19.28 ? 21  ILE A CB  1 
ATOM   128  C  CG1 . ILE A 1 21  ? -10.435 -7.467  -13.216 1.00 21.30 ? 21  ILE A CG1 1 
ATOM   129  C  CG2 . ILE A 1 21  ? -9.113  -7.605  -15.326 1.00 19.03 ? 21  ILE A CG2 1 
ATOM   130  C  CD1 . ILE A 1 21  ? -9.385  -7.756  -12.110 1.00 27.51 ? 21  ILE A CD1 1 
ATOM   131  N  N   . THR A 1 22  ? -9.046  -3.943  -15.809 1.00 17.61 ? 22  THR A N   1 
ATOM   132  C  CA  . THR A 1 22  ? -8.477  -3.213  -16.942 1.00 19.53 ? 22  THR A CA  1 
ATOM   133  C  C   . THR A 1 22  ? -7.288  -2.327  -16.542 1.00 20.02 ? 22  THR A C   1 
ATOM   134  O  O   . THR A 1 22  ? -6.243  -2.337  -17.185 1.00 22.44 ? 22  THR A O   1 
ATOM   135  C  CB  . THR A 1 22  ? -9.565  -2.424  -17.661 1.00 19.60 ? 22  THR A CB  1 
ATOM   136  O  OG1 . THR A 1 22  ? -10.562 -3.361  -18.065 1.00 19.99 ? 22  THR A OG1 1 
ATOM   137  C  CG2 . THR A 1 22  ? -9.021  -1.639  -18.939 1.00 17.82 ? 22  THR A CG2 1 
ATOM   138  N  N   . ALA A 1 23  ? -7.410  -1.594  -15.458 1.00 20.86 ? 23  ALA A N   1 
ATOM   139  C  CA  . ALA A 1 23  ? -6.292  -0.745  -15.013 1.00 21.46 ? 23  ALA A CA  1 
ATOM   140  C  C   . ALA A 1 23  ? -5.066  -1.584  -14.639 1.00 21.91 ? 23  ALA A C   1 
ATOM   141  O  O   . ALA A 1 23  ? -3.955  -1.266  -15.081 1.00 22.28 ? 23  ALA A O   1 
ATOM   142  C  CB  . ALA A 1 23  ? -6.693  0.159   -13.916 1.00 20.49 ? 23  ALA A CB  1 
ATOM   143  N  N   . ALA A 1 24  ? -5.271  -2.659  -13.877 1.00 20.75 ? 24  ALA A N   1 
ATOM   144  C  CA  . ALA A 1 24  ? -4.197  -3.560  -13.453 1.00 22.43 ? 24  ALA A CA  1 
ATOM   145  C  C   . ALA A 1 24  ? -3.407  -4.134  -14.598 1.00 23.80 ? 24  ALA A C   1 
ATOM   146  O  O   . ALA A 1 24  ? -2.168  -4.062  -14.601 1.00 24.07 ? 24  ALA A O   1 
ATOM   147  C  CB  . ALA A 1 24  ? -4.768  -4.742  -12.557 1.00 21.95 ? 24  ALA A CB  1 
ATOM   148  N  N   . VAL A 1 25  ? -4.126  -4.700  -15.587 1.00 23.94 ? 25  VAL A N   1 
ATOM   149  C  CA  . VAL A 1 25  ? -3.515  -5.214  -16.795 1.00 24.72 ? 25  VAL A CA  1 
ATOM   150  C  C   . VAL A 1 25  ? -2.778  -4.122  -17.576 1.00 25.92 ? 25  VAL A C   1 
ATOM   151  O  O   . VAL A 1 25  ? -1.697  -4.380  -18.129 1.00 25.51 ? 25  VAL A O   1 
ATOM   152  C  CB  . VAL A 1 25  ? -4.576  -5.923  -17.686 1.00 24.81 ? 25  VAL A CB  1 
ATOM   153  C  CG1 . VAL A 1 25  ? -4.006  -6.298  -19.066 1.00 25.17 ? 25  VAL A CG1 1 
ATOM   154  C  CG2 . VAL A 1 25  ? -5.087  -7.164  -16.999 1.00 21.60 ? 25  VAL A CG2 1 
ATOM   155  N  N   . SER A 1 26  ? -3.355  -2.921  -17.642 1.00 26.14 ? 26  SER A N   1 
ATOM   156  C  CA  . SER A 1 26  ? -2.729  -1.830  -18.406 1.00 27.29 ? 26  SER A CA  1 
ATOM   157  C  C   . SER A 1 26  ? -1.341  -1.394  -17.862 1.00 27.17 ? 26  SER A C   1 
ATOM   158  O  O   . SER A 1 26  ? -0.466  -0.941  -18.637 1.00 28.58 ? 26  SER A O   1 
ATOM   159  C  CB  . SER A 1 26  ? -3.697  -0.641  -18.546 1.00 26.50 ? 26  SER A CB  1 
ATOM   160  O  OG  . SER A 1 26  ? -3.731  0.204   -17.370 1.00 30.95 ? 26  SER A OG  1 
ATOM   161  N  N   . VAL A 1 27  ? -1.134  -1.500  -16.551 1.00 26.00 ? 27  VAL A N   1 
ATOM   162  C  CA  . VAL A 1 27  ? 0.088   -0.995  -15.925 1.00 25.80 ? 27  VAL A CA  1 
ATOM   163  C  C   . VAL A 1 27  ? 0.931   -2.069  -15.232 1.00 26.27 ? 27  VAL A C   1 
ATOM   164  O  O   . VAL A 1 27  ? 1.993   -1.766  -14.708 1.00 26.23 ? 27  VAL A O   1 
ATOM   165  C  CB  . VAL A 1 27  ? -0.179  0.194   -14.897 1.00 25.84 ? 27  VAL A CB  1 
ATOM   166  C  CG1 . VAL A 1 27  ? -0.904  1.384   -15.560 1.00 25.65 ? 27  VAL A CG1 1 
ATOM   167  C  CG2 . VAL A 1 27  ? -0.965  -0.273  -13.650 1.00 23.70 ? 27  VAL A CG2 1 
ATOM   168  N  N   . GLY A 1 28  ? 0.434   -3.298  -15.185 1.00 26.68 ? 28  GLY A N   1 
ATOM   169  C  CA  . GLY A 1 28  ? 0.956   -4.329  -14.283 1.00 28.78 ? 28  GLY A CA  1 
ATOM   170  C  C   . GLY A 1 28  ? 2.446   -4.634  -14.427 1.00 30.12 ? 28  GLY A C   1 
ATOM   171  O  O   . GLY A 1 28  ? 3.176   -4.718  -13.428 1.00 30.48 ? 28  GLY A O   1 
ATOM   172  N  N   . ASN A 1 29  ? 2.885   -4.765  -15.669 1.00 29.43 ? 29  ASN A N   1 
ATOM   173  C  CA  . ASN A 1 29  ? 4.290   -5.037  -15.956 1.00 31.20 ? 29  ASN A CA  1 
ATOM   174  C  C   . ASN A 1 29  ? 5.263   -3.912  -15.586 1.00 30.07 ? 29  ASN A C   1 
ATOM   175  O  O   . ASN A 1 29  ? 6.457   -4.158  -15.498 1.00 30.85 ? 29  ASN A O   1 
ATOM   176  C  CB  . ASN A 1 29  ? 4.453   -5.474  -17.402 1.00 31.41 ? 29  ASN A CB  1 
ATOM   177  C  CG  . ASN A 1 29  ? 4.009   -6.969  -17.641 1.00 37.35 ? 29  ASN A CG  1 
ATOM   178  O  OD1 . ASN A 1 29  ? 3.216   -7.559  -16.889 1.00 40.32 ? 29  ASN A OD1 1 
ATOM   179  N  ND2 . ASN A 1 29  ? 4.552   -7.568  -18.711 1.00 42.92 ? 29  ASN A ND2 1 
ATOM   180  N  N   . GLU A 1 30  ? 4.742   -2.704  -15.324 1.00 28.95 ? 30  GLU A N   1 
ATOM   181  C  CA  . GLU A 1 30  ? 5.538   -1.498  -15.041 1.00 27.79 ? 30  GLU A CA  1 
ATOM   182  C  C   . GLU A 1 30  ? 5.622   -1.111  -13.573 1.00 26.70 ? 30  GLU A C   1 
ATOM   183  O  O   . GLU A 1 30  ? 6.278   -0.128  -13.258 1.00 25.89 ? 30  GLU A O   1 
ATOM   184  C  CB  . GLU A 1 30  ? 4.959   -0.289  -15.795 1.00 28.06 ? 30  GLU A CB  1 
ATOM   185  C  CG  . GLU A 1 30  ? 4.901   -0.423  -17.304 1.00 30.13 ? 30  GLU A CG  1 
ATOM   186  C  CD  . GLU A 1 30  ? 6.293   -0.599  -17.921 1.00 34.35 ? 30  GLU A CD  1 
ATOM   187  O  OE1 . GLU A 1 30  ? 7.312   -0.290  -17.234 1.00 32.10 ? 30  GLU A OE1 1 
ATOM   188  O  OE2 . GLU A 1 30  ? 6.363   -1.074  -19.079 1.00 35.10 ? 30  GLU A OE2 1 
ATOM   189  N  N   . VAL A 1 31  ? 4.904   -1.838  -12.702 1.00 24.63 ? 31  VAL A N   1 
ATOM   190  C  CA  . VAL A 1 31  ? 4.800   -1.519  -11.301 1.00 22.83 ? 31  VAL A CA  1 
ATOM   191  C  C   . VAL A 1 31  ? 5.289   -2.664  -10.465 1.00 22.01 ? 31  VAL A C   1 
ATOM   192  O  O   . VAL A 1 31  ? 5.377   -3.780  -10.907 1.00 23.44 ? 31  VAL A O   1 
ATOM   193  C  CB  . VAL A 1 31  ? 3.305   -1.153  -10.839 1.00 23.81 ? 31  VAL A CB  1 
ATOM   194  C  CG1 . VAL A 1 31  ? 2.757   0.043   -11.630 1.00 23.76 ? 31  VAL A CG1 1 
ATOM   195  C  CG2 . VAL A 1 31  ? 2.383   -2.375  -10.931 1.00 18.46 ? 31  VAL A CG2 1 
ATOM   196  N  N   . ASP A 1 32  ? 5.574   -2.367  -9.220  1.00 21.87 ? 32  ASP A N   1 
ATOM   197  C  CA  . ASP A 1 32  ? 6.086   -3.342  -8.300  1.00 21.27 ? 32  ASP A CA  1 
ATOM   198  C  C   . ASP A 1 32  ? 4.954   -3.969  -7.451  1.00 21.00 ? 32  ASP A C   1 
ATOM   199  O  O   . ASP A 1 32  ? 5.064   -5.119  -7.012  1.00 19.75 ? 32  ASP A O   1 
ATOM   200  C  CB  . ASP A 1 32  ? 7.143   -2.677  -7.395  1.00 20.60 ? 32  ASP A CB  1 
ATOM   201  C  CG  . ASP A 1 32  ? 8.305   -2.113  -8.186  1.00 25.07 ? 32  ASP A CG  1 
ATOM   202  O  OD1 . ASP A 1 32  ? 8.988   -2.923  -8.848  1.00 27.05 ? 32  ASP A OD1 1 
ATOM   203  O  OD2 . ASP A 1 32  ? 8.484   -0.875  -8.177  1.00 26.08 ? 32  ASP A OD2 1 
ATOM   204  N  N   . VAL A 1 33  ? 3.877   -3.229  -7.242  1.00 20.60 ? 33  VAL A N   1 
ATOM   205  C  CA  . VAL A 1 33  ? 2.868   -3.658  -6.258  1.00 20.09 ? 33  VAL A CA  1 
ATOM   206  C  C   . VAL A 1 33  ? 1.573   -3.281  -6.867  1.00 20.95 ? 33  VAL A C   1 
ATOM   207  O  O   . VAL A 1 33  ? 1.450   -2.174  -7.434  1.00 19.34 ? 33  VAL A O   1 
ATOM   208  C  CB  . VAL A 1 33  ? 2.979   -2.919  -4.892  1.00 21.03 ? 33  VAL A CB  1 
ATOM   209  C  CG1 . VAL A 1 33  ? 1.923   -3.404  -3.907  1.00 19.05 ? 33  VAL A CG1 1 
ATOM   210  C  CG2 . VAL A 1 33  ? 4.391   -3.031  -4.259  1.00 23.36 ? 33  VAL A CG2 1 
ATOM   211  N  N   . ILE A 1 34  ? 0.614   -4.219  -6.797  1.00 20.93 ? 34  ILE A N   1 
ATOM   212  C  CA  . ILE A 1 34  ? -0.727  -3.993  -7.302  1.00 20.99 ? 34  ILE A CA  1 
ATOM   213  C  C   . ILE A 1 34  ? -1.690  -4.058  -6.112  1.00 20.36 ? 34  ILE A C   1 
ATOM   214  O  O   . ILE A 1 34  ? -1.686  -5.027  -5.341  1.00 18.48 ? 34  ILE A O   1 
ATOM   215  C  CB  . ILE A 1 34  ? -1.102  -4.995  -8.411  1.00 22.74 ? 34  ILE A CB  1 
ATOM   216  C  CG1 . ILE A 1 34  ? -0.116  -4.841  -9.620  1.00 24.17 ? 34  ILE A CG1 1 
ATOM   217  C  CG2 . ILE A 1 34  ? -2.572  -4.817  -8.843  1.00 25.28 ? 34  ILE A CG2 1 
ATOM   218  C  CD1 . ILE A 1 34  ? -0.400  -5.739  -10.820 1.00 22.41 ? 34  ILE A CD1 1 
ATOM   219  N  N   . GLU A 1 35  ? -2.504  -3.017  -5.941  1.00 19.53 ? 35  GLU A N   1 
ATOM   220  C  CA  . GLU A 1 35  ? -3.364  -2.966  -4.746  1.00 19.66 ? 35  GLU A CA  1 
ATOM   221  C  C   . GLU A 1 35  ? -4.833  -2.957  -5.093  1.00 19.43 ? 35  GLU A C   1 
ATOM   222  O  O   . GLU A 1 35  ? -5.265  -2.075  -5.841  1.00 19.72 ? 35  GLU A O   1 
ATOM   223  C  CB  . GLU A 1 35  ? -3.030  -1.690  -3.966  1.00 19.46 ? 35  GLU A CB  1 
ATOM   224  C  CG  . GLU A 1 35  ? -4.083  -1.316  -2.966  1.00 20.29 ? 35  GLU A CG  1 
ATOM   225  C  CD  . GLU A 1 35  ? -4.032  0.137   -2.514  1.00 23.91 ? 35  GLU A CD  1 
ATOM   226  O  OE1 . GLU A 1 35  ? -3.020  0.873   -2.789  1.00 23.01 ? 35  GLU A OE1 1 
ATOM   227  O  OE2 . GLU A 1 35  ? -5.030  0.554   -1.883  1.00 22.25 ? 35  GLU A OE2 1 
ATOM   228  N  N   . ALA A 1 36  ? -5.618  -3.880  -4.522  1.00 19.59 ? 36  ALA A N   1 
ATOM   229  C  CA  . ALA A 1 36  ? -7.097  -3.721  -4.501  1.00 18.99 ? 36  ALA A CA  1 
ATOM   230  C  C   . ALA A 1 36  ? -7.506  -2.714  -3.444  1.00 18.86 ? 36  ALA A C   1 
ATOM   231  O  O   . ALA A 1 36  ? -7.447  -3.038  -2.228  1.00 16.22 ? 36  ALA A O   1 
ATOM   232  C  CB  . ALA A 1 36  ? -7.818  -5.041  -4.207  1.00 19.50 ? 36  ALA A CB  1 
ATOM   233  N  N   . GLY A 1 37  ? -7.971  -1.533  -3.898  1.00 16.50 ? 37  GLY A N   1 
ATOM   234  C  CA  . GLY A 1 37  ? -8.239  -0.451  -2.969  1.00 17.03 ? 37  GLY A CA  1 
ATOM   235  C  C   . GLY A 1 37  ? -9.571  -0.697  -2.241  1.00 17.37 ? 37  GLY A C   1 
ATOM   236  O  O   . GLY A 1 37  ? -10.395 -1.512  -2.708  1.00 17.08 ? 37  GLY A O   1 
ATOM   237  N  N   . THR A 1 38  ? -9.755  -0.053  -1.088  1.00 17.27 ? 38  THR A N   1 
ATOM   238  C  CA  . THR A 1 38  ? -10.909 -0.351  -0.202  1.00 17.90 ? 38  THR A CA  1 
ATOM   239  C  C   . THR A 1 38  ? -12.229 -0.069  -0.918  1.00 19.80 ? 38  THR A C   1 
ATOM   240  O  O   . THR A 1 38  ? -13.244 -0.790  -0.733  1.00 18.48 ? 38  THR A O   1 
ATOM   241  C  CB  . THR A 1 38  ? -10.897 0.555   1.060   1.00 18.37 ? 38  THR A CB  1 
ATOM   242  O  OG1 . THR A 1 38  ? -9.577  0.666   1.566   1.00 19.99 ? 38  THR A OG1 1 
ATOM   243  C  CG2 . THR A 1 38  ? -11.841 0.039   2.253   1.00 17.38 ? 38  THR A CG2 1 
ATOM   244  N  N   . VAL A 1 39  ? -12.249 1.031   -1.692  1.00 18.47 ? 39  VAL A N   1 
ATOM   245  C  CA  . VAL A 1 39  ? -13.473 1.383   -2.456  1.00 18.67 ? 39  VAL A CA  1 
ATOM   246  C  C   . VAL A 1 39  ? -13.894 0.228   -3.374  1.00 18.63 ? 39  VAL A C   1 
ATOM   247  O  O   . VAL A 1 39  ? -15.092 -0.136  -3.444  1.00 16.33 ? 39  VAL A O   1 
ATOM   248  C  CB  . VAL A 1 39  ? -13.259 2.665   -3.308  1.00 19.59 ? 39  VAL A CB  1 
ATOM   249  C  CG1 . VAL A 1 39  ? -14.430 2.914   -4.207  1.00 19.45 ? 39  VAL A CG1 1 
ATOM   250  C  CG2 . VAL A 1 39  ? -13.099 3.842   -2.380  1.00 21.26 ? 39  VAL A CG2 1 
ATOM   251  N  N   . CYS A 1 40  ? -12.905 -0.375  -4.037  1.00 17.52 ? 40  CYS A N   1 
ATOM   252  C  CA  . CYS A 1 40  ? -13.150 -1.469  -4.968  1.00 17.56 ? 40  CYS A CA  1 
ATOM   253  C  C   . CYS A 1 40  ? -13.583 -2.763  -4.204  1.00 17.74 ? 40  CYS A C   1 
ATOM   254  O  O   . CYS A 1 40  ? -14.572 -3.340  -4.529  1.00 18.60 ? 40  CYS A O   1 
ATOM   255  C  CB  . CYS A 1 40  ? -11.903 -1.709  -5.872  1.00 16.98 ? 40  CYS A CB  1 
ATOM   256  S  SG  . CYS A 1 40  ? -12.376 -2.739  -7.284  1.00 20.65 ? 40  CYS A SG  1 
ATOM   257  N  N   . LEU A 1 41  ? -12.851 -3.166  -3.173  1.00 18.22 ? 41  LEU A N   1 
ATOM   258  C  CA  . LEU A 1 41  ? -13.220 -4.350  -2.330  1.00 18.68 ? 41  LEU A CA  1 
ATOM   259  C  C   . LEU A 1 41  ? -14.635 -4.295  -1.713  1.00 18.54 ? 41  LEU A C   1 
ATOM   260  O  O   . LEU A 1 41  ? -15.372 -5.277  -1.724  1.00 18.12 ? 41  LEU A O   1 
ATOM   261  C  CB  . LEU A 1 41  ? -12.156 -4.522  -1.228  1.00 19.09 ? 41  LEU A CB  1 
ATOM   262  C  CG  . LEU A 1 41  ? -10.720 -4.889  -1.673  1.00 21.76 ? 41  LEU A CG  1 
ATOM   263  C  CD1 . LEU A 1 41  ? -9.750  -4.973  -0.491  1.00 17.89 ? 41  LEU A CD1 1 
ATOM   264  C  CD2 . LEU A 1 41  ? -10.737 -6.284  -2.393  1.00 19.04 ? 41  LEU A CD2 1 
ATOM   265  N  N   . LEU A 1 42  ? -15.040 -3.118  -1.244  1.00 18.53 ? 42  LEU A N   1 
ATOM   266  C  CA  . LEU A 1 42  ? -16.410 -2.931  -0.701  1.00 18.20 ? 42  LEU A CA  1 
ATOM   267  C  C   . LEU A 1 42  ? -17.476 -3.100  -1.787  1.00 18.50 ? 42  LEU A C   1 
ATOM   268  O  O   . LEU A 1 42  ? -18.632 -3.458  -1.511  1.00 17.82 ? 42  LEU A O   1 
ATOM   269  C  CB  . LEU A 1 42  ? -16.538 -1.558  0.005   1.00 18.10 ? 42  LEU A CB  1 
ATOM   270  C  CG  . LEU A 1 42  ? -15.735 -1.422  1.303   1.00 18.06 ? 42  LEU A CG  1 
ATOM   271  C  CD1 . LEU A 1 42  ? -15.638 0.049   1.782   1.00 18.34 ? 42  LEU A CD1 1 
ATOM   272  C  CD2 . LEU A 1 42  ? -16.273 -2.427  2.456   1.00 14.44 ? 42  LEU A CD2 1 
ATOM   273  N  N   . GLN A 1 43  ? -17.092 -2.810  -3.024  1.00 16.42 ? 43  GLN A N   1 
ATOM   274  C  CA  . GLN A 1 43  ? -17.972 -2.991  -4.157  1.00 16.69 ? 43  GLN A CA  1 
ATOM   275  C  C   . GLN A 1 43  ? -18.043 -4.423  -4.663  1.00 16.16 ? 43  GLN A C   1 
ATOM   276  O  O   . GLN A 1 43  ? -19.114 -4.905  -5.028  1.00 17.17 ? 43  GLN A O   1 
ATOM   277  C  CB  . GLN A 1 43  ? -17.551 -2.085  -5.342  1.00 16.29 ? 43  GLN A CB  1 
ATOM   278  C  CG  . GLN A 1 43  ? -18.090 -0.646  -5.274  1.00 16.48 ? 43  GLN A CG  1 
ATOM   279  C  CD  . GLN A 1 43  ? -19.620 -0.536  -5.312  1.00 14.93 ? 43  GLN A CD  1 
ATOM   280  O  OE1 . GLN A 1 43  ? -20.300 -0.738  -4.306  1.00 19.16 ? 43  GLN A OE1 1 
ATOM   281  N  NE2 . GLN A 1 43  ? -20.157 -0.138  -6.451  1.00 16.66 ? 43  GLN A NE2 1 
ATOM   282  N  N   . VAL A 1 44  ? -16.879 -5.071  -4.782  1.00 17.82 ? 44  VAL A N   1 
ATOM   283  C  CA  . VAL A 1 44  ? -16.802 -6.330  -5.554  1.00 17.76 ? 44  VAL A CA  1 
ATOM   284  C  C   . VAL A 1 44  ? -16.398 -7.524  -4.713  1.00 15.92 ? 44  VAL A C   1 
ATOM   285  O  O   . VAL A 1 44  ? -16.554 -8.656  -5.165  1.00 14.90 ? 44  VAL A O   1 
ATOM   286  C  CB  . VAL A 1 44  ? -15.830 -6.205  -6.818  1.00 18.87 ? 44  VAL A CB  1 
ATOM   287  C  CG1 . VAL A 1 44  ? -16.071 -4.883  -7.575  1.00 20.70 ? 44  VAL A CG1 1 
ATOM   288  C  CG2 . VAL A 1 44  ? -14.448 -6.242  -6.446  1.00 18.70 ? 44  VAL A CG2 1 
ATOM   289  N  N   . GLY A 1 45  ? -15.877 -7.277  -3.501  1.00 13.82 ? 45  GLY A N   1 
ATOM   290  C  CA  . GLY A 1 45  ? -15.476 -8.413  -2.644  1.00 15.53 ? 45  GLY A CA  1 
ATOM   291  C  C   . GLY A 1 45  ? -14.091 -8.947  -2.959  1.00 16.55 ? 45  GLY A C   1 
ATOM   292  O  O   . GLY A 1 45  ? -13.393 -8.407  -3.824  1.00 17.41 ? 45  GLY A O   1 
ATOM   293  N  N   . SER A 1 46  ? -13.673 -10.010 -2.257  1.00 16.79 ? 46  SER A N   1 
ATOM   294  C  CA  . SER A 1 46  ? -12.280 -10.449 -2.303  1.00 16.30 ? 46  SER A CA  1 
ATOM   295  C  C   . SER A 1 46  ? -11.968 -11.309 -3.529  1.00 17.35 ? 46  SER A C   1 
ATOM   296  O  O   . SER A 1 46  ? -10.792 -11.656 -3.711  1.00 17.97 ? 46  SER A O   1 
ATOM   297  C  CB  . SER A 1 46  ? -11.915 -11.202 -0.979  1.00 16.58 ? 46  SER A CB  1 
ATOM   298  O  OG  . SER A 1 46  ? -12.782 -12.327 -0.847  1.00 19.12 ? 46  SER A OG  1 
ATOM   299  N  N   . GLU A 1 47  ? -12.944 -11.641 -4.398  1.00 17.03 ? 47  GLU A N   1 
ATOM   300  C  CA  . GLU A 1 47  ? -12.575 -12.431 -5.584  1.00 18.63 ? 47  GLU A CA  1 
ATOM   301  C  C   . GLU A 1 47  ? -11.598 -11.661 -6.478  1.00 20.27 ? 47  GLU A C   1 
ATOM   302  O  O   . GLU A 1 47  ? -10.770 -12.278 -7.192  1.00 21.14 ? 47  GLU A O   1 
ATOM   303  C  CB  . GLU A 1 47  ? -13.772 -12.911 -6.395  1.00 19.04 ? 47  GLU A CB  1 
ATOM   304  C  CG  . GLU A 1 47  ? -13.347 -14.091 -7.284  1.00 21.26 ? 47  GLU A CG  1 
ATOM   305  C  CD  . GLU A 1 47  ? -14.470 -14.662 -8.129  1.00 27.05 ? 47  GLU A CD  1 
ATOM   306  O  OE1 . GLU A 1 47  ? -15.538 -14.014 -8.281  1.00 29.12 ? 47  GLU A OE1 1 
ATOM   307  O  OE2 . GLU A 1 47  ? -14.261 -15.771 -8.681  1.00 28.26 ? 47  GLU A OE2 1 
ATOM   308  N  N   . LEU A 1 48  ? -11.658 -10.325 -6.407  1.00 20.76 ? 48  LEU A N   1 
ATOM   309  C  CA  . LEU A 1 48  ? -10.684 -9.465  -7.136  1.00 21.81 ? 48  LEU A CA  1 
ATOM   310  C  C   . LEU A 1 48  ? -9.226  -9.814  -6.820  1.00 21.68 ? 48  LEU A C   1 
ATOM   311  O  O   . LEU A 1 48  ? -8.356  -9.828  -7.701  1.00 21.26 ? 48  LEU A O   1 
ATOM   312  C  CB  . LEU A 1 48  ? -10.928 -8.008  -6.769  1.00 22.13 ? 48  LEU A CB  1 
ATOM   313  C  CG  . LEU A 1 48  ? -9.924  -6.999  -7.358  1.00 24.31 ? 48  LEU A CG  1 
ATOM   314  C  CD1 . LEU A 1 48  ? -9.904  -7.159  -8.853  1.00 21.76 ? 48  LEU A CD1 1 
ATOM   315  C  CD2 . LEU A 1 48  ? -10.362 -5.645  -6.964  1.00 26.84 ? 48  LEU A CD2 1 
ATOM   316  N  N   . VAL A 1 49  ? -8.971  -10.105 -5.547  1.00 21.48 ? 49  VAL A N   1 
ATOM   317  C  CA  . VAL A 1 49  ? -7.633  -10.403 -5.063  1.00 21.25 ? 49  VAL A CA  1 
ATOM   318  C  C   . VAL A 1 49  ? -7.090  -11.654 -5.786  1.00 21.91 ? 49  VAL A C   1 
ATOM   319  O  O   . VAL A 1 49  ? -5.919  -11.671 -6.248  1.00 22.24 ? 49  VAL A O   1 
ATOM   320  C  CB  . VAL A 1 49  ? -7.616  -10.524 -3.491  1.00 21.30 ? 49  VAL A CB  1 
ATOM   321  C  CG1 . VAL A 1 49  ? -6.245  -10.978 -2.963  1.00 19.66 ? 49  VAL A CG1 1 
ATOM   322  C  CG2 . VAL A 1 49  ? -7.932  -9.190  -2.853  1.00 19.42 ? 49  VAL A CG2 1 
ATOM   323  N  N   . GLU A 1 50  ? -7.958  -12.667 -5.883  1.00 21.01 ? 50  GLU A N   1 
ATOM   324  C  CA  . GLU A 1 50  ? -7.641  -13.939 -6.511  1.00 23.45 ? 50  GLU A CA  1 
ATOM   325  C  C   . GLU A 1 50  ? -7.432  -13.776 -8.015  1.00 21.65 ? 50  GLU A C   1 
ATOM   326  O  O   . GLU A 1 50  ? -6.527  -14.405 -8.618  1.00 21.39 ? 50  GLU A O   1 
ATOM   327  C  CB  . GLU A 1 50  ? -8.779  -14.963 -6.229  1.00 24.00 ? 50  GLU A CB  1 
ATOM   328  C  CG  . GLU A 1 50  ? -8.315  -16.363 -6.500  1.00 28.45 ? 50  GLU A CG  1 
ATOM   329  C  CD  . GLU A 1 50  ? -9.257  -17.451 -5.999  1.00 28.45 ? 50  GLU A CD  1 
ATOM   330  O  OE1 . GLU A 1 50  ? -10.176 -17.171 -5.226  1.00 32.24 ? 50  GLU A OE1 1 
ATOM   331  O  OE2 . GLU A 1 50  ? -9.046  -18.611 -6.375  1.00 35.29 ? 50  GLU A OE2 1 
ATOM   332  N  N   . VAL A 1 51  ? -8.239  -12.910 -8.624  1.00 20.24 ? 51  VAL A N   1 
ATOM   333  C  CA  . VAL A 1 51  ? -8.053  -12.614 -10.060 1.00 19.90 ? 51  VAL A CA  1 
ATOM   334  C  C   . VAL A 1 51  ? -6.682  -11.932 -10.259 1.00 19.05 ? 51  VAL A C   1 
ATOM   335  O  O   . VAL A 1 51  ? -5.935  -12.283 -11.186 1.00 18.12 ? 51  VAL A O   1 
ATOM   336  C  CB  . VAL A 1 51  ? -9.220  -11.730 -10.661 1.00 21.18 ? 51  VAL A CB  1 
ATOM   337  C  CG1 . VAL A 1 51  ? -8.952  -11.417 -12.141 1.00 20.74 ? 51  VAL A CG1 1 
ATOM   338  C  CG2 . VAL A 1 51  ? -10.555 -12.432 -10.535 1.00 19.17 ? 51  VAL A CG2 1 
ATOM   339  N  N   . LEU A 1 52  ? -6.339  -10.974 -9.387  1.00 18.06 ? 52  LEU A N   1 
ATOM   340  C  CA  . LEU A 1 52  ? -5.067  -10.262 -9.492  1.00 18.75 ? 52  LEU A CA  1 
ATOM   341  C  C   . LEU A 1 52  ? -3.865  -11.193 -9.269  1.00 19.45 ? 52  LEU A C   1 
ATOM   342  O  O   . LEU A 1 52  ? -2.862  -11.120 -9.999  1.00 19.54 ? 52  LEU A O   1 
ATOM   343  C  CB  . LEU A 1 52  ? -5.049  -9.080  -8.511  1.00 20.14 ? 52  LEU A CB  1 
ATOM   344  C  CG  . LEU A 1 52  ? -5.974  -7.872  -8.801  1.00 20.42 ? 52  LEU A CG  1 
ATOM   345  C  CD1 . LEU A 1 52  ? -5.991  -6.825  -7.647  1.00 18.06 ? 52  LEU A CD1 1 
ATOM   346  C  CD2 . LEU A 1 52  ? -5.573  -7.215  -10.157 1.00 22.37 ? 52  LEU A CD2 1 
ATOM   347  N  N   . ARG A 1 53  ? -3.993  -12.098 -8.299  1.00 19.55 ? 53  ARG A N   1 
ATOM   348  C  CA  . ARG A 1 53  ? -2.941  -13.105 -8.033  1.00 21.67 ? 53  ARG A CA  1 
ATOM   349  C  C   . ARG A 1 53  ? -2.711  -13.998 -9.233  1.00 22.14 ? 53  ARG A C   1 
ATOM   350  O  O   . ARG A 1 53  ? -1.571  -14.298 -9.588  1.00 23.73 ? 53  ARG A O   1 
ATOM   351  C  CB  . ARG A 1 53  ? -3.323  -13.958 -6.794  1.00 20.66 ? 53  ARG A CB  1 
ATOM   352  C  CG  . ARG A 1 53  ? -2.341  -15.115 -6.461  1.00 22.83 ? 53  ARG A CG  1 
ATOM   353  C  CD  . ARG A 1 53  ? -0.884  -14.589 -6.493  1.00 20.10 ? 53  ARG A CD  1 
ATOM   354  N  NE  . ARG A 1 53  ? -0.568  -13.788 -5.323  1.00 22.98 ? 53  ARG A NE  1 
ATOM   355  C  CZ  . ARG A 1 53  ? 0.427   -12.903 -5.211  1.00 20.40 ? 53  ARG A CZ  1 
ATOM   356  N  NH1 . ARG A 1 53  ? 1.206   -12.582 -6.245  1.00 23.95 ? 53  ARG A NH1 1 
ATOM   357  N  NH2 . ARG A 1 53  ? 0.592   -12.267 -4.053  1.00 21.51 ? 53  ARG A NH2 1 
ATOM   358  N  N   . SER A 1 54  ? -3.795  -14.467 -9.845  1.00 21.76 ? 54  SER A N   1 
ATOM   359  C  CA  . SER A 1 54  ? -3.686  -15.290 -11.047 1.00 21.99 ? 54  SER A CA  1 
ATOM   360  C  C   . SER A 1 54  ? -3.013  -14.538 -12.227 1.00 21.86 ? 54  SER A C   1 
ATOM   361  O  O   . SER A 1 54  ? -2.195  -15.104 -12.919 1.00 22.30 ? 54  SER A O   1 
ATOM   362  C  CB  . SER A 1 54  ? -5.083  -15.798 -11.422 1.00 22.04 ? 54  SER A CB  1 
ATOM   363  O  OG  . SER A 1 54  ? -5.059  -16.587 -12.616 1.00 26.63 ? 54  SER A OG  1 
ATOM   364  N  N   . LEU A 1 55  ? -3.369  -13.273 -12.459 1.00 21.39 ? 55  LEU A N   1 
ATOM   365  C  CA  . LEU A 1 55  ? -2.771  -12.445 -13.532 1.00 22.41 ? 55  LEU A CA  1 
ATOM   366  C  C   . LEU A 1 55  ? -1.303  -12.083 -13.296 1.00 23.36 ? 55  LEU A C   1 
ATOM   367  O  O   . LEU A 1 55  ? -0.520  -11.905 -14.265 1.00 21.77 ? 55  LEU A O   1 
ATOM   368  C  CB  . LEU A 1 55  ? -3.550  -11.117 -13.651 1.00 22.68 ? 55  LEU A CB  1 
ATOM   369  C  CG  . LEU A 1 55  ? -4.931  -11.153 -14.323 1.00 22.45 ? 55  LEU A CG  1 
ATOM   370  C  CD1 . LEU A 1 55  ? -5.682  -9.822  -14.015 1.00 21.87 ? 55  LEU A CD1 1 
ATOM   371  C  CD2 . LEU A 1 55  ? -4.816  -11.410 -15.836 1.00 18.50 ? 55  LEU A CD2 1 
ATOM   372  N  N   . PHE A 1 56  ? -0.957  -11.918 -12.009 1.00 23.19 ? 56  PHE A N   1 
ATOM   373  C  CA  . PHE A 1 56  ? 0.381   -11.504 -11.570 1.00 25.13 ? 56  PHE A CA  1 
ATOM   374  C  C   . PHE A 1 56  ? 0.944   -12.455 -10.490 1.00 26.04 ? 56  PHE A C   1 
ATOM   375  O  O   . PHE A 1 56  ? 0.993   -12.093 -9.319  1.00 25.63 ? 56  PHE A O   1 
ATOM   376  C  CB  . PHE A 1 56  ? 0.285   -10.055 -11.086 1.00 24.47 ? 56  PHE A CB  1 
ATOM   377  C  CG  . PHE A 1 56  ? -0.250  -9.119  -12.146 1.00 25.89 ? 56  PHE A CG  1 
ATOM   378  C  CD1 . PHE A 1 56  ? 0.594   -8.697  -13.207 1.00 29.00 ? 56  PHE A CD1 1 
ATOM   379  C  CD2 . PHE A 1 56  ? -1.562  -8.644  -12.096 1.00 26.59 ? 56  PHE A CD2 1 
ATOM   380  C  CE1 . PHE A 1 56  ? 0.094   -7.872  -14.206 1.00 29.12 ? 56  PHE A CE1 1 
ATOM   381  C  CE2 . PHE A 1 56  ? -2.063  -7.801  -13.106 1.00 27.48 ? 56  PHE A CE2 1 
ATOM   382  C  CZ  . PHE A 1 56  ? -1.227  -7.443  -14.166 1.00 26.31 ? 56  PHE A CZ  1 
ATOM   383  N  N   . PRO A 1 57  ? 1.367   -13.690 -10.886 1.00 27.76 ? 57  PRO A N   1 
ATOM   384  C  CA  . PRO A 1 57  ? 1.819   -14.696 -9.919  1.00 28.50 ? 57  PRO A CA  1 
ATOM   385  C  C   . PRO A 1 57  ? 2.967   -14.275 -8.975  1.00 29.61 ? 57  PRO A C   1 
ATOM   386  O  O   . PRO A 1 57  ? 3.035   -14.768 -7.841  1.00 30.38 ? 57  PRO A O   1 
ATOM   387  C  CB  . PRO A 1 57  ? 2.254   -15.862 -10.798 1.00 28.75 ? 57  PRO A CB  1 
ATOM   388  C  CG  . PRO A 1 57  ? 2.422   -15.291 -12.125 1.00 29.98 ? 57  PRO A CG  1 
ATOM   389  C  CD  . PRO A 1 57  ? 1.438   -14.211 -12.261 1.00 27.38 ? 57  PRO A CD  1 
ATOM   390  N  N   . ASP A 1 58  ? 3.843   -13.390 -9.435  1.00 30.67 ? 58  ASP A N   1 
ATOM   391  C  CA  . ASP A 1 58  ? 5.058   -13.024 -8.686  1.00 32.52 ? 58  ASP A CA  1 
ATOM   392  C  C   . ASP A 1 58  ? 5.077   -11.618 -8.104  1.00 32.38 ? 58  ASP A C   1 
ATOM   393  O  O   . ASP A 1 58  ? 6.058   -11.246 -7.441  1.00 32.87 ? 58  ASP A O   1 
ATOM   394  C  CB  . ASP A 1 58  ? 6.303   -13.253 -9.558  1.00 33.29 ? 58  ASP A CB  1 
ATOM   395  C  CG  . ASP A 1 58  ? 6.407   -14.686 -10.005 1.00 36.24 ? 58  ASP A CG  1 
ATOM   396  O  OD1 . ASP A 1 58  ? 6.231   -15.567 -9.120  1.00 37.84 ? 58  ASP A OD1 1 
ATOM   397  O  OD2 . ASP A 1 58  ? 6.603   -14.931 -11.228 1.00 40.33 ? 58  ASP A OD2 1 
ATOM   398  N  N   . LYS A 1 59  ? 4.004   -10.854 -8.339  1.00 30.67 ? 59  LYS A N   1 
ATOM   399  C  CA  . LYS A 1 59  ? 3.913   -9.458  -7.935  1.00 29.50 ? 59  LYS A CA  1 
ATOM   400  C  C   . LYS A 1 59  ? 3.465   -9.404  -6.474  1.00 27.39 ? 59  LYS A C   1 
ATOM   401  O  O   . LYS A 1 59  ? 2.779   -10.293 -5.992  1.00 26.59 ? 59  LYS A O   1 
ATOM   402  C  CB  . LYS A 1 59  ? 2.834   -8.800  -8.797  1.00 30.72 ? 59  LYS A CB  1 
ATOM   403  C  CG  . LYS A 1 59  ? 3.061   -7.382  -9.198  1.00 34.30 ? 59  LYS A CG  1 
ATOM   404  C  CD  . LYS A 1 59  ? 4.307   -7.306  -10.097 1.00 38.86 ? 59  LYS A CD  1 
ATOM   405  C  CE  . LYS A 1 59  ? 3.957   -7.080  -11.540 1.00 40.10 ? 59  LYS A CE  1 
ATOM   406  N  NZ  . LYS A 1 59  ? 5.243   -6.682  -12.208 1.00 44.01 ? 59  LYS A NZ  1 
ATOM   407  N  N   . ILE A 1 60  ? 3.818   -8.346  -5.772  1.00 25.61 ? 60  ILE A N   1 
ATOM   408  C  CA  . ILE A 1 60  ? 3.191   -8.091  -4.490  1.00 24.57 ? 60  ILE A CA  1 
ATOM   409  C  C   . ILE A 1 60  ? 1.715   -7.622  -4.673  1.00 22.53 ? 60  ILE A C   1 
ATOM   410  O  O   . ILE A 1 60  ? 1.436   -6.724  -5.465  1.00 21.37 ? 60  ILE A O   1 
ATOM   411  C  CB  . ILE A 1 60  ? 3.989   -7.058  -3.672  1.00 24.75 ? 60  ILE A CB  1 
ATOM   412  C  CG1 . ILE A 1 60  ? 5.416   -7.597  -3.447  1.00 26.73 ? 60  ILE A CG1 1 
ATOM   413  C  CG2 . ILE A 1 60  ? 3.295   -6.826  -2.332  1.00 26.25 ? 60  ILE A CG2 1 
ATOM   414  C  CD1 . ILE A 1 60  ? 6.354   -6.590  -2.832  1.00 28.75 ? 60  ILE A CD1 1 
ATOM   415  N  N   . ILE A 1 61  ? 0.804   -8.246  -3.921  1.00 21.27 ? 61  ILE A N   1 
ATOM   416  C  CA  . ILE A 1 61  ? -0.632  -7.900  -3.982  1.00 20.87 ? 61  ILE A CA  1 
ATOM   417  C  C   . ILE A 1 61  ? -1.126  -7.415  -2.651  1.00 21.12 ? 61  ILE A C   1 
ATOM   418  O  O   . ILE A 1 61  ? -0.843  -8.046  -1.631  1.00 20.57 ? 61  ILE A O   1 
ATOM   419  C  CB  . ILE A 1 61  ? -1.493  -9.084  -4.548  1.00 22.31 ? 61  ILE A CB  1 
ATOM   420  C  CG1 . ILE A 1 61  ? -1.050  -9.285  -6.002  1.00 19.51 ? 61  ILE A CG1 1 
ATOM   421  C  CG2 . ILE A 1 61  ? -3.048  -8.797  -4.457  1.00 20.81 ? 61  ILE A CG2 1 
ATOM   422  C  CD1 . ILE A 1 61  ? -1.683  -10.322 -6.622  1.00 26.09 ? 61  ILE A CD1 1 
ATOM   423  N  N   . VAL A 1 62  ? -1.788  -6.249  -2.682  1.00 18.83 ? 62  VAL A N   1 
ATOM   424  C  CA  . VAL A 1 62  ? -2.299  -5.602  -1.495  1.00 19.93 ? 62  VAL A CA  1 
ATOM   425  C  C   . VAL A 1 62  ? -3.823  -5.708  -1.488  1.00 19.08 ? 62  VAL A C   1 
ATOM   426  O  O   . VAL A 1 62  ? -4.465  -5.365  -2.491  1.00 19.11 ? 62  VAL A O   1 
ATOM   427  C  CB  . VAL A 1 62  ? -1.853  -4.101  -1.407  1.00 19.47 ? 62  VAL A CB  1 
ATOM   428  C  CG1 . VAL A 1 62  ? -2.431  -3.416  -0.161  1.00 22.49 ? 62  VAL A CG1 1 
ATOM   429  C  CG2 . VAL A 1 62  ? -0.323  -4.035  -1.388  1.00 20.21 ? 62  VAL A CG2 1 
ATOM   430  N  N   . ALA A 1 63  ? -4.367  -6.216  -0.373  1.00 18.93 ? 63  ALA A N   1 
ATOM   431  C  CA  . ALA A 1 63  ? -5.797  -6.079  -0.076  1.00 19.12 ? 63  ALA A CA  1 
ATOM   432  C  C   . ALA A 1 63  ? -5.961  -4.944  0.940   1.00 19.25 ? 63  ALA A C   1 
ATOM   433  O  O   . ALA A 1 63  ? -5.682  -5.080  2.160   1.00 18.20 ? 63  ALA A O   1 
ATOM   434  C  CB  . ALA A 1 63  ? -6.410  -7.407  0.462   1.00 18.94 ? 63  ALA A CB  1 
ATOM   435  N  N   . ASP A 1 64  ? -6.392  -3.801  0.419   1.00 18.50 ? 64  ASP A N   1 
ATOM   436  C  CA  . ASP A 1 64  ? -6.564  -2.625  1.272   1.00 19.32 ? 64  ASP A CA  1 
ATOM   437  C  C   . ASP A 1 64  ? -7.937  -2.654  1.945   1.00 19.03 ? 64  ASP A C   1 
ATOM   438  O  O   . ASP A 1 64  ? -8.870  -1.949  1.528   1.00 19.20 ? 64  ASP A O   1 
ATOM   439  C  CB  . ASP A 1 64  ? -6.376  -1.359  0.396   1.00 19.01 ? 64  ASP A CB  1 
ATOM   440  C  CG  . ASP A 1 64  ? -6.442  -0.079  1.171   1.00 21.13 ? 64  ASP A CG  1 
ATOM   441  O  OD1 . ASP A 1 64  ? -6.433  -0.073  2.422   1.00 25.58 ? 64  ASP A OD1 1 
ATOM   442  O  OD2 . ASP A 1 64  ? -6.573  0.982   0.503   1.00 22.85 ? 64  ASP A OD2 1 
ATOM   443  N  N   . THR A 1 65  ? -8.073  -3.439  3.014   1.00 20.13 ? 65  THR A N   1 
ATOM   444  C  CA  . THR A 1 65  ? -9.387  -3.613  3.681   1.00 19.10 ? 65  THR A CA  1 
ATOM   445  C  C   . THR A 1 65  ? -9.599  -2.589  4.797   1.00 20.61 ? 65  THR A C   1 
ATOM   446  O  O   . THR A 1 65  ? -10.746 -2.414  5.285   1.00 20.78 ? 65  THR A O   1 
ATOM   447  C  CB  . THR A 1 65  ? -9.461  -5.010  4.361   1.00 20.15 ? 65  THR A CB  1 
ATOM   448  O  OG1 . THR A 1 65  ? -8.343  -5.142  5.246   1.00 21.42 ? 65  THR A OG1 1 
ATOM   449  C  CG2 . THR A 1 65  ? -9.438  -6.161  3.282   1.00 18.13 ? 65  THR A CG2 1 
ATOM   450  N  N   . LYS A 1 66  ? -8.521  -1.906  5.206   1.00 20.56 ? 66  LYS A N   1 
ATOM   451  C  CA  . LYS A 1 66  ? -8.548  -0.996  6.378   1.00 21.25 ? 66  LYS A CA  1 
ATOM   452  C  C   . LYS A 1 66  ? -9.265  -1.681  7.537   1.00 22.27 ? 66  LYS A C   1 
ATOM   453  O  O   . LYS A 1 66  ? -10.150 -1.105  8.146   1.00 23.96 ? 66  LYS A O   1 
ATOM   454  C  CB  . LYS A 1 66  ? -9.237  0.327   6.051   1.00 21.15 ? 66  LYS A CB  1 
ATOM   455  C  CG  . LYS A 1 66  ? -8.320  1.254   5.218   1.00 21.77 ? 66  LYS A CG  1 
ATOM   456  C  CD  . LYS A 1 66  ? -9.067  2.428   4.631   1.00 22.31 ? 66  LYS A CD  1 
ATOM   457  C  CE  . LYS A 1 66  ? -8.128  3.346   3.786   1.00 24.30 ? 66  LYS A CE  1 
ATOM   458  N  NZ  . LYS A 1 66  ? -7.710  2.706   2.488   1.00 24.83 ? 66  LYS A NZ  1 
ATOM   459  N  N   . CYS A 1 67  ? -8.840  -2.895  7.848   1.00 22.54 ? 67  CYS A N   1 
ATOM   460  C  CA  . CYS A 1 67  ? -9.499  -3.706  8.882   1.00 22.39 ? 67  CYS A CA  1 
ATOM   461  C  C   . CYS A 1 67  ? -9.488  -2.981  10.250  1.00 22.40 ? 67  CYS A C   1 
ATOM   462  O  O   . CYS A 1 67  ? -8.437  -2.551  10.694  1.00 22.74 ? 67  CYS A O   1 
ATOM   463  C  CB  . CYS A 1 67  ? -8.720  -4.996  8.964   1.00 21.90 ? 67  CYS A CB  1 
ATOM   464  S  SG  . CYS A 1 67  ? -9.306  -6.164  10.155  1.00 25.73 ? 67  CYS A SG  1 
ATOM   465  N  N   . ALA A 1 68  ? -10.653 -2.862  10.908  1.00 23.31 ? 68  ALA A N   1 
ATOM   466  C  CA  . ALA A 1 68  ? -10.773 -2.280  12.251  1.00 22.95 ? 68  ALA A CA  1 
ATOM   467  C  C   . ALA A 1 68  ? -11.059 -3.320  13.355  1.00 24.21 ? 68  ALA A C   1 
ATOM   468  O  O   . ALA A 1 68  ? -10.907 -2.997  14.529  1.00 23.64 ? 68  ALA A O   1 
ATOM   469  C  CB  . ALA A 1 68  ? -11.884 -1.192  12.287  1.00 23.71 ? 68  ALA A CB  1 
ATOM   470  N  N   . ASP A 1 69  ? -11.504 -4.518  12.968  1.00 23.09 ? 69  ASP A N   1 
ATOM   471  C  CA  . ASP A 1 69  ? -12.007 -5.532  13.880  1.00 25.18 ? 69  ASP A CA  1 
ATOM   472  C  C   . ASP A 1 69  ? -12.041 -6.888  13.134  1.00 25.29 ? 69  ASP A C   1 
ATOM   473  O  O   . ASP A 1 69  ? -11.855 -6.925  11.911  1.00 24.76 ? 69  ASP A O   1 
ATOM   474  C  CB  . ASP A 1 69  ? -13.428 -5.127  14.329  1.00 23.59 ? 69  ASP A CB  1 
ATOM   475  C  CG  . ASP A 1 69  ? -13.800 -5.687  15.690  1.00 25.97 ? 69  ASP A CG  1 
ATOM   476  O  OD1 . ASP A 1 69  ? -13.015 -6.483  16.255  1.00 25.75 ? 69  ASP A OD1 1 
ATOM   477  O  OD2 . ASP A 1 69  ? -14.880 -5.304  16.197  1.00 24.25 ? 69  ASP A OD2 1 
ATOM   478  N  N   . ALA A 1 70  ? -12.296 -7.995  13.854  1.00 24.45 ? 70  ALA A N   1 
ATOM   479  C  CA  . ALA A 1 70  ? -12.325 -9.340  13.230  1.00 23.82 ? 70  ALA A CA  1 
ATOM   480  C  C   . ALA A 1 70  ? -11.059 -9.587  12.413  1.00 23.30 ? 70  ALA A C   1 
ATOM   481  O  O   . ALA A 1 70  ? -11.104 -10.081 11.272  1.00 22.17 ? 70  ALA A O   1 
ATOM   482  C  CB  . ALA A 1 70  ? -13.597 -9.518  12.378  1.00 23.01 ? 70  ALA A CB  1 
ATOM   483  N  N   . GLY A 1 71  ? -9.935  -9.222  13.026  1.00 22.97 ? 71  GLY A N   1 
ATOM   484  C  CA  . GLY A 1 71  ? -8.622  -9.176  12.359  1.00 23.69 ? 71  GLY A CA  1 
ATOM   485  C  C   . GLY A 1 71  ? -8.226  -10.513 11.759  1.00 22.76 ? 71  GLY A C   1 
ATOM   486  O  O   . GLY A 1 71  ? -7.827  -10.582 10.613  1.00 21.56 ? 71  GLY A O   1 
ATOM   487  N  N   . GLY A 1 72  ? -8.331  -11.583 12.551  1.00 22.87 ? 72  GLY A N   1 
ATOM   488  C  CA  . GLY A 1 72  ? -7.960  -12.921 12.064  1.00 22.14 ? 72  GLY A CA  1 
ATOM   489  C  C   . GLY A 1 72  ? -8.825  -13.379 10.886  1.00 22.60 ? 72  GLY A C   1 
ATOM   490  O  O   . GLY A 1 72  ? -8.333  -14.024 9.951   1.00 21.06 ? 72  GLY A O   1 
ATOM   491  N  N   . THR A 1 73  ? -10.131 -13.080 10.968  1.00 22.12 ? 73  THR A N   1 
ATOM   492  C  CA  . THR A 1 73  ? -11.084 -13.467 9.919   1.00 22.16 ? 73  THR A CA  1 
ATOM   493  C  C   . THR A 1 73  ? -10.816 -12.715 8.607   1.00 21.33 ? 73  THR A C   1 
ATOM   494  O  O   . THR A 1 73  ? -10.760 -13.335 7.549   1.00 21.68 ? 73  THR A O   1 
ATOM   495  C  CB  . THR A 1 73  ? -12.525 -13.226 10.397  1.00 22.40 ? 73  THR A CB  1 
ATOM   496  O  OG1 . THR A 1 73  ? -12.758 -14.117 11.493  1.00 23.42 ? 73  THR A OG1 1 
ATOM   497  C  CG2 . THR A 1 73  ? -13.536 -13.468 9.310   1.00 22.44 ? 73  THR A CG2 1 
ATOM   498  N  N   . VAL A 1 74  ? -10.713 -11.394 8.669   1.00 21.09 ? 74  VAL A N   1 
ATOM   499  C  CA  . VAL A 1 74  ? -10.535 -10.598 7.430   1.00 20.39 ? 74  VAL A CA  1 
ATOM   500  C  C   . VAL A 1 74  ? -9.208  -10.924 6.747   1.00 20.35 ? 74  VAL A C   1 
ATOM   501  O  O   . VAL A 1 74  ? -9.109  -11.020 5.486   1.00 21.02 ? 74  VAL A O   1 
ATOM   502  C  CB  . VAL A 1 74  ? -10.706 -9.056  7.684   1.00 20.18 ? 74  VAL A CB  1 
ATOM   503  C  CG1 . VAL A 1 74  ? -10.468 -8.278  6.388   1.00 18.43 ? 74  VAL A CG1 1 
ATOM   504  C  CG2 . VAL A 1 74  ? -12.139 -8.740  8.220   1.00 18.92 ? 74  VAL A CG2 1 
ATOM   505  N  N   . ALA A 1 75  ? -8.179  -11.038 7.588   1.00 19.80 ? 75  ALA A N   1 
ATOM   506  C  CA  . ALA A 1 75  ? -6.814  -11.345 7.119   1.00 21.10 ? 75  ALA A CA  1 
ATOM   507  C  C   . ALA A 1 75  ? -6.824  -12.715 6.451   1.00 21.65 ? 75  ALA A C   1 
ATOM   508  O  O   . ALA A 1 75  ? -6.320  -12.848 5.363   1.00 21.41 ? 75  ALA A O   1 
ATOM   509  C  CB  . ALA A 1 75  ? -5.848  -11.305 8.275   1.00 19.75 ? 75  ALA A CB  1 
ATOM   510  N  N   . LYS A 1 76  ? -7.463  -13.719 7.081   1.00 22.78 ? 76  LYS A N   1 
ATOM   511  C  CA  . LYS A 1 76  ? -7.570  -15.059 6.488   1.00 23.84 ? 76  LYS A CA  1 
ATOM   512  C  C   . LYS A 1 76  ? -8.354  -15.043 5.133   1.00 22.20 ? 76  LYS A C   1 
ATOM   513  O  O   . LYS A 1 76  ? -7.954  -15.669 4.157   1.00 21.79 ? 76  LYS A O   1 
ATOM   514  C  CB  . LYS A 1 76  ? -8.274  -16.017 7.478   1.00 25.80 ? 76  LYS A CB  1 
ATOM   515  C  CG  . LYS A 1 76  ? -8.347  -17.456 6.921   1.00 28.86 ? 76  LYS A CG  1 
ATOM   516  C  CD  . LYS A 1 76  ? -9.006  -18.444 7.861   1.00 27.76 ? 76  LYS A CD  1 
ATOM   517  C  CE  . LYS A 1 76  ? -8.609  -19.904 7.473   1.00 32.63 ? 76  LYS A CE  1 
ATOM   518  N  NZ  . LYS A 1 76  ? -9.314  -20.957 8.358   1.00 33.90 ? 76  LYS A NZ  1 
ATOM   519  N  N   . ASN A 1 77  ? -9.483  -14.324 5.105   1.00 20.69 ? 77  ASN A N   1 
ATOM   520  C  CA  . ASN A 1 77  ? -10.321 -14.210 3.930   1.00 19.98 ? 77  ASN A CA  1 
ATOM   521  C  C   . ASN A 1 77  ? -9.519  -13.674 2.732   1.00 19.13 ? 77  ASN A C   1 
ATOM   522  O  O   . ASN A 1 77  ? -9.720  -14.120 1.587   1.00 19.28 ? 77  ASN A O   1 
ATOM   523  C  CB  . ASN A 1 77  ? -11.596 -13.339 4.192   1.00 19.24 ? 77  ASN A CB  1 
ATOM   524  C  CG  . ASN A 1 77  ? -12.629 -14.066 5.066   1.00 21.37 ? 77  ASN A CG  1 
ATOM   525  O  OD1 . ASN A 1 77  ? -12.466 -15.260 5.305   1.00 18.38 ? 77  ASN A OD1 1 
ATOM   526  N  ND2 . ASN A 1 77  ? -13.658 -13.343 5.592   1.00 17.62 ? 77  ASN A ND2 1 
ATOM   527  N  N   . ASN A 1 78  ? -8.632  -12.732 2.985   1.00 17.51 ? 78  ASN A N   1 
ATOM   528  C  CA  . ASN A 1 78  ? -7.841  -12.136 1.878   1.00 17.69 ? 78  ASN A CA  1 
ATOM   529  C  C   . ASN A 1 78  ? -6.561  -12.891 1.549   1.00 17.65 ? 78  ASN A C   1 
ATOM   530  O  O   . ASN A 1 78  ? -6.166  -12.971 0.388   1.00 19.30 ? 78  ASN A O   1 
ATOM   531  C  CB  . ASN A 1 78  ? -7.567  -10.655 2.159   1.00 17.59 ? 78  ASN A CB  1 
ATOM   532  C  CG  . ASN A 1 78  ? -8.827  -9.835  2.027   1.00 17.85 ? 78  ASN A CG  1 
ATOM   533  O  OD1 . ASN A 1 78  ? -9.198  -9.469  0.918   1.00 20.18 ? 78  ASN A OD1 1 
ATOM   534  N  ND2 . ASN A 1 78  ? -9.565  -9.671  3.137   1.00 17.27 ? 78  ASN A ND2 1 
ATOM   535  N  N   . ALA A 1 79  ? -5.944  -13.471 2.560   1.00 19.12 ? 79  ALA A N   1 
ATOM   536  C  CA  . ALA A 1 79  ? -4.716  -14.331 2.351   1.00 20.36 ? 79  ALA A CA  1 
ATOM   537  C  C   . ALA A 1 79  ? -5.050  -15.579 1.558   1.00 21.82 ? 79  ALA A C   1 
ATOM   538  O  O   . ALA A 1 79  ? -4.304  -15.981 0.634   1.00 21.98 ? 79  ALA A O   1 
ATOM   539  C  CB  . ALA A 1 79  ? -4.084  -14.674 3.668   1.00 20.78 ? 79  ALA A CB  1 
ATOM   540  N  N   . VAL A 1 80  ? -6.184  -16.206 1.862   1.00 21.65 ? 80  VAL A N   1 
ATOM   541  C  CA  . VAL A 1 80  ? -6.582  -17.353 1.045   1.00 23.84 ? 80  VAL A CA  1 
ATOM   542  C  C   . VAL A 1 80  ? -6.858  -16.995 -0.411  1.00 23.41 ? 80  VAL A C   1 
ATOM   543  O  O   . VAL A 1 80  ? -6.741  -17.861 -1.283  1.00 23.32 ? 80  VAL A O   1 
ATOM   544  C  CB  . VAL A 1 80  ? -7.744  -18.282 1.629   1.00 25.23 ? 80  VAL A CB  1 
ATOM   545  C  CG1 . VAL A 1 80  ? -7.395  -18.826 3.050   1.00 25.07 ? 80  VAL A CG1 1 
ATOM   546  C  CG2 . VAL A 1 80  ? -9.091  -17.626 1.569   1.00 23.96 ? 80  VAL A CG2 1 
ATOM   547  N  N   . ARG A 1 81  ? -7.213  -15.739 -0.688  1.00 22.80 ? 81  ARG A N   1 
ATOM   548  C  CA  . ARG A 1 81  ? -7.347  -15.274 -2.069  1.00 21.33 ? 81  ARG A CA  1 
ATOM   549  C  C   . ARG A 1 81  ? -5.983  -14.962 -2.706  1.00 22.08 ? 81  ARG A C   1 
ATOM   550  O  O   . ARG A 1 81  ? -5.890  -14.754 -3.903  1.00 22.81 ? 81  ARG A O   1 
ATOM   551  C  CB  . ARG A 1 81  ? -8.196  -13.997 -2.133  1.00 21.49 ? 81  ARG A CB  1 
ATOM   552  C  CG  . ARG A 1 81  ? -9.594  -14.148 -1.645  1.00 23.28 ? 81  ARG A CG  1 
ATOM   553  C  CD  . ARG A 1 81  ? -10.396 -14.988 -2.658  1.00 23.84 ? 81  ARG A CD  1 
ATOM   554  N  NE  . ARG A 1 81  ? -11.812 -14.805 -2.534  1.00 22.27 ? 81  ARG A NE  1 
ATOM   555  C  CZ  . ARG A 1 81  ? -12.695 -15.372 -3.324  1.00 24.79 ? 81  ARG A CZ  1 
ATOM   556  N  NH1 . ARG A 1 81  ? -12.292 -16.226 -4.273  1.00 21.71 ? 81  ARG A NH1 1 
ATOM   557  N  NH2 . ARG A 1 81  ? -13.974 -15.114 -3.138  1.00 24.21 ? 81  ARG A NH2 1 
ATOM   558  N  N   . GLY A 1 82  ? -4.921  -14.875 -1.918  1.00 21.66 ? 82  GLY A N   1 
ATOM   559  C  CA  . GLY A 1 82  ? -3.607  -14.615 -2.500  1.00 22.06 ? 82  GLY A CA  1 
ATOM   560  C  C   . GLY A 1 82  ? -2.931  -13.315 -2.105  1.00 21.30 ? 82  GLY A C   1 
ATOM   561  O  O   . GLY A 1 82  ? -1.869  -13.033 -2.633  1.00 23.08 ? 82  GLY A O   1 
ATOM   562  N  N   . ALA A 1 83  ? -3.513  -12.513 -1.206  1.00 21.50 ? 83  ALA A N   1 
ATOM   563  C  CA  . ALA A 1 83  ? -2.872  -11.223 -0.801  1.00 22.24 ? 83  ALA A CA  1 
ATOM   564  C  C   . ALA A 1 83  ? -1.543  -11.481 -0.090  1.00 22.35 ? 83  ALA A C   1 
ATOM   565  O  O   . ALA A 1 83  ? -1.407  -12.470 0.649   1.00 21.58 ? 83  ALA A O   1 
ATOM   566  C  CB  . ALA A 1 83  ? -3.775  -10.396 0.127   1.00 21.64 ? 83  ALA A CB  1 
ATOM   567  N  N   . ASP A 1 84  ? -0.575  -10.592 -0.338  1.00 22.30 ? 84  ASP A N   1 
ATOM   568  C  CA  . ASP A 1 84  ? 0.646   -10.503 0.466   1.00 22.51 ? 84  ASP A CA  1 
ATOM   569  C  C   . ASP A 1 84  ? 0.492   -9.510  1.593   1.00 21.64 ? 84  ASP A C   1 
ATOM   570  O  O   . ASP A 1 84  ? 0.856   -9.849  2.698   1.00 21.46 ? 84  ASP A O   1 
ATOM   571  C  CB  . ASP A 1 84  ? 1.877   -10.122 -0.404  1.00 23.49 ? 84  ASP A CB  1 
ATOM   572  C  CG  . ASP A 1 84  ? 2.095   -11.110 -1.529  1.00 24.71 ? 84  ASP A CG  1 
ATOM   573  O  OD1 . ASP A 1 84  ? 2.181   -12.331 -1.254  1.00 28.01 ? 84  ASP A OD1 1 
ATOM   574  O  OD2 . ASP A 1 84  ? 2.128   -10.676 -2.686  1.00 26.98 ? 84  ASP A OD2 1 
ATOM   575  N  N   . TRP A 1 85  ? -0.029  -8.295  1.317   1.00 18.84 ? 85  TRP A N   1 
ATOM   576  C  CA  . TRP A 1 85  ? -0.088  -7.272  2.355   1.00 20.27 ? 85  TRP A CA  1 
ATOM   577  C  C   . TRP A 1 85  ? -1.526  -6.917  2.582   1.00 20.68 ? 85  TRP A C   1 
ATOM   578  O  O   . TRP A 1 85  ? -2.300  -6.870  1.627   1.00 22.44 ? 85  TRP A O   1 
ATOM   579  C  CB  . TRP A 1 85  ? 0.676   -6.004  1.951   1.00 19.17 ? 85  TRP A CB  1 
ATOM   580  C  CG  . TRP A 1 85  ? 2.183   -6.205  1.709   1.00 19.84 ? 85  TRP A CG  1 
ATOM   581  C  CD1 . TRP A 1 85  ? 2.989   -7.225  2.164   1.00 18.14 ? 85  TRP A CD1 1 
ATOM   582  C  CD2 . TRP A 1 85  ? 3.025   -5.310  0.990   1.00 18.67 ? 85  TRP A CD2 1 
ATOM   583  N  NE1 . TRP A 1 85  ? 4.288   -7.053  1.681   1.00 19.78 ? 85  TRP A NE1 1 
ATOM   584  C  CE2 . TRP A 1 85  ? 4.332   -5.865  0.981   1.00 20.55 ? 85  TRP A CE2 1 
ATOM   585  C  CE3 . TRP A 1 85  ? 2.791   -4.107  0.295   1.00 18.05 ? 85  TRP A CE3 1 
ATOM   586  C  CZ2 . TRP A 1 85  ? 5.410   -5.219  0.348   1.00 18.21 ? 85  TRP A CZ2 1 
ATOM   587  C  CZ3 . TRP A 1 85  ? 3.874   -3.475  -0.351  1.00 18.05 ? 85  TRP A CZ3 1 
ATOM   588  C  CH2 . TRP A 1 85  ? 5.165   -4.049  -0.319  1.00 19.46 ? 85  TRP A CH2 1 
ATOM   589  N  N   . MET A 1 86  ? -1.917  -6.741  3.831   1.00 21.41 ? 86  MET A N   1 
ATOM   590  C  CA  . MET A 1 86  ? -3.288  -6.269  4.122   1.00 21.28 ? 86  MET A CA  1 
ATOM   591  C  C   . MET A 1 86  ? -3.199  -5.028  5.013   1.00 21.84 ? 86  MET A C   1 
ATOM   592  O  O   . MET A 1 86  ? -2.367  -5.000  5.925   1.00 22.50 ? 86  MET A O   1 
ATOM   593  C  CB  . MET A 1 86  ? -4.115  -7.322  4.848   1.00 20.52 ? 86  MET A CB  1 
ATOM   594  C  CG  . MET A 1 86  ? -5.599  -6.928  4.788   1.00 22.33 ? 86  MET A CG  1 
ATOM   595  S  SD  . MET A 1 86  ? -6.734  -7.952  5.741   1.00 24.72 ? 86  MET A SD  1 
ATOM   596  C  CE  . MET A 1 86  ? -6.283  -7.547  7.463   1.00 17.31 ? 86  MET A CE  1 
ATOM   597  N  N   . THR A 1 87  ? -4.066  -4.028  4.801   1.00 20.82 ? 87  THR A N   1 
ATOM   598  C  CA  . THR A 1 87  ? -4.047  -2.875  5.681   1.00 20.79 ? 87  THR A CA  1 
ATOM   599  C  C   . THR A 1 87  ? -5.039  -3.058  6.880   1.00 21.93 ? 87  THR A C   1 
ATOM   600  O  O   . THR A 1 87  ? -6.133  -3.639  6.727   1.00 21.11 ? 87  THR A O   1 
ATOM   601  C  CB  . THR A 1 87  ? -4.466  -1.590  4.944   1.00 20.62 ? 87  THR A CB  1 
ATOM   602  O  OG1 . THR A 1 87  ? -5.771  -1.765  4.395   1.00 20.97 ? 87  THR A OG1 1 
ATOM   603  C  CG2 . THR A 1 87  ? -3.453  -1.181  3.822   1.00 19.49 ? 87  THR A CG2 1 
ATOM   604  N  N   . CYS A 1 88  ? -4.639  -2.509  8.025   1.00 21.65 ? 88  CYS A N   1 
ATOM   605  C  CA  . CYS A 1 88  ? -5.503  -2.291  9.175   1.00 24.02 ? 88  CYS A CA  1 
ATOM   606  C  C   . CYS A 1 88  ? -5.518  -0.797  9.403   1.00 23.59 ? 88  CYS A C   1 
ATOM   607  O  O   . CYS A 1 88  ? -4.475  -0.162  9.276   1.00 23.24 ? 88  CYS A O   1 
ATOM   608  C  CB  . CYS A 1 88  ? -4.932  -2.974  10.451  1.00 23.47 ? 88  CYS A CB  1 
ATOM   609  S  SG  . CYS A 1 88  ? -5.217  -4.773  10.581  1.00 26.74 ? 88  CYS A SG  1 
ATOM   610  N  N   . ILE A 1 89  ? -6.685  -0.258  9.752   1.00 22.85 ? 89  ILE A N   1 
ATOM   611  C  CA  . ILE A 1 89  ? -6.844  1.148   10.072  1.00 22.50 ? 89  ILE A CA  1 
ATOM   612  C  C   . ILE A 1 89  ? -6.170  1.381   11.449  1.00 23.76 ? 89  ILE A C   1 
ATOM   613  O  O   . ILE A 1 89  ? -6.214  0.511   12.340  1.00 24.54 ? 89  ILE A O   1 
ATOM   614  C  CB  . ILE A 1 89  ? -8.342  1.597   10.033  1.00 22.19 ? 89  ILE A CB  1 
ATOM   615  C  CG1 . ILE A 1 89  ? -8.516  3.101   10.050  1.00 20.47 ? 89  ILE A CG1 1 
ATOM   616  C  CG2 . ILE A 1 89  ? -9.140  1.055   11.213  1.00 22.52 ? 89  ILE A CG2 1 
ATOM   617  C  CD1 . ILE A 1 89  ? -7.968  3.803   8.852   1.00 22.85 ? 89  ILE A CD1 1 
ATOM   618  N  N   . CYS A 1 90  ? -5.555  2.536   11.608  1.00 23.51 ? 90  CYS A N   1 
ATOM   619  C  CA  . CYS A 1 90  ? -4.777  2.801   12.835  1.00 26.73 ? 90  CYS A CA  1 
ATOM   620  C  C   . CYS A 1 90  ? -5.626  2.741   14.087  1.00 27.58 ? 90  CYS A C   1 
ATOM   621  O  O   . CYS A 1 90  ? -5.077  2.596   15.173  1.00 29.95 ? 90  CYS A O   1 
ATOM   622  C  CB  . CYS A 1 90  ? -4.029  4.136   12.759  1.00 25.70 ? 90  CYS A CB  1 
ATOM   623  S  SG  . CYS A 1 90  ? -5.065  5.536   12.377  1.00 29.63 ? 90  CYS A SG  1 
ATOM   624  N  N   . SER A 1 91  ? -6.935  2.892   13.973  1.00 28.39 ? 91  SER A N   1 
ATOM   625  C  CA  . SER A 1 91  ? -7.753  2.792   15.189  1.00 29.47 ? 91  SER A CA  1 
ATOM   626  C  C   . SER A 1 91  ? -8.057  1.361   15.646  1.00 28.92 ? 91  SER A C   1 
ATOM   627  O  O   . SER A 1 91  ? -8.613  1.142   16.754  1.00 27.68 ? 91  SER A O   1 
ATOM   628  C  CB  . SER A 1 91  ? -8.997  3.678   15.153  1.00 30.41 ? 91  SER A CB  1 
ATOM   629  O  OG  . SER A 1 91  ? -9.589  3.707   13.898  1.00 33.90 ? 91  SER A OG  1 
ATOM   630  N  N   . ALA A 1 92  ? -7.670  0.387   14.822  1.00 28.82 ? 92  ALA A N   1 
ATOM   631  C  CA  . ALA A 1 92  ? -7.766  -1.009  15.202  1.00 29.02 ? 92  ALA A CA  1 
ATOM   632  C  C   . ALA A 1 92  ? -6.966  -1.202  16.484  1.00 29.58 ? 92  ALA A C   1 
ATOM   633  O  O   . ALA A 1 92  ? -5.861  -0.648  16.616  1.00 28.79 ? 92  ALA A O   1 
ATOM   634  C  CB  . ALA A 1 92  ? -7.213  -1.912  14.106  1.00 28.39 ? 92  ALA A CB  1 
ATOM   635  N  N   . THR A 1 93  ? -7.484  -2.039  17.394  1.00 28.72 ? 93  THR A N   1 
ATOM   636  C  CA  . THR A 1 93  ? -6.728  -2.359  18.621  1.00 29.35 ? 93  THR A CA  1 
ATOM   637  C  C   . THR A 1 93  ? -5.497  -3.238  18.341  1.00 29.31 ? 93  THR A C   1 
ATOM   638  O  O   . THR A 1 93  ? -5.337  -3.813  17.255  1.00 28.34 ? 93  THR A O   1 
ATOM   639  C  CB  . THR A 1 93  ? -7.594  -2.973  19.688  1.00 29.35 ? 93  THR A CB  1 
ATOM   640  O  OG1 . THR A 1 93  ? -8.005  -4.282  19.268  1.00 28.87 ? 93  THR A OG1 1 
ATOM   641  C  CG2 . THR A 1 93  ? -8.850  -2.077  19.932  1.00 30.52 ? 93  THR A CG2 1 
ATOM   642  N  N   . ILE A 1 94  ? -4.585  -3.291  19.306  1.00 28.96 ? 94  ILE A N   1 
ATOM   643  C  CA  . ILE A 1 94  ? -3.430  -4.167  19.198  1.00 29.67 ? 94  ILE A CA  1 
ATOM   644  C  C   . ILE A 1 94  ? -3.816  -5.662  19.115  1.00 29.43 ? 94  ILE A C   1 
ATOM   645  O  O   . ILE A 1 94  ? -3.222  -6.390  18.300  1.00 30.13 ? 94  ILE A O   1 
ATOM   646  C  CB  . ILE A 1 94  ? -2.358  -3.897  20.313  1.00 30.10 ? 94  ILE A CB  1 
ATOM   647  C  CG1 . ILE A 1 94  ? -1.859  -2.444  20.269  1.00 29.46 ? 94  ILE A CG1 1 
ATOM   648  C  CG2 . ILE A 1 94  ? -1.183  -4.808  20.158  1.00 30.67 ? 94  ILE A CG2 1 
ATOM   649  C  CD1 . ILE A 1 94  ? -1.044  -2.083  19.069  1.00 29.77 ? 94  ILE A CD1 1 
ATOM   650  N  N   . PRO A 1 95  ? -4.756  -6.148  19.978  1.00 29.27 ? 95  PRO A N   1 
ATOM   651  C  CA  . PRO A 1 95  ? -5.219  -7.514  19.761  1.00 28.51 ? 95  PRO A CA  1 
ATOM   652  C  C   . PRO A 1 95  ? -5.761  -7.753  18.324  1.00 27.62 ? 95  PRO A C   1 
ATOM   653  O  O   . PRO A 1 95  ? -5.435  -8.768  17.698  1.00 26.50 ? 95  PRO A O   1 
ATOM   654  C  CB  . PRO A 1 95  ? -6.354  -7.663  20.790  1.00 27.65 ? 95  PRO A CB  1 
ATOM   655  C  CG  . PRO A 1 95  ? -5.890  -6.774  21.917  1.00 30.57 ? 95  PRO A CG  1 
ATOM   656  C  CD  . PRO A 1 95  ? -5.373  -5.567  21.191  1.00 29.04 ? 95  PRO A CD  1 
ATOM   657  N  N   . THR A 1 96  ? -6.551  -6.820  17.809  1.00 25.95 ? 96  THR A N   1 
ATOM   658  C  CA  . THR A 1 96  ? -7.023  -6.965  16.411  1.00 26.14 ? 96  THR A CA  1 
ATOM   659  C  C   . THR A 1 96  ? -5.842  -7.061  15.408  1.00 25.97 ? 96  THR A C   1 
ATOM   660  O  O   . THR A 1 96  ? -5.816  -7.954  14.547  1.00 26.01 ? 96  THR A O   1 
ATOM   661  C  CB  . THR A 1 96  ? -7.976  -5.839  15.998  1.00 25.31 ? 96  THR A CB  1 
ATOM   662  O  OG1 . THR A 1 96  ? -9.211  -5.928  16.785  1.00 26.03 ? 96  THR A OG1 1 
ATOM   663  C  CG2 . THR A 1 96  ? -8.252  -5.893  14.467  1.00 23.11 ? 96  THR A CG2 1 
ATOM   664  N  N   . MET A 1 97  ? -4.876  -6.155  15.506  1.00 26.34 ? 97  MET A N   1 
ATOM   665  C  CA  . MET A 1 97  ? -3.772  -6.164  14.513  1.00 25.99 ? 97  MET A CA  1 
ATOM   666  C  C   . MET A 1 97  ? -2.911  -7.407  14.614  1.00 26.06 ? 97  MET A C   1 
ATOM   667  O  O   . MET A 1 97  ? -2.446  -7.931  13.596  1.00 26.30 ? 97  MET A O   1 
ATOM   668  C  CB  . MET A 1 97  ? -2.901  -4.928  14.660  1.00 25.07 ? 97  MET A CB  1 
ATOM   669  C  CG  . MET A 1 97  ? -3.564  -3.643  14.271  1.00 25.39 ? 97  MET A CG  1 
ATOM   670  S  SD  . MET A 1 97  ? -2.379  -2.312  14.477  1.00 28.98 ? 97  MET A SD  1 
ATOM   671  C  CE  . MET A 1 97  ? -3.244  -0.893  13.777  1.00 23.36 ? 97  MET A CE  1 
ATOM   672  N  N   . LYS A 1 98  ? -2.645  -7.848  15.847  1.00 25.37 ? 98  LYS A N   1 
ATOM   673  C  CA  . LYS A 1 98  ? -1.926  -9.089  16.068  1.00 26.19 ? 98  LYS A CA  1 
ATOM   674  C  C   . LYS A 1 98  ? -2.670  -10.302 15.513  1.00 24.73 ? 98  LYS A C   1 
ATOM   675  O  O   . LYS A 1 98  ? -2.046  -11.166 14.945  1.00 23.70 ? 98  LYS A O   1 
ATOM   676  C  CB  . LYS A 1 98  ? -1.662  -9.298  17.569  1.00 26.32 ? 98  LYS A CB  1 
ATOM   677  C  CG  . LYS A 1 98  ? -0.570  -8.461  18.199  1.00 28.53 ? 98  LYS A CG  1 
ATOM   678  C  CD  . LYS A 1 98  ? -0.573  -8.681  19.737  1.00 29.27 ? 98  LYS A CD  1 
ATOM   679  C  CE  . LYS A 1 98  ? 0.633   -7.990  20.401  1.00 34.19 ? 98  LYS A CE  1 
ATOM   680  N  NZ  . LYS A 1 98  ? 0.601   -8.028  21.919  1.00 33.49 ? 98  LYS A NZ  1 
ATOM   681  N  N   . ALA A 1 99  ? -3.997  -10.390 15.703  1.00 25.00 ? 99  ALA A N   1 
ATOM   682  C  CA  . ALA A 1 99  ? -4.770  -11.494 15.098  1.00 24.36 ? 99  ALA A CA  1 
ATOM   683  C  C   . ALA A 1 99  ? -4.647  -11.488 13.546  1.00 24.51 ? 99  ALA A C   1 
ATOM   684  O  O   . ALA A 1 99  ? -4.474  -12.542 12.887  1.00 23.93 ? 99  ALA A O   1 
ATOM   685  C  CB  . ALA A 1 99  ? -6.234  -11.461 15.567  1.00 24.40 ? 99  ALA A CB  1 
ATOM   686  N  N   . ALA A 1 100 ? -4.711  -10.292 12.950  1.00 24.26 ? 100 ALA A N   1 
ATOM   687  C  CA  . ALA A 1 100 ? -4.602  -10.192 11.517  1.00 23.71 ? 100 ALA A CA  1 
ATOM   688  C  C   . ALA A 1 100 ? -3.185  -10.617 11.063  1.00 24.34 ? 100 ALA A C   1 
ATOM   689  O  O   . ALA A 1 100 ? -3.042  -11.338 10.081  1.00 22.85 ? 100 ALA A O   1 
ATOM   690  C  CB  . ALA A 1 100 ? -4.918  -8.752  11.069  1.00 23.17 ? 100 ALA A CB  1 
ATOM   691  N  N   . ARG A 1 101 ? -2.152  -10.135 11.770  1.00 24.21 ? 101 ARG A N   1 
ATOM   692  C  CA  . ARG A 1 101 ? -0.762  -10.461 11.431  1.00 25.01 ? 101 ARG A CA  1 
ATOM   693  C  C   . ARG A 1 101 ? -0.532  -11.971 11.516  1.00 24.76 ? 101 ARG A C   1 
ATOM   694  O  O   . ARG A 1 101 ? -0.026  -12.579 10.600  1.00 24.25 ? 101 ARG A O   1 
ATOM   695  C  CB  . ARG A 1 101 ? 0.251   -9.683  12.322  1.00 25.05 ? 101 ARG A CB  1 
ATOM   696  C  CG  . ARG A 1 101 ? 1.714   -9.892  11.830  1.00 26.27 ? 101 ARG A CG  1 
ATOM   697  C  CD  . ARG A 1 101 ? 2.809   -9.411  12.806  1.00 24.63 ? 101 ARG A CD  1 
ATOM   698  N  NE  . ARG A 1 101 ? 2.595   -9.840  14.182  1.00 25.71 ? 101 ARG A NE  1 
ATOM   699  C  CZ  . ARG A 1 101 ? 2.976   -11.027 14.663  1.00 28.53 ? 101 ARG A CZ  1 
ATOM   700  N  NH1 . ARG A 1 101 ? 3.576   -11.905 13.872  1.00 28.26 ? 101 ARG A NH1 1 
ATOM   701  N  NH2 . ARG A 1 101 ? 2.744   -11.332 15.926  1.00 28.91 ? 101 ARG A NH2 1 
ATOM   702  N  N   . LYS A 1 102 ? -0.977  -12.590 12.603  1.00 25.41 ? 102 LYS A N   1 
ATOM   703  C  CA  . LYS A 1 102 ? -0.815  -14.029 12.752  1.00 26.48 ? 102 LYS A CA  1 
ATOM   704  C  C   . LYS A 1 102 ? -1.531  -14.843 11.656  1.00 26.89 ? 102 LYS A C   1 
ATOM   705  O  O   . LYS A 1 102 ? -0.991  -15.834 11.164  1.00 27.80 ? 102 LYS A O   1 
ATOM   706  C  CB  . LYS A 1 102 ? -1.257  -14.436 14.160  1.00 26.72 ? 102 LYS A CB  1 
ATOM   707  C  CG  . LYS A 1 102 ? -0.357  -13.792 15.273  1.00 27.48 ? 102 LYS A CG  1 
ATOM   708  C  CD  . LYS A 1 102 ? -0.985  -13.953 16.690  1.00 27.48 ? 102 LYS A CD  1 
ATOM   709  C  CE  . LYS A 1 102 ? -0.075  -13.284 17.747  1.00 29.56 ? 102 LYS A CE  1 
ATOM   710  N  NZ  . LYS A 1 102 ? -0.811  -13.134 19.069  1.00 28.26 ? 102 LYS A NZ  1 
ATOM   711  N  N   . ALA A 1 103 ? -2.727  -14.425 11.246  1.00 25.73 ? 103 ALA A N   1 
ATOM   712  C  CA  . ALA A 1 103 ? -3.462  -15.154 10.235  1.00 25.65 ? 103 ALA A CA  1 
ATOM   713  C  C   . ALA A 1 103 ? -2.852  -15.014 8.827   1.00 25.63 ? 103 ALA A C   1 
ATOM   714  O  O   . ALA A 1 103 ? -2.867  -15.964 8.046   1.00 26.20 ? 103 ALA A O   1 
ATOM   715  C  CB  . ALA A 1 103 ? -4.921  -14.710 10.224  1.00 25.29 ? 103 ALA A CB  1 
ATOM   716  N  N   . ILE A 1 104 ? -2.392  -13.823 8.466   1.00 25.06 ? 104 ILE A N   1 
ATOM   717  C  CA  . ILE A 1 104 ? -1.832  -13.663 7.123   1.00 25.80 ? 104 ILE A CA  1 
ATOM   718  C  C   . ILE A 1 104 ? -0.458  -14.360 7.032   1.00 26.62 ? 104 ILE A C   1 
ATOM   719  O  O   . ILE A 1 104 ? -0.159  -14.966 6.027   1.00 26.02 ? 104 ILE A O   1 
ATOM   720  C  CB  . ILE A 1 104 ? -1.735  -12.138 6.651   1.00 25.48 ? 104 ILE A CB  1 
ATOM   721  C  CG1 . ILE A 1 104 ? -1.431  -12.035 5.146   1.00 25.45 ? 104 ILE A CG1 1 
ATOM   722  C  CG2 . ILE A 1 104 ? -0.740  -11.308 7.512   1.00 23.77 ? 104 ILE A CG2 1 
ATOM   723  C  CD1 . ILE A 1 104 ? -1.883  -10.696 4.540   1.00 25.04 ? 104 ILE A CD1 1 
ATOM   724  N  N   . GLU A 1 105 ? 0.348   -14.252 8.090   1.00 27.45 ? 105 GLU A N   1 
ATOM   725  C  CA  . GLU A 1 105 ? 1.618   -15.008 8.193   1.00 29.03 ? 105 GLU A CA  1 
ATOM   726  C  C   . GLU A 1 105 ? 1.359   -16.514 8.162   1.00 29.35 ? 105 GLU A C   1 
ATOM   727  O  O   . GLU A 1 105 ? 2.148   -17.267 7.597   1.00 30.25 ? 105 GLU A O   1 
ATOM   728  C  CB  . GLU A 1 105 ? 2.382   -14.667 9.477   1.00 28.15 ? 105 GLU A CB  1 
ATOM   729  C  CG  . GLU A 1 105 ? 3.124   -13.368 9.477   1.00 30.12 ? 105 GLU A CG  1 
ATOM   730  C  CD  . GLU A 1 105 ? 3.833   -13.083 10.818  1.00 30.69 ? 105 GLU A CD  1 
ATOM   731  O  OE1 . GLU A 1 105 ? 3.943   -13.998 11.663  1.00 34.40 ? 105 GLU A OE1 1 
ATOM   732  O  OE2 . GLU A 1 105 ? 4.290   -11.945 11.034  1.00 31.88 ? 105 GLU A OE2 1 
ATOM   733  N  N   . ASP A 1 106 ? 0.260   -16.969 8.767   1.00 29.85 ? 106 ASP A N   1 
ATOM   734  C  CA  . ASP A 1 106 ? -0.051  -18.392 8.753   1.00 30.02 ? 106 ASP A CA  1 
ATOM   735  C  C   . ASP A 1 106 ? -0.254  -18.977 7.330   1.00 29.95 ? 106 ASP A C   1 
ATOM   736  O  O   . ASP A 1 106 ? 0.210   -20.069 7.000   1.00 30.16 ? 106 ASP A O   1 
ATOM   737  C  CB  . ASP A 1 106 ? -1.271  -18.687 9.647   1.00 30.23 ? 106 ASP A CB  1 
ATOM   738  C  CG  . ASP A 1 106 ? -1.400  -20.170 9.975   1.00 30.38 ? 106 ASP A CG  1 
ATOM   739  O  OD1 . ASP A 1 106 ? -0.427  -20.791 10.453  1.00 30.64 ? 106 ASP A OD1 1 
ATOM   740  O  OD2 . ASP A 1 106 ? -2.464  -20.747 9.717   1.00 32.05 ? 106 ASP A OD2 1 
ATOM   741  N  N   . ILE A 1 107 ? -0.945  -18.233 6.481   1.00 28.74 ? 107 ILE A N   1 
ATOM   742  C  CA  . ILE A 1 107 ? -1.229  -18.658 5.121   1.00 27.92 ? 107 ILE A CA  1 
ATOM   743  C  C   . ILE A 1 107 ? -0.108  -18.260 4.182   1.00 26.81 ? 107 ILE A C   1 
ATOM   744  O  O   . ILE A 1 107 ? 0.135   -18.913 3.178   1.00 26.80 ? 107 ILE A O   1 
ATOM   745  C  CB  . ILE A 1 107 ? -2.523  -17.945 4.587   1.00 28.78 ? 107 ILE A CB  1 
ATOM   746  C  CG1 . ILE A 1 107 ? -3.742  -18.179 5.512   1.00 29.97 ? 107 ILE A CG1 1 
ATOM   747  C  CG2 . ILE A 1 107 ? -2.766  -18.295 3.107   1.00 27.64 ? 107 ILE A CG2 1 
ATOM   748  C  CD1 . ILE A 1 107 ? -4.134  -19.613 5.666   1.00 32.73 ? 107 ILE A CD1 1 
ATOM   749  N  N   . ASN A 1 108 ? 0.544   -17.147 4.484   1.00 25.90 ? 108 ASN A N   1 
ATOM   750  C  CA  . ASN A 1 108 ? 1.572   -16.573 3.583   1.00 26.36 ? 108 ASN A CA  1 
ATOM   751  C  C   . ASN A 1 108 ? 2.871   -16.298 4.365   1.00 26.49 ? 108 ASN A C   1 
ATOM   752  O  O   . ASN A 1 108 ? 3.234   -15.141 4.601   1.00 26.52 ? 108 ASN A O   1 
ATOM   753  C  CB  . ASN A 1 108 ? 1.016   -15.298 2.863   1.00 24.55 ? 108 ASN A CB  1 
ATOM   754  C  CG  . ASN A 1 108 ? 1.933   -14.797 1.796   1.00 24.79 ? 108 ASN A CG  1 
ATOM   755  O  OD1 . ASN A 1 108 ? 3.064   -15.249 1.703   1.00 26.47 ? 108 ASN A OD1 1 
ATOM   756  N  ND2 . ASN A 1 108 ? 1.469   -13.848 0.976   1.00 24.18 ? 108 ASN A ND2 1 
ATOM   757  N  N   . PRO A 1 109 ? 3.572   -17.378 4.801   1.00 27.78 ? 109 PRO A N   1 
ATOM   758  C  CA  . PRO A 1 109 ? 4.757   -17.135 5.640   1.00 28.56 ? 109 PRO A CA  1 
ATOM   759  C  C   . PRO A 1 109 ? 5.870   -16.338 4.935   1.00 29.52 ? 109 PRO A C   1 
ATOM   760  O  O   . PRO A 1 109 ? 6.579   -15.553 5.586   1.00 29.96 ? 109 PRO A O   1 
ATOM   761  C  CB  . PRO A 1 109 ? 5.254   -18.558 6.008   1.00 29.29 ? 109 PRO A CB  1 
ATOM   762  C  CG  . PRO A 1 109 ? 4.548   -19.514 5.090   1.00 28.88 ? 109 PRO A CG  1 
ATOM   763  C  CD  . PRO A 1 109 ? 3.309   -18.814 4.560   1.00 27.00 ? 109 PRO A CD  1 
ATOM   764  N  N   . ASP A 1 110 ? 6.022   -16.542 3.627   1.00 29.52 ? 110 ASP A N   1 
ATOM   765  C  CA  . ASP A 1 110 ? 7.066   -15.882 2.833   1.00 30.55 ? 110 ASP A CA  1 
ATOM   766  C  C   . ASP A 1 110 ? 6.919   -14.366 2.717   1.00 30.48 ? 110 ASP A C   1 
ATOM   767  O  O   . ASP A 1 110 ? 7.928   -13.651 2.767   1.00 30.14 ? 110 ASP A O   1 
ATOM   768  C  CB  . ASP A 1 110 ? 7.076   -16.442 1.416   1.00 31.66 ? 110 ASP A CB  1 
ATOM   769  C  CG  . ASP A 1 110 ? 7.864   -17.723 1.294   1.00 37.36 ? 110 ASP A CG  1 
ATOM   770  O  OD1 . ASP A 1 110 ? 7.741   -18.636 2.160   1.00 39.99 ? 110 ASP A OD1 1 
ATOM   771  O  OD2 . ASP A 1 110 ? 8.621   -17.811 0.298   1.00 44.69 ? 110 ASP A OD2 1 
ATOM   772  N  N   . LYS A 1 111 ? 5.684   -13.872 2.528   1.00 29.13 ? 111 LYS A N   1 
ATOM   773  C  CA  . LYS A 1 111 ? 5.467   -12.435 2.298   1.00 28.56 ? 111 LYS A CA  1 
ATOM   774  C  C   . LYS A 1 111 ? 4.344   -11.782 3.111   1.00 26.94 ? 111 LYS A C   1 
ATOM   775  O  O   . LYS A 1 111 ? 4.164   -10.578 3.016   1.00 26.96 ? 111 LYS A O   1 
ATOM   776  C  CB  . LYS A 1 111 ? 5.228   -12.151 0.802   1.00 29.13 ? 111 LYS A CB  1 
ATOM   777  C  CG  . LYS A 1 111 ? 6.350   -12.539 -0.164  1.00 29.59 ? 111 LYS A CG  1 
ATOM   778  C  CD  . LYS A 1 111 ? 6.171   -11.853 -1.554  1.00 31.57 ? 111 LYS A CD  1 
ATOM   779  C  CE  . LYS A 1 111 ? 5.046   -12.491 -2.432  1.00 36.47 ? 111 LYS A CE  1 
ATOM   780  N  NZ  . LYS A 1 111 ? 4.551   -11.797 -3.746  1.00 34.11 ? 111 LYS A NZ  1 
ATOM   781  N  N   . GLY A 1 112 ? 3.603   -12.541 3.916   1.00 25.52 ? 112 GLY A N   1 
ATOM   782  C  CA  . GLY A 1 112 ? 2.418   -11.996 4.608   1.00 24.63 ? 112 GLY A CA  1 
ATOM   783  C  C   . GLY A 1 112 ? 2.736   -10.913 5.629   1.00 24.38 ? 112 GLY A C   1 
ATOM   784  O  O   . GLY A 1 112 ? 3.545   -11.128 6.541   1.00 23.22 ? 112 GLY A O   1 
ATOM   785  N  N   . GLU A 1 113 ? 2.162   -9.725  5.437   1.00 22.44 ? 113 GLU A N   1 
ATOM   786  C  CA  . GLU A 1 113 ? 2.379   -8.620  6.368   1.00 22.47 ? 113 GLU A CA  1 
ATOM   787  C  C   . GLU A 1 113 ? 1.118   -7.777  6.519   1.00 22.05 ? 113 GLU A C   1 
ATOM   788  O  O   . GLU A 1 113 ? 0.285   -7.771  5.636   1.00 21.56 ? 113 GLU A O   1 
ATOM   789  C  CB  . GLU A 1 113 ? 3.449   -7.692  5.843   1.00 22.67 ? 113 GLU A CB  1 
ATOM   790  C  CG  . GLU A 1 113 ? 4.900   -8.271  5.774   1.00 24.25 ? 113 GLU A CG  1 
ATOM   791  C  CD  . GLU A 1 113 ? 5.861   -7.153  5.720   1.00 26.46 ? 113 GLU A CD  1 
ATOM   792  O  OE1 . GLU A 1 113 ? 5.804   -6.294  6.647   1.00 30.37 ? 113 GLU A OE1 1 
ATOM   793  O  OE2 . GLU A 1 113 ? 6.632   -7.102  4.739   1.00 29.45 ? 113 GLU A OE2 1 
ATOM   794  N  N   . ILE A 1 114 ? 1.001   -7.083  7.648   1.00 21.70 ? 114 ILE A N   1 
ATOM   795  C  CA  . ILE A 1 114 ? 0.026   -6.025  7.849   1.00 23.37 ? 114 ILE A CA  1 
ATOM   796  C  C   . ILE A 1 114 ? 0.696   -4.660  7.661   1.00 23.94 ? 114 ILE A C   1 
ATOM   797  O  O   . ILE A 1 114 ? 1.891   -4.465  8.014   1.00 24.93 ? 114 ILE A O   1 
ATOM   798  C  CB  . ILE A 1 114 ? -0.602  -6.122  9.268   1.00 22.71 ? 114 ILE A CB  1 
ATOM   799  C  CG1 . ILE A 1 114 ? -1.280  -7.484  9.461   1.00 23.26 ? 114 ILE A CG1 1 
ATOM   800  C  CG2 . ILE A 1 114 ? -1.550  -4.915  9.587   1.00 23.65 ? 114 ILE A CG2 1 
ATOM   801  C  CD1 . ILE A 1 114 ? -2.415  -7.842  8.402   1.00 22.91 ? 114 ILE A CD1 1 
ATOM   802  N  N   . GLN A 1 115 ? -0.075  -3.731  7.109   1.00 24.04 ? 115 GLN A N   1 
ATOM   803  C  CA  . GLN A 1 115 ? 0.345   -2.321  6.981   1.00 24.20 ? 115 GLN A CA  1 
ATOM   804  C  C   . GLN A 1 115 ? -0.661  -1.494  7.739   1.00 23.97 ? 115 GLN A C   1 
ATOM   805  O  O   . GLN A 1 115 ? -1.859  -1.748  7.662   1.00 24.15 ? 115 GLN A O   1 
ATOM   806  C  CB  . GLN A 1 115 ? 0.365   -1.850  5.520   1.00 24.39 ? 115 GLN A CB  1 
ATOM   807  C  CG  . GLN A 1 115 ? 0.937   -2.829  4.493   1.00 23.45 ? 115 GLN A CG  1 
ATOM   808  C  CD  . GLN A 1 115 ? 0.749   -2.276  3.103   1.00 23.99 ? 115 GLN A CD  1 
ATOM   809  O  OE1 . GLN A 1 115 ? -0.370  -2.176  2.636   1.00 21.86 ? 115 GLN A OE1 1 
ATOM   810  N  NE2 . GLN A 1 115 ? 1.847   -1.896  2.432   1.00 23.82 ? 115 GLN A NE2 1 
ATOM   811  N  N   . VAL A 1 116 ? -0.180  -0.524  8.524   1.00 24.32 ? 116 VAL A N   1 
ATOM   812  C  CA  . VAL A 1 116 ? -1.087  0.376   9.254   1.00 24.34 ? 116 VAL A CA  1 
ATOM   813  C  C   . VAL A 1 116 ? -1.429  1.581   8.407   1.00 24.15 ? 116 VAL A C   1 
ATOM   814  O  O   . VAL A 1 116 ? -0.531  2.348   7.995   1.00 24.95 ? 116 VAL A O   1 
ATOM   815  C  CB  . VAL A 1 116 ? -0.507  0.852   10.641  1.00 24.67 ? 116 VAL A CB  1 
ATOM   816  C  CG1 . VAL A 1 116 ? -1.564  1.645   11.411  1.00 24.30 ? 116 VAL A CG1 1 
ATOM   817  C  CG2 . VAL A 1 116 ? -0.092  -0.365  11.482  1.00 24.66 ? 116 VAL A CG2 1 
ATOM   818  N  N   . GLU A 1 117 ? -2.719  1.747   8.135   1.00 22.73 ? 117 GLU A N   1 
ATOM   819  C  CA  . GLU A 1 117 ? -3.236  2.925   7.429   1.00 22.39 ? 117 GLU A CA  1 
ATOM   820  C  C   . GLU A 1 117 ? -3.397  4.073   8.412   1.00 22.90 ? 117 GLU A C   1 
ATOM   821  O  O   . GLU A 1 117 ? -4.195  3.987   9.352   1.00 23.09 ? 117 GLU A O   1 
ATOM   822  C  CB  . GLU A 1 117 ? -4.562  2.628   6.707   1.00 22.77 ? 117 GLU A CB  1 
ATOM   823  C  CG  . GLU A 1 117 ? -4.428  2.005   5.301   1.00 23.56 ? 117 GLU A CG  1 
ATOM   824  C  CD  . GLU A 1 117 ? -4.106  3.085   4.226   1.00 26.42 ? 117 GLU A CD  1 
ATOM   825  O  OE1 . GLU A 1 117 ? -3.805  4.226   4.621   1.00 27.03 ? 117 GLU A OE1 1 
ATOM   826  O  OE2 . GLU A 1 117 ? -4.094  2.803   3.014   1.00 29.88 ? 117 GLU A OE2 1 
ATOM   827  N  N   . LEU A 1 118 ? -2.676  5.167   8.138   1.00 24.47 ? 118 LEU A N   1 
ATOM   828  C  CA  . LEU A 1 118 ? -2.592  6.329   9.059   1.00 24.39 ? 118 LEU A CA  1 
ATOM   829  C  C   . LEU A 1 118 ? -3.637  7.399   8.759   1.00 24.09 ? 118 LEU A C   1 
ATOM   830  O  O   . LEU A 1 118 ? -3.515  8.126   7.795   1.00 25.84 ? 118 LEU A O   1 
ATOM   831  C  CB  . LEU A 1 118 ? -1.186  6.932   9.010   1.00 22.91 ? 118 LEU A CB  1 
ATOM   832  C  CG  . LEU A 1 118 ? -0.017  6.036   9.407   1.00 24.65 ? 118 LEU A CG  1 
ATOM   833  C  CD1 . LEU A 1 118 ? 1.305   6.753   9.268   1.00 24.00 ? 118 LEU A CD1 1 
ATOM   834  C  CD2 . LEU A 1 118 ? -0.244  5.505   10.824  1.00 23.46 ? 118 LEU A CD2 1 
ATOM   835  N  N   . TYR A 1 119 ? -4.656  7.480   9.595   1.00 24.29 ? 119 TYR A N   1 
ATOM   836  C  CA  . TYR A 1 119 ? -5.788  8.439   9.477   1.00 25.53 ? 119 TYR A CA  1 
ATOM   837  C  C   . TYR A 1 119 ? -6.046  9.108   10.829  1.00 26.42 ? 119 TYR A C   1 
ATOM   838  O  O   . TYR A 1 119 ? -5.962  8.447   11.876  1.00 26.62 ? 119 TYR A O   1 
ATOM   839  C  CB  . TYR A 1 119 ? -7.128  7.771   8.996   1.00 24.66 ? 119 TYR A CB  1 
ATOM   840  C  CG  . TYR A 1 119 ? -7.154  7.498   7.494   1.00 25.30 ? 119 TYR A CG  1 
ATOM   841  C  CD1 . TYR A 1 119 ? -7.796  8.368   6.614   1.00 27.11 ? 119 TYR A CD1 1 
ATOM   842  C  CD2 . TYR A 1 119 ? -6.473  6.399   6.953   1.00 26.65 ? 119 TYR A CD2 1 
ATOM   843  C  CE1 . TYR A 1 119 ? -7.725  8.149   5.218   1.00 27.58 ? 119 TYR A CE1 1 
ATOM   844  C  CE2 . TYR A 1 119 ? -6.437  6.150   5.565   1.00 23.24 ? 119 TYR A CE2 1 
ATOM   845  C  CZ  . TYR A 1 119 ? -7.063  7.030   4.719   1.00 23.23 ? 119 TYR A CZ  1 
ATOM   846  O  OH  . TYR A 1 119 ? -7.045  6.796   3.372   1.00 25.92 ? 119 TYR A OH  1 
ATOM   847  N  N   . GLY A 1 120 ? -6.426  10.374  10.801  1.00 28.12 ? 120 GLY A N   1 
ATOM   848  C  CA  . GLY A 1 120 ? -6.814  11.076  12.030  1.00 32.24 ? 120 GLY A CA  1 
ATOM   849  C  C   . GLY A 1 120 ? -5.663  11.235  13.014  1.00 34.05 ? 120 GLY A C   1 
ATOM   850  O  O   . GLY A 1 120 ? -4.485  11.258  12.610  1.00 33.51 ? 120 GLY A O   1 
ATOM   851  N  N   . ASP A 1 121 ? -5.997  11.327  14.303  1.00 35.24 ? 121 ASP A N   1 
ATOM   852  C  CA  . ASP A 1 121 ? -5.009  11.696  15.319  1.00 37.17 ? 121 ASP A CA  1 
ATOM   853  C  C   . ASP A 1 121 ? -4.307  10.507  15.962  1.00 37.56 ? 121 ASP A C   1 
ATOM   854  O  O   . ASP A 1 121 ? -4.544  10.224  17.133  1.00 39.15 ? 121 ASP A O   1 
ATOM   855  C  CB  . ASP A 1 121 ? -5.649  12.554  16.437  1.00 38.12 ? 121 ASP A CB  1 
ATOM   856  C  CG  . ASP A 1 121 ? -6.165  13.909  15.939  1.00 40.98 ? 121 ASP A CG  1 
ATOM   857  O  OD1 . ASP A 1 121 ? -5.446  14.605  15.178  1.00 43.07 ? 121 ASP A OD1 1 
ATOM   858  O  OD2 . ASP A 1 121 ? -7.302  14.288  16.332  1.00 46.13 ? 121 ASP A OD2 1 
ATOM   859  N  N   . TRP A 1 122 ? -3.418  9.849   15.225  1.00 36.67 ? 122 TRP A N   1 
ATOM   860  C  CA  . TRP A 1 122 ? -2.570  8.767   15.735  1.00 35.49 ? 122 TRP A CA  1 
ATOM   861  C  C   . TRP A 1 122 ? -1.350  9.359   16.442  1.00 35.87 ? 122 TRP A C   1 
ATOM   862  O  O   . TRP A 1 122 ? -0.962  10.510  16.173  1.00 36.91 ? 122 TRP A O   1 
ATOM   863  C  CB  . TRP A 1 122 ? -2.116  7.850   14.571  1.00 33.96 ? 122 TRP A CB  1 
ATOM   864  C  CG  . TRP A 1 122 ? -1.354  8.565   13.499  1.00 33.09 ? 122 TRP A CG  1 
ATOM   865  C  CD1 . TRP A 1 122 ? -1.871  9.255   12.444  1.00 31.69 ? 122 TRP A CD1 1 
ATOM   866  C  CD2 . TRP A 1 122 ? 0.083   8.665   13.383  1.00 30.87 ? 122 TRP A CD2 1 
ATOM   867  N  NE1 . TRP A 1 122 ? -0.844  9.762   11.654  1.00 29.74 ? 122 TRP A NE1 1 
ATOM   868  C  CE2 . TRP A 1 122 ? 0.359   9.428   12.222  1.00 30.77 ? 122 TRP A CE2 1 
ATOM   869  C  CE3 . TRP A 1 122 ? 1.158   8.187   14.153  1.00 30.35 ? 122 TRP A CE3 1 
ATOM   870  C  CZ2 . TRP A 1 122 ? 1.677   9.729   11.807  1.00 30.32 ? 122 TRP A CZ2 1 
ATOM   871  C  CZ3 . TRP A 1 122 ? 2.460   8.498   13.757  1.00 30.84 ? 122 TRP A CZ3 1 
ATOM   872  C  CH2 . TRP A 1 122 ? 2.703   9.253   12.578  1.00 31.15 ? 122 TRP A CH2 1 
ATOM   873  N  N   . THR A 1 123 ? -0.722  8.579   17.316  1.00 35.32 ? 123 THR A N   1 
ATOM   874  C  CA  . THR A 1 123 ? 0.427   9.064   18.067  1.00 35.68 ? 123 THR A CA  1 
ATOM   875  C  C   . THR A 1 123 ? 1.639   8.175   17.812  1.00 35.45 ? 123 THR A C   1 
ATOM   876  O  O   . THR A 1 123 ? 1.485   7.048   17.322  1.00 35.88 ? 123 THR A O   1 
ATOM   877  C  CB  . THR A 1 123 ? 0.126   9.138   19.590  1.00 34.83 ? 123 THR A CB  1 
ATOM   878  O  OG1 . THR A 1 123 ? 0.127   7.823   20.147  1.00 36.17 ? 123 THR A OG1 1 
ATOM   879  C  CG2 . THR A 1 123 ? -1.248  9.771   19.857  1.00 35.02 ? 123 THR A CG2 1 
ATOM   880  N  N   . TYR A 1 124 ? 2.829   8.684   18.140  1.00 34.33 ? 124 TYR A N   1 
ATOM   881  C  CA  . TYR A 1 124 ? 4.060   7.898   18.101  1.00 33.40 ? 124 TYR A CA  1 
ATOM   882  C  C   . TYR A 1 124 ? 4.179   6.813   19.165  1.00 33.25 ? 124 TYR A C   1 
ATOM   883  O  O   . TYR A 1 124 ? 4.866   5.815   18.919  1.00 32.05 ? 124 TYR A O   1 
ATOM   884  C  CB  . TYR A 1 124 ? 5.308   8.792   18.129  1.00 33.95 ? 124 TYR A CB  1 
ATOM   885  C  CG  . TYR A 1 124 ? 5.490   9.646   16.896  1.00 34.64 ? 124 TYR A CG  1 
ATOM   886  C  CD1 . TYR A 1 124 ? 5.818   9.069   15.663  1.00 33.64 ? 124 TYR A CD1 1 
ATOM   887  C  CD2 . TYR A 1 124 ? 5.330   11.033  16.961  1.00 36.36 ? 124 TYR A CD2 1 
ATOM   888  C  CE1 . TYR A 1 124 ? 5.987   9.849   14.516  1.00 34.45 ? 124 TYR A CE1 1 
ATOM   889  C  CE2 . TYR A 1 124 ? 5.496   11.842  15.808  1.00 37.17 ? 124 TYR A CE2 1 
ATOM   890  C  CZ  . TYR A 1 124 ? 5.821   11.236  14.591  1.00 35.19 ? 124 TYR A CZ  1 
ATOM   891  O  OH  . TYR A 1 124 ? 6.000   12.019  13.462  1.00 34.11 ? 124 TYR A OH  1 
ATOM   892  N  N   . ASP A 1 125 ? 3.524   6.968   20.335  1.00 34.24 ? 125 ASP A N   1 
ATOM   893  C  CA  . ASP A 1 125 ? 3.429   5.810   21.250  1.00 34.27 ? 125 ASP A CA  1 
ATOM   894  C  C   . ASP A 1 125 ? 2.593   4.676   20.632  1.00 34.27 ? 125 ASP A C   1 
ATOM   895  O  O   . ASP A 1 125 ? 2.924   3.500   20.828  1.00 34.60 ? 125 ASP A O   1 
ATOM   896  C  CB  . ASP A 1 125 ? 2.891   6.105   22.667  1.00 34.91 ? 125 ASP A CB  1 
ATOM   897  C  CG  . ASP A 1 125 ? 2.938   4.824   23.606  1.00 36.78 ? 125 ASP A CG  1 
ATOM   898  O  OD1 . ASP A 1 125 ? 3.914   4.044   23.466  1.00 41.04 ? 125 ASP A OD1 1 
ATOM   899  O  OD2 . ASP A 1 125 ? 2.016   4.573   24.462  1.00 40.26 ? 125 ASP A OD2 1 
ATOM   900  N  N   . GLN A 1 126 ? 1.493   5.025   19.966  1.00 34.28 ? 126 GLN A N   1 
ATOM   901  C  CA  . GLN A 1 126 ? 0.687   4.020   19.233  1.00 34.47 ? 126 GLN A CA  1 
ATOM   902  C  C   . GLN A 1 126 ? 1.597   3.316   18.238  1.00 33.71 ? 126 GLN A C   1 
ATOM   903  O  O   . GLN A 1 126 ? 1.698   2.097   18.248  1.00 33.60 ? 126 GLN A O   1 
ATOM   904  C  CB  . GLN A 1 126 ? -0.471  4.665   18.498  1.00 34.62 ? 126 GLN A CB  1 
ATOM   905  C  CG  . GLN A 1 126 ? -1.647  5.019   19.399  1.00 37.38 ? 126 GLN A CG  1 
ATOM   906  C  CD  . GLN A 1 126 ? -2.709  5.844   18.691  1.00 41.01 ? 126 GLN A CD  1 
ATOM   907  O  OE1 . GLN A 1 126 ? -2.713  5.931   17.475  1.00 45.43 ? 126 GLN A OE1 1 
ATOM   908  N  NE2 . GLN A 1 126 ? -3.635  6.438   19.457  1.00 43.21 ? 126 GLN A NE2 1 
ATOM   909  N  N   . ALA A 1 127 ? 2.326   4.107   17.447  1.00 33.57 ? 127 ALA A N   1 
ATOM   910  C  CA  . ALA A 1 127 ? 3.204   3.585   16.428  1.00 32.73 ? 127 ALA A CA  1 
ATOM   911  C  C   . ALA A 1 127 ? 4.210   2.594   16.967  1.00 33.03 ? 127 ALA A C   1 
ATOM   912  O  O   . ALA A 1 127 ? 4.427   1.546   16.364  1.00 32.81 ? 127 ALA A O   1 
ATOM   913  C  CB  . ALA A 1 127 ? 3.901   4.737   15.665  1.00 33.39 ? 127 ALA A CB  1 
ATOM   914  N  N   . GLN A 1 128 ? 4.830   2.903   18.109  1.00 32.53 ? 128 GLN A N   1 
ATOM   915  C  CA  . GLN A 1 128 ? 5.728   1.954   18.756  1.00 32.42 ? 128 GLN A CA  1 
ATOM   916  C  C   . GLN A 1 128 ? 5.004   0.677   19.212  1.00 31.81 ? 128 GLN A C   1 
ATOM   917  O  O   . GLN A 1 128 ? 5.591   -0.400  19.194  1.00 31.43 ? 128 GLN A O   1 
ATOM   918  C  CB  . GLN A 1 128 ? 6.470   2.586   19.961  1.00 32.42 ? 128 GLN A CB  1 
ATOM   919  C  CG  . GLN A 1 128 ? 7.502   1.634   20.584  1.00 33.64 ? 128 GLN A CG  1 
ATOM   920  C  CD  . GLN A 1 128 ? 8.673   1.343   19.644  1.00 35.46 ? 128 GLN A CD  1 
ATOM   921  O  OE1 . GLN A 1 128 ? 9.168   2.247   18.972  1.00 38.29 ? 128 GLN A OE1 1 
ATOM   922  N  NE2 . GLN A 1 128 ? 9.118   0.086   19.597  1.00 34.70 ? 128 GLN A NE2 1 
ATOM   923  N  N   . GLN A 1 129 ? 3.757   0.797   19.662  1.00 32.11 ? 129 GLN A N   1 
ATOM   924  C  CA  . GLN A 1 129 ? 2.965   -0.395  19.979  1.00 32.96 ? 129 GLN A CA  1 
ATOM   925  C  C   . GLN A 1 129 ? 2.775   -1.294  18.719  1.00 32.21 ? 129 GLN A C   1 
ATOM   926  O  O   . GLN A 1 129 ? 2.692   -2.523  18.838  1.00 31.79 ? 129 GLN A O   1 
ATOM   927  C  CB  . GLN A 1 129 ? 1.604   -0.047  20.647  1.00 32.98 ? 129 GLN A CB  1 
ATOM   928  C  CG  . GLN A 1 129 ? 1.668   0.656   22.013  1.00 34.24 ? 129 GLN A CG  1 
ATOM   929  C  CD  . GLN A 1 129 ? 0.323   1.297   22.472  1.00 35.86 ? 129 GLN A CD  1 
ATOM   930  O  OE1 . GLN A 1 129 ? -0.751  0.982   21.963  1.00 39.26 ? 129 GLN A OE1 1 
ATOM   931  N  NE2 . GLN A 1 129 ? 0.404   2.190   23.467  1.00 41.03 ? 129 GLN A NE2 1 
ATOM   932  N  N   . TRP A 1 130 ? 2.709   -0.695  17.525  1.00 31.99 ? 130 TRP A N   1 
ATOM   933  C  CA  . TRP A 1 130 ? 2.544   -1.491  16.281  1.00 31.99 ? 130 TRP A CA  1 
ATOM   934  C  C   . TRP A 1 130 ? 3.810   -2.278  15.996  1.00 32.76 ? 130 TRP A C   1 
ATOM   935  O  O   . TRP A 1 130 ? 3.749   -3.448  15.621  1.00 33.80 ? 130 TRP A O   1 
ATOM   936  C  CB  . TRP A 1 130 ? 2.170   -0.630  15.058  1.00 30.73 ? 130 TRP A CB  1 
ATOM   937  C  CG  . TRP A 1 130 ? 0.942   0.204   15.263  1.00 27.93 ? 130 TRP A CG  1 
ATOM   938  C  CD1 . TRP A 1 130 ? -0.148  -0.117  15.996  1.00 25.74 ? 130 TRP A CD1 1 
ATOM   939  C  CD2 . TRP A 1 130 ? 0.684   1.490   14.688  1.00 25.97 ? 130 TRP A CD2 1 
ATOM   940  N  NE1 . TRP A 1 130 ? -1.075  0.907   15.952  1.00 24.51 ? 130 TRP A NE1 1 
ATOM   941  C  CE2 . TRP A 1 130 ? -0.583  1.911   15.162  1.00 25.90 ? 130 TRP A CE2 1 
ATOM   942  C  CE3 . TRP A 1 130 ? 1.428   2.356   13.852  1.00 26.02 ? 130 TRP A CE3 1 
ATOM   943  C  CZ2 . TRP A 1 130 ? -1.141  3.160   14.819  1.00 28.43 ? 130 TRP A CZ2 1 
ATOM   944  C  CZ3 . TRP A 1 130 ? 0.878   3.587   13.502  1.00 27.20 ? 130 TRP A CZ3 1 
ATOM   945  C  CH2 . TRP A 1 130 ? -0.386  3.989   13.995  1.00 28.96 ? 130 TRP A CH2 1 
ATOM   946  N  N   . LEU A 1 131 ? 4.952   -1.628  16.199  1.00 33.69 ? 131 LEU A N   1 
ATOM   947  C  CA  . LEU A 1 131 ? 6.257   -2.231  16.035  1.00 33.70 ? 131 LEU A CA  1 
ATOM   948  C  C   . LEU A 1 131 ? 6.429   -3.416  16.993  1.00 33.79 ? 131 LEU A C   1 
ATOM   949  O  O   . LEU A 1 131 ? 6.851   -4.490  16.586  1.00 33.73 ? 131 LEU A O   1 
ATOM   950  C  CB  . LEU A 1 131 ? 7.347   -1.179  16.251  1.00 33.44 ? 131 LEU A CB  1 
ATOM   951  C  CG  . LEU A 1 131 ? 7.555   -0.127  15.138  1.00 33.84 ? 131 LEU A CG  1 
ATOM   952  C  CD1 . LEU A 1 131 ? 8.536   0.954   15.586  1.00 32.58 ? 131 LEU A CD1 1 
ATOM   953  C  CD2 . LEU A 1 131 ? 7.998   -0.724  13.783  1.00 32.56 ? 131 LEU A CD2 1 
ATOM   954  N  N   . ASP A 1 132 ? 6.064   -3.217  18.258  1.00 34.67 ? 132 ASP A N   1 
ATOM   955  C  CA  . ASP A 1 132 ? 6.116   -4.281  19.260  1.00 35.52 ? 132 ASP A CA  1 
ATOM   956  C  C   . ASP A 1 132 ? 5.185   -5.440  18.972  1.00 36.13 ? 132 ASP A C   1 
ATOM   957  O  O   . ASP A 1 132 ? 5.470   -6.563  19.392  1.00 37.31 ? 132 ASP A O   1 
ATOM   958  C  CB  . ASP A 1 132 ? 5.760   -3.721  20.624  1.00 36.01 ? 132 ASP A CB  1 
ATOM   959  C  CG  . ASP A 1 132 ? 6.816   -2.806  21.166  1.00 36.85 ? 132 ASP A CG  1 
ATOM   960  O  OD1 . ASP A 1 132 ? 7.908   -2.687  20.560  1.00 39.26 ? 132 ASP A OD1 1 
ATOM   961  O  OD2 . ASP A 1 132 ? 6.536   -2.200  22.212  1.00 40.86 ? 132 ASP A OD2 1 
ATOM   962  N  N   . ALA A 1 133 ? 4.056   -5.148  18.310  1.00 34.88 ? 133 ALA A N   1 
ATOM   963  C  CA  . ALA A 1 133 ? 3.117   -6.160  17.804  1.00 34.96 ? 133 ALA A CA  1 
ATOM   964  C  C   . ALA A 1 133 ? 3.630   -6.901  16.546  1.00 34.59 ? 133 ALA A C   1 
ATOM   965  O  O   . ALA A 1 133 ? 2.902   -7.708  15.966  1.00 35.25 ? 133 ALA A O   1 
ATOM   966  C  CB  . ALA A 1 133 ? 1.727   -5.505  17.533  1.00 33.24 ? 133 ALA A CB  1 
ATOM   967  N  N   . GLY A 1 134 ? 4.861   -6.622  16.114  1.00 34.50 ? 134 GLY A N   1 
ATOM   968  C  CA  . GLY A 1 134 ? 5.430   -7.266  14.924  1.00 34.80 ? 134 GLY A CA  1 
ATOM   969  C  C   . GLY A 1 134 ? 5.032   -6.648  13.589  1.00 35.00 ? 134 GLY A C   1 
ATOM   970  O  O   . GLY A 1 134 ? 5.203   -7.268  12.542  1.00 35.75 ? 134 GLY A O   1 
ATOM   971  N  N   . ILE A 1 135 ? 4.524   -5.416  13.615  1.00 34.49 ? 135 ILE A N   1 
ATOM   972  C  CA  . ILE A 1 135 ? 4.019   -4.741  12.405  1.00 33.74 ? 135 ILE A CA  1 
ATOM   973  C  C   . ILE A 1 135 ? 4.877   -3.511  12.076  1.00 32.61 ? 135 ILE A C   1 
ATOM   974  O  O   . ILE A 1 135 ? 4.966   -2.579  12.882  1.00 33.41 ? 135 ILE A O   1 
ATOM   975  C  CB  . ILE A 1 135 ? 2.526   -4.356  12.569  1.00 33.14 ? 135 ILE A CB  1 
ATOM   976  C  CG1 . ILE A 1 135 ? 1.670   -5.632  12.619  1.00 35.19 ? 135 ILE A CG1 1 
ATOM   977  C  CG2 . ILE A 1 135 ? 2.026   -3.428  11.430  1.00 32.17 ? 135 ILE A CG2 1 
ATOM   978  C  CD1 . ILE A 1 135 ? 0.349   -5.442  13.239  1.00 31.12 ? 135 ILE A CD1 1 
ATOM   979  N  N   . SER A 1 136 ? 5.510   -3.501  10.905  1.00 31.55 ? 136 SER A N   1 
ATOM   980  C  CA  . SER A 1 136 ? 6.494   -2.464  10.612  1.00 29.92 ? 136 SER A CA  1 
ATOM   981  C  C   . SER A 1 136 ? 6.307   -1.777  9.257   1.00 29.72 ? 136 SER A C   1 
ATOM   982  O  O   . SER A 1 136 ? 7.288   -1.303  8.646   1.00 28.23 ? 136 SER A O   1 
ATOM   983  C  CB  . SER A 1 136 ? 7.915   -3.030  10.748  1.00 30.41 ? 136 SER A CB  1 
ATOM   984  O  OG  . SER A 1 136 ? 8.077   -4.182  9.953   1.00 30.19 ? 136 SER A OG  1 
ATOM   985  N  N   . GLN A 1 137 ? 5.059   -1.754  8.770   1.00 28.43 ? 137 GLN A N   1 
ATOM   986  C  CA  . GLN A 1 137 ? 4.709   -0.963  7.595   1.00 27.19 ? 137 GLN A CA  1 
ATOM   987  C  C   . GLN A 1 137 ? 3.620   0.015   7.945   1.00 27.14 ? 137 GLN A C   1 
ATOM   988  O  O   . GLN A 1 137 ? 2.679   -0.323  8.665   1.00 27.67 ? 137 GLN A O   1 
ATOM   989  C  CB  . GLN A 1 137 ? 4.218   -1.859  6.435   1.00 27.79 ? 137 GLN A CB  1 
ATOM   990  C  CG  . GLN A 1 137 ? 5.310   -2.595  5.675   1.00 26.27 ? 137 GLN A CG  1 
ATOM   991  C  CD  . GLN A 1 137 ? 4.859   -3.058  4.293   1.00 26.10 ? 137 GLN A CD  1 
ATOM   992  O  OE1 . GLN A 1 137 ? 4.436   -2.251  3.447   1.00 27.38 ? 137 GLN A OE1 1 
ATOM   993  N  NE2 . GLN A 1 137 ? 4.968   -4.339  4.050   1.00 25.98 ? 137 GLN A NE2 1 
ATOM   994  N  N   . ALA A 1 138 ? 3.715   1.226   7.416   1.00 26.57 ? 138 ALA A N   1 
ATOM   995  C  CA  . ALA A 1 138 ? 2.693   2.250   7.659   1.00 26.01 ? 138 ALA A CA  1 
ATOM   996  C  C   . ALA A 1 138 ? 2.467   3.054   6.404   1.00 26.45 ? 138 ALA A C   1 
ATOM   997  O  O   . ALA A 1 138 ? 3.417   3.310   5.624   1.00 25.98 ? 138 ALA A O   1 
ATOM   998  C  CB  . ALA A 1 138 ? 3.113   3.177   8.826   1.00 24.71 ? 138 ALA A CB  1 
ATOM   999  N  N   . ILE A 1 139 ? 1.217   3.469   6.201   1.00 26.85 ? 139 ILE A N   1 
ATOM   1000 C  CA  . ILE A 1 139 ? 0.837   4.226   5.003   1.00 27.00 ? 139 ILE A CA  1 
ATOM   1001 C  C   . ILE A 1 139 ? 0.507   5.659   5.373   1.00 28.06 ? 139 ILE A C   1 
ATOM   1002 O  O   . ILE A 1 139 ? -0.536  5.936   6.018   1.00 28.20 ? 139 ILE A O   1 
ATOM   1003 C  CB  . ILE A 1 139 ? -0.366  3.635   4.236   1.00 25.77 ? 139 ILE A CB  1 
ATOM   1004 C  CG1 . ILE A 1 139 ? -0.317  2.080   4.127   1.00 28.15 ? 139 ILE A CG1 1 
ATOM   1005 C  CG2 . ILE A 1 139 ? -0.568  4.354   2.922   1.00 25.85 ? 139 ILE A CG2 1 
ATOM   1006 C  CD1 . ILE A 1 139 ? 0.895   1.536   3.455   1.00 29.86 ? 139 ILE A CD1 1 
ATOM   1007 N  N   . TYR A 1 140 ? 1.362   6.577   4.907   1.00 28.06 ? 140 TYR A N   1 
ATOM   1008 C  CA  . TYR A 1 140 ? 1.250   7.969   5.267   1.00 29.09 ? 140 TYR A CA  1 
ATOM   1009 C  C   . TYR A 1 140 ? 0.647   8.729   4.104   1.00 29.20 ? 140 TYR A C   1 
ATOM   1010 O  O   . TYR A 1 140 ? 1.100   8.594   2.973   1.00 28.81 ? 140 TYR A O   1 
ATOM   1011 C  CB  . TYR A 1 140 ? 2.619   8.538   5.693   1.00 28.62 ? 140 TYR A CB  1 
ATOM   1012 C  CG  . TYR A 1 140 ? 2.515   9.944   6.248   1.00 30.46 ? 140 TYR A CG  1 
ATOM   1013 C  CD1 . TYR A 1 140 ? 2.470   10.160  7.627   1.00 29.53 ? 140 TYR A CD1 1 
ATOM   1014 C  CD2 . TYR A 1 140 ? 2.427   11.069  5.387   1.00 26.71 ? 140 TYR A CD2 1 
ATOM   1015 C  CE1 . TYR A 1 140 ? 2.336   11.422  8.136   1.00 30.35 ? 140 TYR A CE1 1 
ATOM   1016 C  CE2 . TYR A 1 140 ? 2.278   12.351  5.897   1.00 29.84 ? 140 TYR A CE2 1 
ATOM   1017 C  CZ  . TYR A 1 140 ? 2.254   12.518  7.273   1.00 30.60 ? 140 TYR A CZ  1 
ATOM   1018 O  OH  . TYR A 1 140 ? 2.114   13.774  7.825   1.00 32.06 ? 140 TYR A OH  1 
ATOM   1019 N  N   . HIS A 1 141 ? -0.364  9.548   4.404   1.00 29.39 ? 141 HIS A N   1 
ATOM   1020 C  CA  . HIS A 1 141 ? -1.116  10.320  3.399   1.00 28.90 ? 141 HIS A CA  1 
ATOM   1021 C  C   . HIS A 1 141 ? -0.794  11.822  3.451   1.00 29.80 ? 141 HIS A C   1 
ATOM   1022 O  O   . HIS A 1 141 ? -0.721  12.397  4.529   1.00 29.10 ? 141 HIS A O   1 
ATOM   1023 C  CB  . HIS A 1 141 ? -2.614  10.157  3.664   1.00 28.95 ? 141 HIS A CB  1 
ATOM   1024 C  CG  . HIS A 1 141 ? -3.122  8.780   3.397   1.00 27.96 ? 141 HIS A CG  1 
ATOM   1025 N  ND1 . HIS A 1 141 ? -2.826  7.713   4.217   1.00 28.05 ? 141 HIS A ND1 1 
ATOM   1026 C  CD2 . HIS A 1 141 ? -3.895  8.287   2.397   1.00 29.14 ? 141 HIS A CD2 1 
ATOM   1027 C  CE1 . HIS A 1 141 ? -3.415  6.625   3.748   1.00 28.19 ? 141 HIS A CE1 1 
ATOM   1028 N  NE2 . HIS A 1 141 ? -4.072  6.945   2.650   1.00 29.29 ? 141 HIS A NE2 1 
ATOM   1029 N  N   . GLN A 1 142 ? -0.621  12.451  2.289   1.00 31.71 ? 142 GLN A N   1 
ATOM   1030 C  CA  . GLN A 1 142 ? -0.489  13.918  2.200   1.00 33.56 ? 142 GLN A CA  1 
ATOM   1031 C  C   . GLN A 1 142 ? -1.677  14.602  2.898   1.00 34.19 ? 142 GLN A C   1 
ATOM   1032 O  O   . GLN A 1 142 ? -2.825  14.211  2.701   1.00 31.74 ? 142 GLN A O   1 
ATOM   1033 C  CB  . GLN A 1 142 ? -0.435  14.373  0.735   1.00 32.99 ? 142 GLN A CB  1 
ATOM   1034 C  CG  . GLN A 1 142 ? 0.006   15.842  0.581   1.00 35.76 ? 142 GLN A CG  1 
ATOM   1035 C  CD  . GLN A 1 142 ? 0.011   16.328  -0.852  1.00 36.16 ? 142 GLN A CD  1 
ATOM   1036 O  OE1 . GLN A 1 142 ? -0.853  16.000  -1.661  1.00 40.45 ? 142 GLN A OE1 1 
ATOM   1037 N  NE2 . GLN A 1 142 ? 1.004   17.111  -1.174  1.00 44.69 ? 142 GLN A NE2 1 
ATOM   1038 N  N   . SER A 1 143 ? -1.391  15.625  3.714   1.00 36.56 ? 143 SER A N   1 
ATOM   1039 C  CA  . SER A 1 143 ? -2.453  16.426  4.334   1.00 38.43 ? 143 SER A CA  1 
ATOM   1040 C  C   . SER A 1 143 ? -3.269  17.144  3.257   1.00 39.79 ? 143 SER A C   1 
ATOM   1041 O  O   . SER A 1 143 ? -2.701  17.623  2.270   1.00 40.25 ? 143 SER A O   1 
ATOM   1042 C  CB  . SER A 1 143 ? -1.864  17.447  5.331   1.00 39.03 ? 143 SER A CB  1 
ATOM   1043 O  OG  . SER A 1 143 ? -1.094  16.793  6.345   1.00 38.39 ? 143 SER A OG  1 
ATOM   1044 N  N   . ARG A 1 144 ? -4.590  17.235  3.457   1.00 40.87 ? 144 ARG A N   1 
ATOM   1045 C  CA  . ARG A 1 144 ? -5.515  17.858  2.476   1.00 41.55 ? 144 ARG A CA  1 
ATOM   1046 C  C   . ARG A 1 144 ? -5.966  19.295  2.800   1.00 41.91 ? 144 ARG A C   1 
ATOM   1047 O  O   . ARG A 1 144 ? -5.976  19.714  3.956   1.00 43.59 ? 144 ARG A O   1 
ATOM   1048 C  CB  . ARG A 1 144 ? -6.717  16.947  2.225   1.00 40.56 ? 144 ARG A CB  1 
ATOM   1049 C  CG  . ARG A 1 144 ? -6.276  15.557  1.789   1.00 40.06 ? 144 ARG A CG  1 
ATOM   1050 C  CD  . ARG A 1 144 ? -7.407  14.633  1.398   1.00 39.44 ? 144 ARG A CD  1 
ATOM   1051 N  NE  . ARG A 1 144 ? -6.876  13.285  1.180   1.00 36.12 ? 144 ARG A NE  1 
ATOM   1052 C  CZ  . ARG A 1 144 ? -7.601  12.164  1.247   1.00 39.19 ? 144 ARG A CZ  1 
ATOM   1053 N  NH1 . ARG A 1 144 ? -8.911  12.230  1.496   1.00 37.79 ? 144 ARG A NH1 1 
ATOM   1054 N  NH2 . ARG A 1 144 ? -7.014  10.972  1.075   1.00 36.62 ? 144 ARG A NH2 1 
ATOM   1055 N  N   . THR A 1 152 ? 2.059   21.390  -1.287  1.00 47.50 ? 152 THR A N   1 
ATOM   1056 C  CA  . THR A 1 152 ? 2.384   20.018  -1.682  1.00 46.86 ? 152 THR A CA  1 
ATOM   1057 C  C   . THR A 1 152 ? 3.607   19.508  -0.899  1.00 46.02 ? 152 THR A C   1 
ATOM   1058 O  O   . THR A 1 152 ? 4.695   20.094  -0.979  1.00 47.13 ? 152 THR A O   1 
ATOM   1059 C  CB  . THR A 1 152 ? 2.620   19.926  -3.216  1.00 46.79 ? 152 THR A CB  1 
ATOM   1060 N  N   . TRP A 1 153 ? 3.412   18.445  -0.116  1.00 44.48 ? 153 TRP A N   1 
ATOM   1061 C  CA  . TRP A 1 153 ? 4.475   17.804  0.679   1.00 42.18 ? 153 TRP A CA  1 
ATOM   1062 C  C   . TRP A 1 153 ? 5.423   18.814  1.341   1.00 41.99 ? 153 TRP A C   1 
ATOM   1063 O  O   . TRP A 1 153 ? 6.587   18.991  0.946   1.00 42.26 ? 153 TRP A O   1 
ATOM   1064 C  CB  . TRP A 1 153 ? 5.202   16.687  -0.114  1.00 40.66 ? 153 TRP A CB  1 
ATOM   1065 C  CG  . TRP A 1 153 ? 4.287   15.510  -0.392  1.00 38.88 ? 153 TRP A CG  1 
ATOM   1066 C  CD1 . TRP A 1 153 ? 3.618   15.250  -1.553  1.00 38.13 ? 153 TRP A CD1 1 
ATOM   1067 C  CD2 . TRP A 1 153 ? 3.922   14.458  0.525   1.00 37.14 ? 153 TRP A CD2 1 
ATOM   1068 N  NE1 . TRP A 1 153 ? 2.854   14.107  -1.421  1.00 35.92 ? 153 TRP A NE1 1 
ATOM   1069 C  CE2 . TRP A 1 153 ? 3.036   13.594  -0.162  1.00 37.66 ? 153 TRP A CE2 1 
ATOM   1070 C  CE3 . TRP A 1 153 ? 4.278   14.148  1.842   1.00 37.47 ? 153 TRP A CE3 1 
ATOM   1071 C  CZ2 . TRP A 1 153 ? 2.484   12.453  0.438   1.00 36.97 ? 153 TRP A CZ2 1 
ATOM   1072 C  CZ3 . TRP A 1 153 ? 3.719   13.009  2.445   1.00 36.36 ? 153 TRP A CZ3 1 
ATOM   1073 C  CH2 . TRP A 1 153 ? 2.840   12.180  1.734   1.00 37.14 ? 153 TRP A CH2 1 
ATOM   1074 N  N   . GLY A 1 154 ? 4.877   19.495  2.334   1.00 40.86 ? 154 GLY A N   1 
ATOM   1075 C  CA  . GLY A 1 154 ? 5.637   20.433  3.133   1.00 40.91 ? 154 GLY A CA  1 
ATOM   1076 C  C   . GLY A 1 154 ? 6.459   19.715  4.183   1.00 40.20 ? 154 GLY A C   1 
ATOM   1077 O  O   . GLY A 1 154 ? 6.399   18.484  4.330   1.00 39.63 ? 154 GLY A O   1 
ATOM   1078 N  N   . GLU A 1 155 ? 7.202   20.509  4.937   1.00 39.05 ? 155 GLU A N   1 
ATOM   1079 C  CA  . GLU A 1 155 ? 8.119   20.005  5.954   1.00 39.06 ? 155 GLU A CA  1 
ATOM   1080 C  C   . GLU A 1 155 ? 7.426   19.200  7.063   1.00 37.70 ? 155 GLU A C   1 
ATOM   1081 O  O   . GLU A 1 155 ? 8.028   18.281  7.599   1.00 37.49 ? 155 GLU A O   1 
ATOM   1082 C  CB  . GLU A 1 155 ? 8.958   21.175  6.542   1.00 39.27 ? 155 GLU A CB  1 
ATOM   1083 C  CG  . GLU A 1 155 ? 9.839   21.892  5.471   1.00 43.27 ? 155 GLU A CG  1 
ATOM   1084 C  CD  . GLU A 1 155 ? 10.587  20.917  4.543   1.00 48.46 ? 155 GLU A CD  1 
ATOM   1085 O  OE1 . GLU A 1 155 ? 11.461  20.190  5.066   1.00 51.06 ? 155 GLU A OE1 1 
ATOM   1086 O  OE2 . GLU A 1 155 ? 10.315  20.879  3.304   1.00 47.94 ? 155 GLU A OE2 1 
ATOM   1087 N  N   . LYS A 1 156 ? 6.180   19.560  7.393   1.00 36.97 ? 156 LYS A N   1 
ATOM   1088 C  CA  . LYS A 1 156 ? 5.409   18.939  8.468   1.00 36.58 ? 156 LYS A CA  1 
ATOM   1089 C  C   . LYS A 1 156 ? 5.123   17.459  8.204   1.00 36.38 ? 156 LYS A C   1 
ATOM   1090 O  O   . LYS A 1 156 ? 5.252   16.612  9.099   1.00 36.06 ? 156 LYS A O   1 
ATOM   1091 C  CB  . LYS A 1 156 ? 4.094   19.691  8.680   1.00 36.89 ? 156 LYS A CB  1 
ATOM   1092 N  N   . ASP A 1 157 ? 4.698   17.177  6.976   1.00 36.05 ? 157 ASP A N   1 
ATOM   1093 C  CA  . ASP A 1 157 ? 4.488   15.825  6.466   1.00 35.49 ? 157 ASP A CA  1 
ATOM   1094 C  C   . ASP A 1 157 ? 5.794   15.016  6.308   1.00 35.14 ? 157 ASP A C   1 
ATOM   1095 O  O   . ASP A 1 157 ? 5.904   13.891  6.805   1.00 35.01 ? 157 ASP A O   1 
ATOM   1096 C  CB  . ASP A 1 157 ? 3.754   15.919  5.116   1.00 36.33 ? 157 ASP A CB  1 
ATOM   1097 C  CG  . ASP A 1 157 ? 2.231   16.032  5.268   1.00 35.98 ? 157 ASP A CG  1 
ATOM   1098 O  OD1 . ASP A 1 157 ? 1.680   15.634  6.306   1.00 37.48 ? 157 ASP A OD1 1 
ATOM   1099 O  OD2 . ASP A 1 157 ? 1.563   16.502  4.327   1.00 38.02 ? 157 ASP A OD2 1 
ATOM   1100 N  N   . LEU A 1 158 ? 6.779   15.586  5.615   1.00 34.09 ? 158 LEU A N   1 
ATOM   1101 C  CA  . LEU A 1 158 ? 8.063   14.906  5.421   1.00 33.99 ? 158 LEU A CA  1 
ATOM   1102 C  C   . LEU A 1 158 ? 8.754   14.577  6.743   1.00 34.10 ? 158 LEU A C   1 
ATOM   1103 O  O   . LEU A 1 158 ? 9.347   13.517  6.886   1.00 33.96 ? 158 LEU A O   1 
ATOM   1104 C  CB  . LEU A 1 158 ? 9.021   15.725  4.513   1.00 33.85 ? 158 LEU A CB  1 
ATOM   1105 C  CG  . LEU A 1 158 ? 8.539   16.078  3.096   1.00 34.59 ? 158 LEU A CG  1 
ATOM   1106 C  CD1 . LEU A 1 158 ? 9.531   17.012  2.378   1.00 37.03 ? 158 LEU A CD1 1 
ATOM   1107 C  CD2 . LEU A 1 158 ? 8.237   14.823  2.234   1.00 34.34 ? 158 LEU A CD2 1 
ATOM   1108 N  N   . ASN A 1 159 ? 8.693   15.488  7.710   1.00 34.35 ? 159 ASN A N   1 
ATOM   1109 C  CA  . ASN A 1 159 ? 9.258   15.192  9.032   1.00 35.47 ? 159 ASN A CA  1 
ATOM   1110 C  C   . ASN A 1 159 ? 8.596   14.029  9.766   1.00 35.26 ? 159 ASN A C   1 
ATOM   1111 O  O   . ASN A 1 159 ? 9.300   13.218  10.365  1.00 35.28 ? 159 ASN A O   1 
ATOM   1112 C  CB  . ASN A 1 159 ? 9.347   16.436  9.907   1.00 35.95 ? 159 ASN A CB  1 
ATOM   1113 C  CG  . ASN A 1 159 ? 10.386  17.429  9.396   1.00 39.12 ? 159 ASN A CG  1 
ATOM   1114 O  OD1 . ASN A 1 159 ? 10.129  18.629  9.355   1.00 44.66 ? 159 ASN A OD1 1 
ATOM   1115 N  ND2 . ASN A 1 159 ? 11.567  16.937  9.019   1.00 40.00 ? 159 ASN A ND2 1 
ATOM   1116 N  N   . LYS A 1 160 ? 7.264   13.928  9.678   1.00 35.50 ? 160 LYS A N   1 
ATOM   1117 C  CA  . LYS A 1 160 ? 6.524   12.740  10.172  1.00 35.96 ? 160 LYS A CA  1 
ATOM   1118 C  C   . LYS A 1 160 ? 6.938   11.436  9.477   1.00 35.52 ? 160 LYS A C   1 
ATOM   1119 O  O   . LYS A 1 160 ? 7.156   10.414  10.140  1.00 35.34 ? 160 LYS A O   1 
ATOM   1120 C  CB  . LYS A 1 160 ? 4.993   12.938  10.076  1.00 36.39 ? 160 LYS A CB  1 
ATOM   1121 C  CG  . LYS A 1 160 ? 4.456   14.097  10.945  1.00 37.09 ? 160 LYS A CG  1 
ATOM   1122 C  CD  . LYS A 1 160 ? 2.948   14.099  10.883  1.00 40.70 ? 160 LYS A CD  1 
ATOM   1123 C  CE  . LYS A 1 160 ? 2.308   15.082  11.836  1.00 43.00 ? 160 LYS A CE  1 
ATOM   1124 N  NZ  . LYS A 1 160 ? 0.930   14.626  12.309  1.00 43.18 ? 160 LYS A NZ  1 
ATOM   1125 N  N   . VAL A 1 161 ? 7.023   11.478  8.148   1.00 35.02 ? 161 VAL A N   1 
ATOM   1126 C  CA  . VAL A 1 161 ? 7.580   10.383  7.369   1.00 34.52 ? 161 VAL A CA  1 
ATOM   1127 C  C   . VAL A 1 161 ? 8.994   9.993   7.834   1.00 34.89 ? 161 VAL A C   1 
ATOM   1128 O  O   . VAL A 1 161 ? 9.258   8.820   8.066   1.00 35.72 ? 161 VAL A O   1 
ATOM   1129 C  CB  . VAL A 1 161 ? 7.548   10.691  5.831   1.00 34.71 ? 161 VAL A CB  1 
ATOM   1130 C  CG1 . VAL A 1 161 ? 8.331   9.644   5.042   1.00 34.31 ? 161 VAL A CG1 1 
ATOM   1131 C  CG2 . VAL A 1 161 ? 6.077   10.777  5.313   1.00 32.49 ? 161 VAL A CG2 1 
ATOM   1132 N  N   . LYS A 1 162 ? 9.896   10.973  7.973   1.00 34.89 ? 162 LYS A N   1 
ATOM   1133 C  CA  . LYS A 1 162 ? 11.295  10.718  8.327   1.00 34.28 ? 162 LYS A CA  1 
ATOM   1134 C  C   . LYS A 1 162 ? 11.365  10.073  9.715   1.00 33.80 ? 162 LYS A C   1 
ATOM   1135 O  O   . LYS A 1 162 ? 12.150  9.147   9.952   1.00 32.51 ? 162 LYS A O   1 
ATOM   1136 C  CB  . LYS A 1 162 ? 12.092  12.023  8.283   1.00 35.00 ? 162 LYS A CB  1 
ATOM   1137 C  CG  . LYS A 1 162 ? 12.421  12.560  6.876   1.00 34.64 ? 162 LYS A CG  1 
ATOM   1138 C  CD  . LYS A 1 162 ? 13.088  13.977  6.954   1.00 35.47 ? 162 LYS A CD  1 
ATOM   1139 C  CE  . LYS A 1 162 ? 13.108  14.665  5.582   1.00 35.50 ? 162 LYS A CE  1 
ATOM   1140 N  NZ  . LYS A 1 162 ? 13.800  16.002  5.597   1.00 36.67 ? 162 LYS A NZ  1 
ATOM   1141 N  N   . LYS A 1 163 ? 10.496  10.553  10.606  1.00 33.22 ? 163 LYS A N   1 
ATOM   1142 C  CA  . LYS A 1 163 ? 10.421  10.110  11.971  1.00 33.61 ? 163 LYS A CA  1 
ATOM   1143 C  C   . LYS A 1 163 ? 9.894   8.671   12.059  1.00 33.01 ? 163 LYS A C   1 
ATOM   1144 O  O   . LYS A 1 163 ? 10.469  7.838   12.777  1.00 31.66 ? 163 LYS A O   1 
ATOM   1145 C  CB  . LYS A 1 163 ? 9.590   11.127  12.789  1.00 34.55 ? 163 LYS A CB  1 
ATOM   1146 C  CG  . LYS A 1 163 ? 9.439   10.839  14.288  1.00 35.60 ? 163 LYS A CG  1 
ATOM   1147 C  CD  . LYS A 1 163 ? 9.299   12.145  15.146  1.00 36.14 ? 163 LYS A CD  1 
ATOM   1148 C  CE  . LYS A 1 163 ? 8.825   11.785  16.592  1.00 37.92 ? 163 LYS A CE  1 
ATOM   1149 N  NZ  . LYS A 1 163 ? 8.464   12.945  17.533  1.00 37.08 ? 163 LYS A NZ  1 
ATOM   1150 N  N   . LEU A 1 164 ? 8.832   8.358   11.297  1.00 33.18 ? 164 LEU A N   1 
ATOM   1151 C  CA  . LEU A 1 164 ? 8.363   6.990   11.211  1.00 33.07 ? 164 LEU A CA  1 
ATOM   1152 C  C   . LEU A 1 164 ? 9.461   6.066   10.676  1.00 33.23 ? 164 LEU A C   1 
ATOM   1153 O  O   . LEU A 1 164 ? 9.620   4.944   11.178  1.00 32.92 ? 164 LEU A O   1 
ATOM   1154 C  CB  . LEU A 1 164 ? 7.067   6.874   10.387  1.00 32.64 ? 164 LEU A CB  1 
ATOM   1155 C  CG  . LEU A 1 164 ? 5.769   7.452   10.946  1.00 33.01 ? 164 LEU A CG  1 
ATOM   1156 C  CD1 . LEU A 1 164 ? 4.802   7.657   9.803   1.00 33.18 ? 164 LEU A CD1 1 
ATOM   1157 C  CD2 . LEU A 1 164 ? 5.145   6.498   11.981  1.00 34.62 ? 164 LEU A CD2 1 
ATOM   1158 N  N   . ILE A 1 165 ? 10.233  6.544   9.691   1.00 33.62 ? 165 ILE A N   1 
ATOM   1159 C  CA  . ILE A 1 165 ? 11.368  5.780   9.131   1.00 34.28 ? 165 ILE A CA  1 
ATOM   1160 C  C   . ILE A 1 165 ? 12.454  5.542   10.183  1.00 35.44 ? 165 ILE A C   1 
ATOM   1161 O  O   . ILE A 1 165 ? 12.847  4.394   10.396  1.00 35.49 ? 165 ILE A O   1 
ATOM   1162 C  CB  . ILE A 1 165 ? 11.963  6.432   7.861   1.00 34.42 ? 165 ILE A CB  1 
ATOM   1163 C  CG1 . ILE A 1 165 ? 10.982  6.337   6.685   1.00 33.69 ? 165 ILE A CG1 1 
ATOM   1164 C  CG2 . ILE A 1 165 ? 13.288  5.756   7.443   1.00 34.45 ? 165 ILE A CG2 1 
ATOM   1165 C  CD1 . ILE A 1 165 ? 11.306  7.297   5.538   1.00 31.90 ? 165 ILE A CD1 1 
ATOM   1166 N  N   . GLU A 1 166 ? 12.906  6.615   10.863  1.00 37.23 ? 166 GLU A N   1 
ATOM   1167 C  CA  . GLU A 1 166 ? 13.830  6.483   12.015  1.00 37.59 ? 166 GLU A CA  1 
ATOM   1168 C  C   . GLU A 1 166 ? 13.372  5.431   13.034  1.00 37.88 ? 166 GLU A C   1 
ATOM   1169 O  O   . GLU A 1 166 ? 14.189  4.631   13.492  1.00 37.77 ? 166 GLU A O   1 
ATOM   1170 C  CB  . GLU A 1 166 ? 14.130  7.834   12.702  1.00 38.36 ? 166 GLU A CB  1 
ATOM   1171 N  N   . MET A 1 167 ? 12.075  5.413   13.355  1.00 38.54 ? 167 MET A N   1 
ATOM   1172 C  CA  . MET A 1 167 ? 11.489  4.405   14.262  1.00 39.86 ? 167 MET A CA  1 
ATOM   1173 C  C   . MET A 1 167 ? 11.639  2.939   13.873  1.00 39.65 ? 167 MET A C   1 
ATOM   1174 O  O   . MET A 1 167 ? 11.559  2.061   14.742  1.00 40.30 ? 167 MET A O   1 
ATOM   1175 C  CB  . MET A 1 167 ? 10.003  4.679   14.505  1.00 39.47 ? 167 MET A CB  1 
ATOM   1176 C  CG  . MET A 1 167 ? 9.762   5.931   15.317  1.00 41.44 ? 167 MET A CG  1 
ATOM   1177 S  SD  . MET A 1 167 ? 8.074   6.152   15.847  1.00 42.90 ? 167 MET A SD  1 
ATOM   1178 C  CE  . MET A 1 167 ? 7.887   4.713   16.904  1.00 41.45 ? 167 MET A CE  1 
ATOM   1179 N  N   . GLY A 1 168 ? 11.802  2.668   12.575  1.00 39.16 ? 168 GLY A N   1 
ATOM   1180 C  CA  . GLY A 1 168 ? 11.871  1.295   12.084  1.00 37.57 ? 168 GLY A CA  1 
ATOM   1181 C  C   . GLY A 1 168 ? 10.779  0.832   11.120  1.00 36.55 ? 168 GLY A C   1 
ATOM   1182 O  O   . GLY A 1 168 ? 10.689  -0.367  10.860  1.00 36.03 ? 168 GLY A O   1 
ATOM   1183 N  N   . PHE A 1 169 ? 9.983   1.775   10.587  1.00 35.32 ? 169 PHE A N   1 
ATOM   1184 C  CA  . PHE A 1 169 ? 8.892   1.489   9.648   1.00 34.61 ? 169 PHE A CA  1 
ATOM   1185 C  C   . PHE A 1 169 ? 9.382   1.567   8.224   1.00 34.17 ? 169 PHE A C   1 
ATOM   1186 O  O   . PHE A 1 169 ? 10.184  2.443   7.883   1.00 32.74 ? 169 PHE A O   1 
ATOM   1187 C  CB  . PHE A 1 169 ? 7.739   2.486   9.785   1.00 34.18 ? 169 PHE A CB  1 
ATOM   1188 C  CG  . PHE A 1 169 ? 6.853   2.239   10.984  1.00 35.84 ? 169 PHE A CG  1 
ATOM   1189 C  CD1 . PHE A 1 169 ? 5.779   1.359   10.904  1.00 33.74 ? 169 PHE A CD1 1 
ATOM   1190 C  CD2 . PHE A 1 169 ? 7.107   2.889   12.198  1.00 34.28 ? 169 PHE A CD2 1 
ATOM   1191 C  CE1 . PHE A 1 169 ? 4.956   1.122   12.020  1.00 35.69 ? 169 PHE A CE1 1 
ATOM   1192 C  CE2 . PHE A 1 169 ? 6.314   2.668   13.309  1.00 32.66 ? 169 PHE A CE2 1 
ATOM   1193 C  CZ  . PHE A 1 169 ? 5.227   1.782   13.231  1.00 34.25 ? 169 PHE A CZ  1 
ATOM   1194 N  N   . ARG A 1 170 ? 8.914   0.619   7.408   1.00 32.95 ? 170 ARG A N   1 
ATOM   1195 C  CA  . ARG A 1 170 ? 8.916   0.791   5.962   1.00 32.38 ? 170 ARG A CA  1 
ATOM   1196 C  C   . ARG A 1 170 ? 7.687   1.617   5.593   1.00 31.71 ? 170 ARG A C   1 
ATOM   1197 O  O   . ARG A 1 170 ? 6.539   1.146   5.758   1.00 31.33 ? 170 ARG A O   1 
ATOM   1198 C  CB  . ARG A 1 170 ? 8.931   -0.570  5.240   1.00 32.04 ? 170 ARG A CB  1 
ATOM   1199 C  CG  . ARG A 1 170 ? 10.353  -1.186  5.112   1.00 32.64 ? 170 ARG A CG  1 
ATOM   1200 C  CD  . ARG A 1 170 ? 10.270  -2.689  4.912   1.00 34.05 ? 170 ARG A CD  1 
ATOM   1201 N  NE  . ARG A 1 170 ? 9.596   -3.359  6.022   1.00 33.73 ? 170 ARG A NE  1 
ATOM   1202 C  CZ  . ARG A 1 170 ? 8.792   -4.419  5.900   1.00 34.05 ? 170 ARG A CZ  1 
ATOM   1203 N  NH1 . ARG A 1 170 ? 8.558   -4.967  4.693   1.00 30.08 ? 170 ARG A NH1 1 
ATOM   1204 N  NH2 . ARG A 1 170 ? 8.215   -4.926  6.993   1.00 31.71 ? 170 ARG A NH2 1 
ATOM   1205 N  N   . VAL A 1 171 ? 7.919   2.855   5.136   1.00 30.87 ? 171 VAL A N   1 
ATOM   1206 C  CA  . VAL A 1 171 ? 6.816   3.813   4.962   1.00 30.46 ? 171 VAL A CA  1 
ATOM   1207 C  C   . VAL A 1 171 ? 6.381   3.928   3.495   1.00 30.42 ? 171 VAL A C   1 
ATOM   1208 O  O   . VAL A 1 171 ? 7.222   4.134   2.600   1.00 29.90 ? 171 VAL A O   1 
ATOM   1209 C  CB  . VAL A 1 171 ? 7.135   5.235   5.540   1.00 29.99 ? 171 VAL A CB  1 
ATOM   1210 C  CG1 . VAL A 1 171 ? 5.915   6.125   5.441   1.00 27.67 ? 171 VAL A CG1 1 
ATOM   1211 C  CG2 . VAL A 1 171 ? 7.594   5.165   7.008   1.00 29.76 ? 171 VAL A CG2 1 
ATOM   1212 N  N   . SER A 1 172 ? 5.077   3.807   3.258   1.00 29.03 ? 172 SER A N   1 
ATOM   1213 C  CA  . SER A 1 172 ? 4.500   4.081   1.925   1.00 29.22 ? 172 SER A CA  1 
ATOM   1214 C  C   . SER A 1 172 ? 3.870   5.429   2.021   1.00 28.40 ? 172 SER A C   1 
ATOM   1215 O  O   . SER A 1 172 ? 3.283   5.747   3.037   1.00 29.06 ? 172 SER A O   1 
ATOM   1216 C  CB  . SER A 1 172 ? 3.394   3.109   1.509   1.00 28.19 ? 172 SER A CB  1 
ATOM   1217 O  OG  . SER A 1 172 ? 3.883   1.811   1.374   1.00 30.45 ? 172 SER A OG  1 
ATOM   1218 N  N   . VAL A 1 173 ? 3.961   6.197   0.945   1.00 28.75 ? 173 VAL A N   1 
ATOM   1219 C  CA  . VAL A 1 173 ? 3.373   7.520   0.900   1.00 28.44 ? 173 VAL A CA  1 
ATOM   1220 C  C   . VAL A 1 173 ? 2.411   7.551   -0.256  1.00 27.68 ? 173 VAL A C   1 
ATOM   1221 O  O   . VAL A 1 173 ? 2.596   6.861   -1.256  1.00 27.09 ? 173 VAL A O   1 
ATOM   1222 C  CB  . VAL A 1 173 ? 4.425   8.708   0.838   1.00 28.68 ? 173 VAL A CB  1 
ATOM   1223 C  CG1 . VAL A 1 173 ? 5.308   8.739   2.104   1.00 29.94 ? 173 VAL A CG1 1 
ATOM   1224 C  CG2 . VAL A 1 173 ? 5.273   8.649   -0.399  1.00 27.73 ? 173 VAL A CG2 1 
ATOM   1225 N  N   . THR A 1 174 ? 1.365   8.359   -0.106  1.00 28.65 ? 174 THR A N   1 
ATOM   1226 C  CA  . THR A 1 174 ? 0.335   8.478   -1.132  1.00 29.24 ? 174 THR A CA  1 
ATOM   1227 C  C   . THR A 1 174 ? -0.328  9.853   -1.034  1.00 30.31 ? 174 THR A C   1 
ATOM   1228 O  O   . THR A 1 174 ? -0.236  10.493  0.005   1.00 29.70 ? 174 THR A O   1 
ATOM   1229 C  CB  . THR A 1 174 ? -0.690  7.282   -1.076  1.00 28.96 ? 174 THR A CB  1 
ATOM   1230 O  OG1 . THR A 1 174 ? -1.465  7.266   -2.288  1.00 28.90 ? 174 THR A OG1 1 
ATOM   1231 C  CG2 . THR A 1 174 ? -1.589  7.363   0.127   1.00 28.21 ? 174 THR A CG2 1 
ATOM   1232 N  N   . GLY A 1 175 ? -0.956  10.304  -2.120  1.00 32.29 ? 175 GLY A N   1 
ATOM   1233 C  CA  . GLY A 1 175 ? -1.574  11.639  -2.184  1.00 34.50 ? 175 GLY A CA  1 
ATOM   1234 C  C   . GLY A 1 175 ? -0.691  12.639  -2.935  1.00 36.08 ? 175 GLY A C   1 
ATOM   1235 O  O   . GLY A 1 175 ? 0.418   12.935  -2.496  1.00 35.87 ? 175 GLY A O   1 
ATOM   1236 N  N   . GLY A 1 176 ? -1.173  13.142  -4.081  1.00 37.60 ? 176 GLY A N   1 
ATOM   1237 C  CA  . GLY A 1 176 ? -0.467  14.212  -4.822  1.00 38.58 ? 176 GLY A CA  1 
ATOM   1238 C  C   . GLY A 1 176 ? 0.902   13.824  -5.358  1.00 39.10 ? 176 GLY A C   1 
ATOM   1239 O  O   . GLY A 1 176 ? 1.823   14.657  -5.423  1.00 39.41 ? 176 GLY A O   1 
ATOM   1240 N  N   . LEU A 1 177 ? 1.053   12.550  -5.716  1.00 39.45 ? 177 LEU A N   1 
ATOM   1241 C  CA  . LEU A 1 177 ? 2.311   12.051  -6.283  1.00 40.12 ? 177 LEU A CA  1 
ATOM   1242 C  C   . LEU A 1 177 ? 2.282   12.159  -7.803  1.00 40.46 ? 177 LEU A C   1 
ATOM   1243 O  O   . LEU A 1 177 ? 1.344   11.742  -8.461  1.00 41.14 ? 177 LEU A O   1 
ATOM   1244 C  CB  . LEU A 1 177 ? 2.612   10.602  -5.840  1.00 39.38 ? 177 LEU A CB  1 
ATOM   1245 C  CG  . LEU A 1 177 ? 2.894   10.344  -4.351  1.00 39.74 ? 177 LEU A CG  1 
ATOM   1246 C  CD1 . LEU A 1 177 ? 3.169   8.893   -4.061  1.00 35.86 ? 177 LEU A CD1 1 
ATOM   1247 C  CD2 . LEU A 1 177 ? 4.059   11.208  -3.835  1.00 39.29 ? 177 LEU A CD2 1 
ATOM   1248 N  N   . SER A 1 178 ? 3.326   12.728  -8.367  1.00 41.42 ? 178 SER A N   1 
ATOM   1249 C  CA  . SER A 1 178 ? 3.440   12.745  -9.795  1.00 42.10 ? 178 SER A CA  1 
ATOM   1250 C  C   . SER A 1 178 ? 4.907   12.613  -10.106 1.00 42.56 ? 178 SER A C   1 
ATOM   1251 O  O   . SER A 1 178 ? 5.751   12.689  -9.208  1.00 42.19 ? 178 SER A O   1 
ATOM   1252 C  CB  . SER A 1 178 ? 2.852   14.037  -10.374 1.00 41.82 ? 178 SER A CB  1 
ATOM   1253 O  OG  . SER A 1 178 ? 3.482   15.161  -9.808  1.00 44.16 ? 178 SER A OG  1 
ATOM   1254 N  N   . VAL A 1 179 ? 5.204   12.408  -11.382 1.00 43.29 ? 179 VAL A N   1 
ATOM   1255 C  CA  . VAL A 1 179 ? 6.574   12.357  -11.830 1.00 44.30 ? 179 VAL A CA  1 
ATOM   1256 C  C   . VAL A 1 179 ? 7.266   13.668  -11.389 1.00 44.48 ? 179 VAL A C   1 
ATOM   1257 O  O   . VAL A 1 179 ? 8.424   13.641  -10.944 1.00 45.56 ? 179 VAL A O   1 
ATOM   1258 C  CB  . VAL A 1 179 ? 6.639   12.059  -13.350 1.00 44.36 ? 179 VAL A CB  1 
ATOM   1259 C  CG1 . VAL A 1 179 ? 6.536   13.341  -14.168 1.00 46.52 ? 179 VAL A CG1 1 
ATOM   1260 C  CG2 . VAL A 1 179 ? 7.886   11.280  -13.698 1.00 44.38 ? 179 VAL A CG2 1 
ATOM   1261 N  N   . ASP A 1 180 ? 6.524   14.783  -11.428 1.00 43.98 ? 180 ASP A N   1 
ATOM   1262 C  CA  . ASP A 1 180 ? 7.039   16.105  -11.047 1.00 43.33 ? 180 ASP A CA  1 
ATOM   1263 C  C   . ASP A 1 180 ? 7.280   16.324  -9.532  1.00 42.84 ? 180 ASP A C   1 
ATOM   1264 O  O   . ASP A 1 180 ? 8.157   17.114  -9.153  1.00 43.12 ? 180 ASP A O   1 
ATOM   1265 C  CB  . ASP A 1 180 ? 6.131   17.216  -11.607 1.00 43.73 ? 180 ASP A CB  1 
ATOM   1266 N  N   . THR A 1 181 ? 6.520   15.655  -8.666  1.00 41.48 ? 181 THR A N   1 
ATOM   1267 C  CA  . THR A 1 181 ? 6.700   15.871  -7.226  1.00 40.56 ? 181 THR A CA  1 
ATOM   1268 C  C   . THR A 1 181 ? 7.597   14.842  -6.518  1.00 39.56 ? 181 THR A C   1 
ATOM   1269 O  O   . THR A 1 181 ? 7.909   14.989  -5.342  1.00 38.79 ? 181 THR A O   1 
ATOM   1270 C  CB  . THR A 1 181 ? 5.359   16.013  -6.476  1.00 41.20 ? 181 THR A CB  1 
ATOM   1271 O  OG1 . THR A 1 181 ? 4.618   14.809  -6.611  1.00 39.28 ? 181 THR A OG1 1 
ATOM   1272 C  CG2 . THR A 1 181 ? 4.537   17.188  -7.038  1.00 42.94 ? 181 THR A CG2 1 
ATOM   1273 N  N   . LEU A 1 182 ? 8.034   13.809  -7.229  1.00 38.61 ? 182 LEU A N   1 
ATOM   1274 C  CA  . LEU A 1 182 ? 8.884   12.795  -6.599  1.00 37.46 ? 182 LEU A CA  1 
ATOM   1275 C  C   . LEU A 1 182 ? 10.150  13.383  -5.949  1.00 37.39 ? 182 LEU A C   1 
ATOM   1276 O  O   . LEU A 1 182 ? 10.567  12.919  -4.886  1.00 36.74 ? 182 LEU A O   1 
ATOM   1277 C  CB  . LEU A 1 182 ? 9.225   11.679  -7.592  1.00 36.62 ? 182 LEU A CB  1 
ATOM   1278 C  CG  . LEU A 1 182 ? 8.095   10.670  -7.838  1.00 35.33 ? 182 LEU A CG  1 
ATOM   1279 C  CD1 . LEU A 1 182 ? 8.423   9.777   -9.016  1.00 32.74 ? 182 LEU A CD1 1 
ATOM   1280 C  CD2 . LEU A 1 182 ? 7.800   9.854   -6.584  1.00 32.83 ? 182 LEU A CD2 1 
ATOM   1281 N  N   . LYS A 1 183 ? 10.718  14.425  -6.574  1.00 36.99 ? 183 LYS A N   1 
ATOM   1282 C  CA  . LYS A 1 183 ? 11.986  15.035  -6.131  1.00 37.28 ? 183 LYS A CA  1 
ATOM   1283 C  C   . LYS A 1 183 ? 11.898  15.637  -4.720  1.00 36.61 ? 183 LYS A C   1 
ATOM   1284 O  O   . LYS A 1 183 ? 12.902  15.714  -4.012  1.00 35.63 ? 183 LYS A O   1 
ATOM   1285 C  CB  . LYS A 1 183 ? 12.541  16.036  -7.169  1.00 36.60 ? 183 LYS A CB  1 
ATOM   1286 C  CG  . LYS A 1 183 ? 11.656  17.257  -7.414  1.00 38.90 ? 183 LYS A CG  1 
ATOM   1287 C  CD  . LYS A 1 183 ? 12.071  18.070  -8.673  1.00 38.98 ? 183 LYS A CD  1 
ATOM   1288 C  CE  . LYS A 1 183 ? 11.527  17.380  -9.936  1.00 41.09 ? 183 LYS A CE  1 
ATOM   1289 N  NZ  . LYS A 1 183 ? 11.263  18.350  -11.033 1.00 44.96 ? 183 LYS A NZ  1 
ATOM   1290 N  N   . LEU A 1 184 ? 10.682  15.998  -4.299  1.00 36.92 ? 184 LEU A N   1 
ATOM   1291 C  CA  . LEU A 1 184 ? 10.429  16.500  -2.947  1.00 36.75 ? 184 LEU A CA  1 
ATOM   1292 C  C   . LEU A 1 184 ? 10.878  15.520  -1.846  1.00 36.44 ? 184 LEU A C   1 
ATOM   1293 O  O   . LEU A 1 184 ? 11.149  15.917  -0.704  1.00 37.36 ? 184 LEU A O   1 
ATOM   1294 C  CB  . LEU A 1 184 ? 8.945   16.856  -2.786  1.00 37.24 ? 184 LEU A CB  1 
ATOM   1295 C  CG  . LEU A 1 184 ? 8.475   18.103  -3.558  1.00 38.71 ? 184 LEU A CG  1 
ATOM   1296 C  CD1 . LEU A 1 184 ? 6.967   18.254  -3.496  1.00 37.67 ? 184 LEU A CD1 1 
ATOM   1297 C  CD2 . LEU A 1 184 ? 9.157   19.401  -3.094  1.00 40.82 ? 184 LEU A CD2 1 
ATOM   1298 N  N   . PHE A 1 185 ? 11.008  14.251  -2.206  1.00 35.31 ? 185 PHE A N   1 
ATOM   1299 C  CA  . PHE A 1 185 ? 11.364  13.180  -1.270  1.00 34.44 ? 185 PHE A CA  1 
ATOM   1300 C  C   . PHE A 1 185 ? 12.834  12.770  -1.346  1.00 33.96 ? 185 PHE A C   1 
ATOM   1301 O  O   . PHE A 1 185 ? 13.264  11.810  -0.683  1.00 33.01 ? 185 PHE A O   1 
ATOM   1302 C  CB  . PHE A 1 185 ? 10.503  11.950  -1.574  1.00 34.72 ? 185 PHE A CB  1 
ATOM   1303 C  CG  . PHE A 1 185 ? 9.075   12.128  -1.203  1.00 34.42 ? 185 PHE A CG  1 
ATOM   1304 C  CD1 . PHE A 1 185 ? 8.654   11.847  0.082   1.00 32.26 ? 185 PHE A CD1 1 
ATOM   1305 C  CD2 . PHE A 1 185 ? 8.156   12.618  -2.133  1.00 35.41 ? 185 PHE A CD2 1 
ATOM   1306 C  CE1 . PHE A 1 185 ? 7.327   12.033  0.445   1.00 32.67 ? 185 PHE A CE1 1 
ATOM   1307 C  CE2 . PHE A 1 185 ? 6.809   12.800  -1.760  1.00 34.10 ? 185 PHE A CE2 1 
ATOM   1308 C  CZ  . PHE A 1 185 ? 6.421   12.509  -0.486  1.00 33.49 ? 185 PHE A CZ  1 
ATOM   1309 N  N   . GLU A 1 186 ? 13.601  13.501  -2.154  1.00 33.86 ? 186 GLU A N   1 
ATOM   1310 C  CA  . GLU A 1 186 ? 15.024  13.224  -2.313  1.00 33.98 ? 186 GLU A CA  1 
ATOM   1311 C  C   . GLU A 1 186 ? 15.701  13.127  -0.942  1.00 33.50 ? 186 GLU A C   1 
ATOM   1312 O  O   . GLU A 1 186 ? 15.506  13.986  -0.077  1.00 33.19 ? 186 GLU A O   1 
ATOM   1313 C  CB  . GLU A 1 186 ? 15.672  14.302  -3.178  1.00 34.65 ? 186 GLU A CB  1 
ATOM   1314 C  CG  . GLU A 1 186 ? 17.072  14.008  -3.640  1.00 35.29 ? 186 GLU A CG  1 
ATOM   1315 C  CD  . GLU A 1 186 ? 17.490  14.933  -4.787  1.00 39.09 ? 186 GLU A CD  1 
ATOM   1316 O  OE1 . GLU A 1 186 ? 17.261  16.158  -4.644  1.00 39.01 ? 186 GLU A OE1 1 
ATOM   1317 O  OE2 . GLU A 1 186 ? 18.029  14.433  -5.818  1.00 37.05 ? 186 GLU A OE2 1 
ATOM   1318 N  N   . GLY A 1 187 ? 16.468  12.057  -0.760  1.00 33.79 ? 187 GLY A N   1 
ATOM   1319 C  CA  . GLY A 1 187 ? 17.216  11.809  0.467   1.00 34.54 ? 187 GLY A CA  1 
ATOM   1320 C  C   . GLY A 1 187 ? 16.400  11.091  1.522   1.00 35.24 ? 187 GLY A C   1 
ATOM   1321 O  O   . GLY A 1 187 ? 16.913  10.759  2.605   1.00 35.53 ? 187 GLY A O   1 
ATOM   1322 N  N   . VAL A 1 188 ? 15.121  10.844  1.235   1.00 35.38 ? 188 VAL A N   1 
ATOM   1323 C  CA  . VAL A 1 188 ? 14.295  10.110  2.212   1.00 35.18 ? 188 VAL A CA  1 
ATOM   1324 C  C   . VAL A 1 188 ? 14.020  8.694   1.740   1.00 34.07 ? 188 VAL A C   1 
ATOM   1325 O  O   . VAL A 1 188 ? 13.777  8.443   0.564   1.00 33.87 ? 188 VAL A O   1 
ATOM   1326 C  CB  . VAL A 1 188 ? 13.099  10.931  2.865   1.00 35.93 ? 188 VAL A CB  1 
ATOM   1327 C  CG1 . VAL A 1 188 ? 12.663  12.141  2.048   1.00 37.80 ? 188 VAL A CG1 1 
ATOM   1328 C  CG2 . VAL A 1 188 ? 11.935  10.047  3.305   1.00 34.66 ? 188 VAL A CG2 1 
ATOM   1329 N  N   . ASP A 1 189 ? 14.151  7.767   2.670   1.00 33.08 ? 189 ASP A N   1 
ATOM   1330 C  CA  . ASP A 1 189 ? 14.199  6.367   2.343   1.00 33.11 ? 189 ASP A CA  1 
ATOM   1331 C  C   . ASP A 1 189 ? 12.766  5.797   2.278   1.00 32.24 ? 189 ASP A C   1 
ATOM   1332 O  O   . ASP A 1 189 ? 12.434  4.883   3.018   1.00 31.51 ? 189 ASP A O   1 
ATOM   1333 C  CB  . ASP A 1 189 ? 15.054  5.673   3.414   1.00 33.87 ? 189 ASP A CB  1 
ATOM   1334 C  CG  . ASP A 1 189 ? 15.194  4.162   3.201   1.00 35.63 ? 189 ASP A CG  1 
ATOM   1335 O  OD1 . ASP A 1 189 ? 15.257  3.675   2.049   1.00 36.51 ? 189 ASP A OD1 1 
ATOM   1336 O  OD2 . ASP A 1 189 ? 15.260  3.453   4.215   1.00 38.54 ? 189 ASP A OD2 1 
ATOM   1337 N  N   . VAL A 1 190 ? 11.937  6.371   1.405   1.00 31.81 ? 190 VAL A N   1 
ATOM   1338 C  CA  . VAL A 1 190 ? 10.534  5.954   1.205   1.00 30.77 ? 190 VAL A CA  1 
ATOM   1339 C  C   . VAL A 1 190 ? 10.504  4.502   0.701   1.00 30.85 ? 190 VAL A C   1 
ATOM   1340 O  O   . VAL A 1 190 ? 11.271  4.143   -0.206  1.00 29.99 ? 190 VAL A O   1 
ATOM   1341 C  CB  . VAL A 1 190 ? 9.802   6.893   0.178   1.00 31.51 ? 190 VAL A CB  1 
ATOM   1342 C  CG1 . VAL A 1 190 ? 8.408   6.340   -0.209  1.00 29.16 ? 190 VAL A CG1 1 
ATOM   1343 C  CG2 . VAL A 1 190 ? 9.692   8.304   0.724   1.00 30.76 ? 190 VAL A CG2 1 
ATOM   1344 N  N   . PHE A 1 191 ? 9.647   3.667   1.301   1.00 29.39 ? 191 PHE A N   1 
ATOM   1345 C  CA  . PHE A 1 191 ? 9.572   2.239   0.946   1.00 28.82 ? 191 PHE A CA  1 
ATOM   1346 C  C   . PHE A 1 191 ? 8.805   2.033   -0.360  1.00 28.26 ? 191 PHE A C   1 
ATOM   1347 O  O   . PHE A 1 191 ? 9.259   1.300   -1.212  1.00 28.57 ? 191 PHE A O   1 
ATOM   1348 C  CB  . PHE A 1 191 ? 8.989   1.391   2.118   1.00 27.95 ? 191 PHE A CB  1 
ATOM   1349 C  CG  . PHE A 1 191 ? 8.730   -0.070  1.773   1.00 29.77 ? 191 PHE A CG  1 
ATOM   1350 C  CD1 . PHE A 1 191 ? 9.768   -0.908  1.357   1.00 30.61 ? 191 PHE A CD1 1 
ATOM   1351 C  CD2 . PHE A 1 191 ? 7.430   -0.603  1.877   1.00 28.00 ? 191 PHE A CD2 1 
ATOM   1352 C  CE1 . PHE A 1 191 ? 9.521   -2.280  1.032   1.00 31.52 ? 191 PHE A CE1 1 
ATOM   1353 C  CE2 . PHE A 1 191 ? 7.166   -1.944  1.558   1.00 27.68 ? 191 PHE A CE2 1 
ATOM   1354 C  CZ  . PHE A 1 191 ? 8.203   -2.799  1.144   1.00 28.42 ? 191 PHE A CZ  1 
ATOM   1355 N  N   . THR A 1 192 ? 7.654   2.699   -0.508  1.00 27.94 ? 192 THR A N   1 
ATOM   1356 C  CA  . THR A 1 192 ? 6.738   2.539   -1.636  1.00 26.23 ? 192 THR A CA  1 
ATOM   1357 C  C   . THR A 1 192 ? 6.067   3.905   -1.881  1.00 26.12 ? 192 THR A C   1 
ATOM   1358 O  O   . THR A 1 192 ? 5.714   4.614   -0.941  1.00 27.16 ? 192 THR A O   1 
ATOM   1359 C  CB  . THR A 1 192 ? 5.659   1.431   -1.343  1.00 27.17 ? 192 THR A CB  1 
ATOM   1360 O  OG1 . THR A 1 192 ? 6.300   0.172   -1.121  1.00 28.32 ? 192 THR A OG1 1 
ATOM   1361 C  CG2 . THR A 1 192 ? 4.708   1.218   -2.487  1.00 24.18 ? 192 THR A CG2 1 
ATOM   1362 N  N   . PHE A 1 193 ? 5.936   4.286   -3.142  1.00 25.18 ? 193 PHE A N   1 
ATOM   1363 C  CA  . PHE A 1 193 ? 5.106   5.400   -3.580  1.00 23.72 ? 193 PHE A CA  1 
ATOM   1364 C  C   . PHE A 1 193 ? 3.874   4.759   -4.175  1.00 24.06 ? 193 PHE A C   1 
ATOM   1365 O  O   . PHE A 1 193 ? 3.986   3.915   -5.085  1.00 23.28 ? 193 PHE A O   1 
ATOM   1366 C  CB  . PHE A 1 193 ? 5.843   6.217   -4.653  1.00 24.57 ? 193 PHE A CB  1 
ATOM   1367 C  CG  . PHE A 1 193 ? 6.994   7.007   -4.103  1.00 25.74 ? 193 PHE A CG  1 
ATOM   1368 C  CD1 . PHE A 1 193 ? 6.763   8.206   -3.420  1.00 25.17 ? 193 PHE A CD1 1 
ATOM   1369 C  CD2 . PHE A 1 193 ? 8.311   6.573   -4.279  1.00 27.89 ? 193 PHE A CD2 1 
ATOM   1370 C  CE1 . PHE A 1 193 ? 7.821   8.939   -2.884  1.00 27.43 ? 193 PHE A CE1 1 
ATOM   1371 C  CE2 . PHE A 1 193 ? 9.360   7.288   -3.769  1.00 24.72 ? 193 PHE A CE2 1 
ATOM   1372 C  CZ  . PHE A 1 193 ? 9.121   8.475   -3.065  1.00 29.08 ? 193 PHE A CZ  1 
ATOM   1373 N  N   . ILE A 1 194 ? 2.715   5.111   -3.621  1.00 23.40 ? 194 ILE A N   1 
ATOM   1374 C  CA  . ILE A 1 194 ? 1.432   4.658   -4.145  1.00 23.86 ? 194 ILE A CA  1 
ATOM   1375 C  C   . ILE A 1 194 ? 0.821   5.722   -5.103  1.00 25.27 ? 194 ILE A C   1 
ATOM   1376 O  O   . ILE A 1 194 ? 0.549   6.865   -4.714  1.00 24.56 ? 194 ILE A O   1 
ATOM   1377 C  CB  . ILE A 1 194 ? 0.412   4.321   -3.018  1.00 23.70 ? 194 ILE A CB  1 
ATOM   1378 C  CG1 . ILE A 1 194 ? 1.087   3.491   -1.907  1.00 20.78 ? 194 ILE A CG1 1 
ATOM   1379 C  CG2 . ILE A 1 194 ? -0.822  3.621   -3.640  1.00 23.88 ? 194 ILE A CG2 1 
ATOM   1380 C  CD1 . ILE A 1 194 ? 0.221   3.134   -0.665  1.00 21.74 ? 194 ILE A CD1 1 
ATOM   1381 N  N   . ALA A 1 195 ? 0.610   5.326   -6.358  1.00 25.24 ? 195 ALA A N   1 
ATOM   1382 C  CA  . ALA A 1 195 ? -0.017  6.221   -7.309  1.00 26.56 ? 195 ALA A CA  1 
ATOM   1383 C  C   . ALA A 1 195 ? -1.333  5.578   -7.750  1.00 27.76 ? 195 ALA A C   1 
ATOM   1384 O  O   . ALA A 1 195 ? -1.571  4.415   -7.471  1.00 27.64 ? 195 ALA A O   1 
ATOM   1385 C  CB  . ALA A 1 195 ? 0.890   6.466   -8.495  1.00 25.34 ? 195 ALA A CB  1 
ATOM   1386 N  N   . GLY A 1 196 ? -2.190  6.333   -8.420  1.00 28.72 ? 196 GLY A N   1 
ATOM   1387 C  CA  . GLY A 1 196 ? -3.548  5.837   -8.740  1.00 31.32 ? 196 GLY A CA  1 
ATOM   1388 C  C   . GLY A 1 196 ? -3.962  6.316   -10.108 1.00 31.94 ? 196 GLY A C   1 
ATOM   1389 O  O   . GLY A 1 196 ? -3.356  5.953   -11.134 1.00 31.32 ? 196 GLY A O   1 
ATOM   1390 N  N   . ARG A 1 197 ? -4.971  7.182   -10.112 1.00 33.89 ? 197 ARG A N   1 
ATOM   1391 C  CA  . ARG A 1 197 ? -5.546  7.665   -11.370 1.00 35.50 ? 197 ARG A CA  1 
ATOM   1392 C  C   . ARG A 1 197 ? -4.603  8.547   -12.153 1.00 35.36 ? 197 ARG A C   1 
ATOM   1393 O  O   . ARG A 1 197 ? -4.764  8.643   -13.354 1.00 35.96 ? 197 ARG A O   1 
ATOM   1394 C  CB  . ARG A 1 197 ? -6.890  8.366   -11.173 1.00 35.76 ? 197 ARG A CB  1 
ATOM   1395 C  CG  . ARG A 1 197 ? -7.925  7.506   -10.486 1.00 40.43 ? 197 ARG A CG  1 
ATOM   1396 C  CD  . ARG A 1 197 ? -8.905  8.418   -9.807  1.00 46.63 ? 197 ARG A CD  1 
ATOM   1397 N  NE  . ARG A 1 197 ? -10.134 8.588   -10.570 1.00 50.14 ? 197 ARG A NE  1 
ATOM   1398 C  CZ  . ARG A 1 197 ? -10.479 9.680   -11.250 1.00 52.59 ? 197 ARG A CZ  1 
ATOM   1399 N  NH1 . ARG A 1 197 ? -9.677  10.745  -11.307 1.00 52.49 ? 197 ARG A NH1 1 
ATOM   1400 N  NH2 . ARG A 1 197 ? -11.649 9.694   -11.888 1.00 53.25 ? 197 ARG A NH2 1 
ATOM   1401 N  N   . GLY A 1 198 ? -3.624  9.176   -11.505 1.00 35.61 ? 198 GLY A N   1 
ATOM   1402 C  CA  . GLY A 1 198 ? -2.622  9.950   -12.265 1.00 36.15 ? 198 GLY A CA  1 
ATOM   1403 C  C   . GLY A 1 198 ? -2.006  9.097   -13.373 1.00 36.32 ? 198 GLY A C   1 
ATOM   1404 O  O   . GLY A 1 198 ? -1.774  9.554   -14.474 1.00 36.43 ? 198 GLY A O   1 
ATOM   1405 N  N   . ILE A 1 199 ? -1.817  7.820   -13.076 1.00 36.31 ? 199 ILE A N   1 
ATOM   1406 C  CA  . ILE A 1 199 ? -1.178  6.896   -13.990 1.00 36.77 ? 199 ILE A CA  1 
ATOM   1407 C  C   . ILE A 1 199 ? -2.185  6.068   -14.825 1.00 35.19 ? 199 ILE A C   1 
ATOM   1408 O  O   . ILE A 1 199 ? -2.021  5.899   -16.039 1.00 34.82 ? 199 ILE A O   1 
ATOM   1409 C  CB  . ILE A 1 199 ? -0.189  6.001   -13.201 1.00 38.09 ? 199 ILE A CB  1 
ATOM   1410 C  CG1 . ILE A 1 199 ? 1.105   6.786   -12.964 1.00 39.87 ? 199 ILE A CG1 1 
ATOM   1411 C  CG2 . ILE A 1 199 ? 0.068   4.680   -13.890 1.00 40.96 ? 199 ILE A CG2 1 
ATOM   1412 C  CD1 . ILE A 1 199 ? 2.018   6.076   -11.970 1.00 45.83 ? 199 ILE A CD1 1 
ATOM   1413 N  N   . THR A 1 200 ? -3.238  5.568   -14.205 1.00 32.74 ? 200 THR A N   1 
ATOM   1414 C  CA  . THR A 1 200 ? -4.050  4.632   -14.950 1.00 31.97 ? 200 THR A CA  1 
ATOM   1415 C  C   . THR A 1 200 ? -4.969  5.355   -15.940 1.00 33.20 ? 200 THR A C   1 
ATOM   1416 O  O   . THR A 1 200 ? -5.501  4.727   -16.873 1.00 33.04 ? 200 THR A O   1 
ATOM   1417 C  CB  . THR A 1 200 ? -4.894  3.739   -13.997 1.00 31.25 ? 200 THR A CB  1 
ATOM   1418 O  OG1 . THR A 1 200 ? -5.619  4.592   -13.112 1.00 28.96 ? 200 THR A OG1 1 
ATOM   1419 C  CG2 . THR A 1 200 ? -3.975  2.764   -13.196 1.00 26.46 ? 200 THR A CG2 1 
ATOM   1420 N  N   . GLU A 1 201 ? -5.189  6.648   -15.704 1.00 33.71 ? 201 GLU A N   1 
ATOM   1421 C  CA  . GLU A 1 201 ? -6.052  7.448   -16.575 1.00 35.03 ? 201 GLU A CA  1 
ATOM   1422 C  C   . GLU A 1 201 ? -5.248  8.191   -17.619 1.00 34.92 ? 201 GLU A C   1 
ATOM   1423 O  O   . GLU A 1 201 ? -5.824  8.889   -18.436 1.00 34.92 ? 201 GLU A O   1 
ATOM   1424 C  CB  . GLU A 1 201 ? -6.925  8.424   -15.776 1.00 35.13 ? 201 GLU A CB  1 
ATOM   1425 C  CG  . GLU A 1 201 ? -8.058  7.709   -14.949 1.00 36.19 ? 201 GLU A CG  1 
ATOM   1426 C  CD  . GLU A 1 201 ? -9.044  8.691   -14.278 1.00 36.99 ? 201 GLU A CD  1 
ATOM   1427 O  OE1 . GLU A 1 201 ? -8.728  9.913   -14.193 1.00 39.99 ? 201 GLU A OE1 1 
ATOM   1428 O  OE2 . GLU A 1 201 ? -10.129 8.239   -13.826 1.00 35.08 ? 201 GLU A OE2 1 
ATOM   1429 N  N   . ALA A 1 202 ? -3.926  8.048   -17.593 1.00 35.62 ? 202 ALA A N   1 
ATOM   1430 C  CA  . ALA A 1 202 ? -3.052  8.630   -18.658 1.00 37.11 ? 202 ALA A CA  1 
ATOM   1431 C  C   . ALA A 1 202 ? -3.352  8.150   -20.113 1.00 37.39 ? 202 ALA A C   1 
ATOM   1432 O  O   . ALA A 1 202 ? -3.898  7.066   -20.338 1.00 37.32 ? 202 ALA A O   1 
ATOM   1433 C  CB  . ALA A 1 202 ? -1.596  8.376   -18.311 1.00 37.02 ? 202 ALA A CB  1 
ATOM   1434 N  N   . LYS A 1 203 ? -2.979  8.949   -21.106 1.00 38.72 ? 203 LYS A N   1 
ATOM   1435 C  CA  . LYS A 1 203 ? -3.140  8.526   -22.513 1.00 39.55 ? 203 LYS A CA  1 
ATOM   1436 C  C   . LYS A 1 203 ? -2.505  7.129   -22.722 1.00 39.78 ? 203 LYS A C   1 
ATOM   1437 O  O   . LYS A 1 203 ? -3.140  6.216   -23.282 1.00 40.18 ? 203 LYS A O   1 
ATOM   1438 C  CB  . LYS A 1 203 ? -2.561  9.574   -23.494 1.00 39.21 ? 203 LYS A CB  1 
ATOM   1439 N  N   . ASN A 1 204 ? -1.277  6.976   -22.222 1.00 39.51 ? 204 ASN A N   1 
ATOM   1440 C  CA  . ASN A 1 204 ? -0.513  5.731   -22.264 1.00 39.41 ? 204 ASN A CA  1 
ATOM   1441 C  C   . ASN A 1 204 ? -0.231  5.283   -20.823 1.00 38.51 ? 204 ASN A C   1 
ATOM   1442 O  O   . ASN A 1 204 ? 0.794   5.665   -20.274 1.00 38.22 ? 204 ASN A O   1 
ATOM   1443 C  CB  . ASN A 1 204 ? 0.804   6.012   -23.029 1.00 39.65 ? 204 ASN A CB  1 
ATOM   1444 C  CG  . ASN A 1 204 ? 1.586   4.740   -23.395 1.00 41.35 ? 204 ASN A CG  1 
ATOM   1445 O  OD1 . ASN A 1 204 ? 1.218   3.617   -23.034 1.00 42.30 ? 204 ASN A OD1 1 
ATOM   1446 N  ND2 . ASN A 1 204 ? 2.680   4.930   -24.141 1.00 43.45 ? 204 ASN A ND2 1 
ATOM   1447 N  N   . PRO A 1 205 ? -1.170  4.515   -20.175 1.00 38.40 ? 205 PRO A N   1 
ATOM   1448 C  CA  . PRO A 1 205 ? -0.960  4.113   -18.774 1.00 37.70 ? 205 PRO A CA  1 
ATOM   1449 C  C   . PRO A 1 205 ? 0.416   3.458   -18.484 1.00 36.93 ? 205 PRO A C   1 
ATOM   1450 O  O   . PRO A 1 205 ? 1.115   3.877   -17.563 1.00 36.30 ? 205 PRO A O   1 
ATOM   1451 C  CB  . PRO A 1 205 ? -2.134  3.160   -18.519 1.00 37.91 ? 205 PRO A CB  1 
ATOM   1452 C  CG  . PRO A 1 205 ? -3.227  3.733   -19.390 1.00 38.59 ? 205 PRO A CG  1 
ATOM   1453 C  CD  . PRO A 1 205 ? -2.462  4.002   -20.669 1.00 37.68 ? 205 PRO A CD  1 
ATOM   1454 N  N   . ALA A 1 206 ? 0.809   2.465   -19.277 1.00 36.67 ? 206 ALA A N   1 
ATOM   1455 C  CA  . ALA A 1 206 ? 2.095   1.793   -19.090 1.00 36.45 ? 206 ALA A CA  1 
ATOM   1456 C  C   . ALA A 1 206 ? 3.300   2.771   -19.239 1.00 36.69 ? 206 ALA A C   1 
ATOM   1457 O  O   . ALA A 1 206 ? 4.287   2.675   -18.495 1.00 36.05 ? 206 ALA A O   1 
ATOM   1458 C  CB  . ALA A 1 206 ? 2.211   0.664   -20.062 1.00 37.01 ? 206 ALA A CB  1 
ATOM   1459 N  N   . GLY A 1 207 ? 3.193   3.714   -20.184 1.00 36.27 ? 207 GLY A N   1 
ATOM   1460 C  CA  . GLY A 1 207 ? 4.213   4.766   -20.391 1.00 36.46 ? 207 GLY A CA  1 
ATOM   1461 C  C   . GLY A 1 207 ? 4.299   5.699   -19.200 1.00 36.37 ? 207 GLY A C   1 
ATOM   1462 O  O   . GLY A 1 207 ? 5.398   6.052   -18.782 1.00 36.51 ? 207 GLY A O   1 
ATOM   1463 N  N   . ALA A 1 208 ? 3.143   6.096   -18.656 1.00 36.47 ? 208 ALA A N   1 
ATOM   1464 C  CA  . ALA A 1 208 ? 3.063   6.895   -17.413 1.00 36.69 ? 208 ALA A CA  1 
ATOM   1465 C  C   . ALA A 1 208 ? 3.608   6.169   -16.177 1.00 36.32 ? 208 ALA A C   1 
ATOM   1466 O  O   . ALA A 1 208 ? 4.342   6.764   -15.378 1.00 37.03 ? 208 ALA A O   1 
ATOM   1467 C  CB  . ALA A 1 208 ? 1.632   7.331   -17.141 1.00 36.61 ? 208 ALA A CB  1 
ATOM   1468 N  N   . ALA A 1 209 ? 3.233   4.905   -16.010 1.00 35.31 ? 209 ALA A N   1 
ATOM   1469 C  CA  . ALA A 1 209 ? 3.821   4.059   -14.964 1.00 34.75 ? 209 ALA A CA  1 
ATOM   1470 C  C   . ALA A 1 209 ? 5.333   3.981   -15.144 1.00 35.13 ? 209 ALA A C   1 
ATOM   1471 O  O   . ALA A 1 209 ? 6.078   4.146   -14.175 1.00 35.19 ? 209 ALA A O   1 
ATOM   1472 C  CB  . ALA A 1 209 ? 3.199   2.651   -14.961 1.00 34.17 ? 209 ALA A CB  1 
ATOM   1473 N  N   . ARG A 1 210 ? 5.783   3.728   -16.380 1.00 34.95 ? 210 ARG A N   1 
ATOM   1474 C  CA  . ARG A 1 210 ? 7.212   3.693   -16.667 1.00 35.45 ? 210 ARG A CA  1 
ATOM   1475 C  C   . ARG A 1 210 ? 7.963   5.029   -16.332 1.00 35.14 ? 210 ARG A C   1 
ATOM   1476 O  O   . ARG A 1 210 ? 9.027   4.996   -15.715 1.00 33.98 ? 210 ARG A O   1 
ATOM   1477 C  CB  . ARG A 1 210 ? 7.463   3.223   -18.098 1.00 35.70 ? 210 ARG A CB  1 
ATOM   1478 C  CG  . ARG A 1 210 ? 8.886   2.737   -18.306 1.00 38.59 ? 210 ARG A CG  1 
ATOM   1479 C  CD  . ARG A 1 210 ? 9.218   2.647   -19.774 1.00 44.01 ? 210 ARG A CD  1 
ATOM   1480 N  NE  . ARG A 1 210 ? 8.700   1.449   -20.446 1.00 47.65 ? 210 ARG A NE  1 
ATOM   1481 C  CZ  . ARG A 1 210 ? 8.919   0.193   -20.053 1.00 49.73 ? 210 ARG A CZ  1 
ATOM   1482 N  NH1 . ARG A 1 210 ? 9.587   -0.066  -18.928 1.00 50.04 ? 210 ARG A NH1 1 
ATOM   1483 N  NH2 . ARG A 1 210 ? 8.438   -0.813  -20.776 1.00 48.28 ? 210 ARG A NH2 1 
ATOM   1484 N  N   . ALA A 1 211 ? 7.399   6.178   -16.723 1.00 35.64 ? 211 ALA A N   1 
ATOM   1485 C  CA  . ALA A 1 211 ? 8.013   7.490   -16.499 1.00 35.80 ? 211 ALA A CA  1 
ATOM   1486 C  C   . ALA A 1 211 ? 8.164   7.768   -15.005 1.00 36.03 ? 211 ALA A C   1 
ATOM   1487 O  O   . ALA A 1 211 ? 9.195   8.309   -14.549 1.00 36.40 ? 211 ALA A O   1 
ATOM   1488 C  CB  . ALA A 1 211 ? 7.166   8.591   -17.136 1.00 36.33 ? 211 ALA A CB  1 
ATOM   1489 N  N   . PHE A 1 212 ? 7.120   7.403   -14.261 1.00 35.03 ? 212 PHE A N   1 
ATOM   1490 C  CA  . PHE A 1 212 ? 7.098   7.503   -12.817 1.00 34.23 ? 212 PHE A CA  1 
ATOM   1491 C  C   . PHE A 1 212 ? 8.216   6.662   -12.153 1.00 32.93 ? 212 PHE A C   1 
ATOM   1492 O  O   . PHE A 1 212 ? 8.954   7.167   -11.333 1.00 32.68 ? 212 PHE A O   1 
ATOM   1493 C  CB  . PHE A 1 212 ? 5.714   7.053   -12.324 1.00 34.07 ? 212 PHE A CB  1 
ATOM   1494 C  CG  . PHE A 1 212 ? 5.396   7.472   -10.920 1.00 33.63 ? 212 PHE A CG  1 
ATOM   1495 C  CD1 . PHE A 1 212 ? 4.469   8.482   -10.683 1.00 34.97 ? 212 PHE A CD1 1 
ATOM   1496 C  CD2 . PHE A 1 212 ? 6.054   6.894   -9.847  1.00 33.23 ? 212 PHE A CD2 1 
ATOM   1497 C  CE1 . PHE A 1 212 ? 4.182   8.900   -9.394  1.00 34.37 ? 212 PHE A CE1 1 
ATOM   1498 C  CE2 . PHE A 1 212 ? 5.776   7.290   -8.558  1.00 33.55 ? 212 PHE A CE2 1 
ATOM   1499 C  CZ  . PHE A 1 212 ? 4.832   8.297   -8.329  1.00 35.46 ? 212 PHE A CZ  1 
ATOM   1500 N  N   . LYS A 1 213 ? 8.322   5.390   -12.509 1.00 32.01 ? 213 LYS A N   1 
ATOM   1501 C  CA  . LYS A 1 213 ? 9.379   4.523   -11.994 1.00 31.67 ? 213 LYS A CA  1 
ATOM   1502 C  C   . LYS A 1 213 ? 10.794  4.996   -12.434 1.00 32.06 ? 213 LYS A C   1 
ATOM   1503 O  O   . LYS A 1 213 ? 11.761  4.893   -11.652 1.00 31.20 ? 213 LYS A O   1 
ATOM   1504 C  CB  . LYS A 1 213 ? 9.124   3.067   -12.458 1.00 32.37 ? 213 LYS A CB  1 
ATOM   1505 C  CG  . LYS A 1 213 ? 10.054  1.984   -11.813 1.00 33.34 ? 213 LYS A CG  1 
ATOM   1506 C  CD  . LYS A 1 213 ? 9.944   1.882   -10.267 1.00 32.38 ? 213 LYS A CD  1 
ATOM   1507 C  CE  . LYS A 1 213 ? 11.053  0.973   -9.676  1.00 33.07 ? 213 LYS A CE  1 
ATOM   1508 N  NZ  . LYS A 1 213 ? 10.782  0.344   -8.315  1.00 31.67 ? 213 LYS A NZ  1 
ATOM   1509 N  N   . ASP A 1 214 ? 10.893  5.500   -13.675 1.00 30.86 ? 214 ASP A N   1 
ATOM   1510 C  CA  . ASP A 1 214 ? 12.150  6.086   -14.215 1.00 31.17 ? 214 ASP A CA  1 
ATOM   1511 C  C   . ASP A 1 214 ? 12.581  7.300   -13.399 1.00 30.96 ? 214 ASP A C   1 
ATOM   1512 O  O   . ASP A 1 214 ? 13.754  7.480   -13.146 1.00 30.43 ? 214 ASP A O   1 
ATOM   1513 C  CB  . ASP A 1 214 ? 11.999  6.485   -15.678 1.00 31.34 ? 214 ASP A CB  1 
ATOM   1514 C  CG  . ASP A 1 214 ? 12.067  5.301   -16.627 1.00 34.45 ? 214 ASP A CG  1 
ATOM   1515 O  OD1 . ASP A 1 214 ? 12.349  4.172   -16.142 1.00 33.91 ? 214 ASP A OD1 1 
ATOM   1516 O  OD2 . ASP A 1 214 ? 11.860  5.503   -17.865 1.00 36.82 ? 214 ASP A OD2 1 
ATOM   1517 N  N   . GLU A 1 215 ? 11.621  8.106   -12.953 1.00 30.85 ? 215 GLU A N   1 
ATOM   1518 C  CA  . GLU A 1 215 ? 11.932  9.202   -12.039 1.00 30.79 ? 215 GLU A CA  1 
ATOM   1519 C  C   . GLU A 1 215 ? 12.392  8.714   -10.663 1.00 30.78 ? 215 GLU A C   1 
ATOM   1520 O  O   . GLU A 1 215 ? 13.270  9.316   -10.087 1.00 31.66 ? 215 GLU A O   1 
ATOM   1521 C  CB  . GLU A 1 215 ? 10.769  10.200  -11.919 1.00 31.07 ? 215 GLU A CB  1 
ATOM   1522 C  CG  . GLU A 1 215 ? 11.063  11.427  -11.049 1.00 31.59 ? 215 GLU A CG  1 
ATOM   1523 C  CD  . GLU A 1 215 ? 12.086  12.403  -11.628 1.00 31.87 ? 215 GLU A CD  1 
ATOM   1524 O  OE1 . GLU A 1 215 ? 12.703  12.135  -12.693 1.00 32.57 ? 215 GLU A OE1 1 
ATOM   1525 O  OE2 . GLU A 1 215 ? 12.302  13.447  -10.978 1.00 31.93 ? 215 GLU A OE2 1 
ATOM   1526 N  N   . ILE A 1 216 ? 11.791  7.640   -10.141 1.00 30.50 ? 216 ILE A N   1 
ATOM   1527 C  CA  . ILE A 1 216 ? 12.312  6.944   -8.941  1.00 30.12 ? 216 ILE A CA  1 
ATOM   1528 C  C   . ILE A 1 216 ? 13.765  6.441   -9.127  1.00 30.27 ? 216 ILE A C   1 
ATOM   1529 O  O   . ILE A 1 216 ? 14.626  6.622   -8.258  1.00 28.52 ? 216 ILE A O   1 
ATOM   1530 C  CB  . ILE A 1 216 ? 11.391  5.772   -8.488  1.00 29.92 ? 216 ILE A CB  1 
ATOM   1531 C  CG1 . ILE A 1 216 ? 10.096  6.290   -7.856  1.00 29.30 ? 216 ILE A CG1 1 
ATOM   1532 C  CG2 . ILE A 1 216 ? 12.103  4.847   -7.487  1.00 29.36 ? 216 ILE A CG2 1 
ATOM   1533 C  CD1 . ILE A 1 216 ? 9.055   5.146   -7.613  1.00 29.31 ? 216 ILE A CD1 1 
ATOM   1534 N  N   . LYS A 1 217 ? 14.026  5.796   -10.259 1.00 30.85 ? 217 LYS A N   1 
ATOM   1535 C  CA  . LYS A 1 217 ? 15.389  5.393   -10.595 1.00 32.27 ? 217 LYS A CA  1 
ATOM   1536 C  C   . LYS A 1 217 ? 16.380  6.558   -10.598 1.00 32.46 ? 217 LYS A C   1 
ATOM   1537 O  O   . LYS A 1 217 ? 17.524  6.416   -10.132 1.00 32.58 ? 217 LYS A O   1 
ATOM   1538 C  CB  . LYS A 1 217 ? 15.421  4.676   -11.955 1.00 32.27 ? 217 LYS A CB  1 
ATOM   1539 C  CG  . LYS A 1 217 ? 14.679  3.330   -11.919 1.00 32.15 ? 217 LYS A CG  1 
ATOM   1540 C  CD  . LYS A 1 217 ? 14.500  2.704   -13.313 1.00 33.41 ? 217 LYS A CD  1 
ATOM   1541 C  CE  . LYS A 1 217 ? 13.699  1.415   -13.247 1.00 36.31 ? 217 LYS A CE  1 
ATOM   1542 N  NZ  . LYS A 1 217 ? 13.762  0.816   -14.610 1.00 39.30 ? 217 LYS A NZ  1 
ATOM   1543 N  N   . ARG A 1 218 ? 15.960  7.702   -11.141 1.00 32.54 ? 218 ARG A N   1 
ATOM   1544 C  CA  . ARG A 1 218 ? 16.869  8.835   -11.325 1.00 31.67 ? 218 ARG A CA  1 
ATOM   1545 C  C   . ARG A 1 218 ? 17.251  9.377   -9.954  1.00 31.98 ? 218 ARG A C   1 
ATOM   1546 O  O   . ARG A 1 218 ? 18.427  9.691   -9.695  1.00 29.73 ? 218 ARG A O   1 
ATOM   1547 C  CB  . ARG A 1 218 ? 16.195  9.937   -12.175 1.00 31.71 ? 218 ARG A CB  1 
ATOM   1548 C  CG  . ARG A 1 218 ? 17.070  11.189  -12.447 1.00 33.36 ? 218 ARG A CG  1 
ATOM   1549 C  CD  . ARG A 1 218 ? 16.274  12.330  -13.078 1.00 32.81 ? 218 ARG A CD  1 
ATOM   1550 N  NE  . ARG A 1 218 ? 15.376  12.984  -12.119 1.00 32.84 ? 218 ARG A NE  1 
ATOM   1551 C  CZ  . ARG A 1 218 ? 15.745  13.864  -11.179 1.00 33.33 ? 218 ARG A CZ  1 
ATOM   1552 N  NH1 . ARG A 1 218 ? 17.002  14.226  -11.047 1.00 34.88 ? 218 ARG A NH1 1 
ATOM   1553 N  NH2 . ARG A 1 218 ? 14.848  14.375  -10.347 1.00 35.26 ? 218 ARG A NH2 1 
ATOM   1554 N  N   . ILE A 1 219 ? 16.252  9.472   -9.067  1.00 31.64 ? 219 ILE A N   1 
ATOM   1555 C  CA  . ILE A 1 219 ? 16.456  10.072  -7.742  1.00 32.31 ? 219 ILE A CA  1 
ATOM   1556 C  C   . ILE A 1 219 ? 17.152  9.121   -6.750  1.00 32.23 ? 219 ILE A C   1 
ATOM   1557 O  O   . ILE A 1 219 ? 18.024  9.548   -6.025  1.00 31.87 ? 219 ILE A O   1 
ATOM   1558 C  CB  . ILE A 1 219 ? 15.102  10.584  -7.140  1.00 32.61 ? 219 ILE A CB  1 
ATOM   1559 C  CG1 . ILE A 1 219 ? 14.518  11.702  -8.005  1.00 33.61 ? 219 ILE A CG1 1 
ATOM   1560 C  CG2 . ILE A 1 219 ? 15.287  11.117  -5.716  1.00 32.02 ? 219 ILE A CG2 1 
ATOM   1561 C  CD1 . ILE A 1 219 ? 13.023  11.935  -7.773  1.00 32.49 ? 219 ILE A CD1 1 
ATOM   1562 N  N   . TRP A 1 220 ? 16.722  7.855   -6.688  1.00 31.97 ? 220 TRP A N   1 
ATOM   1563 C  CA  . TRP A 1 220 ? 17.256  6.858   -5.736  1.00 31.39 ? 220 TRP A CA  1 
ATOM   1564 C  C   . TRP A 1 220 ? 18.299  5.878   -6.330  1.00 31.67 ? 220 TRP A C   1 
ATOM   1565 O  O   . TRP A 1 220 ? 18.919  5.131   -5.581  1.00 32.32 ? 220 TRP A O   1 
ATOM   1566 C  CB  . TRP A 1 220 ? 16.091  6.055   -5.058  1.00 30.25 ? 220 TRP A CB  1 
ATOM   1567 C  CG  . TRP A 1 220 ? 15.313  6.888   -4.032  1.00 30.28 ? 220 TRP A CG  1 
ATOM   1568 C  CD1 . TRP A 1 220 ? 15.568  6.988   -2.681  1.00 30.51 ? 220 TRP A CD1 1 
ATOM   1569 C  CD2 . TRP A 1 220 ? 14.195  7.752   -4.289  1.00 28.32 ? 220 TRP A CD2 1 
ATOM   1570 N  NE1 . TRP A 1 220 ? 14.684  7.865   -2.097  1.00 30.45 ? 220 TRP A NE1 1 
ATOM   1571 C  CE2 . TRP A 1 220 ? 13.846  8.360   -3.063  1.00 29.24 ? 220 TRP A CE2 1 
ATOM   1572 C  CE3 . TRP A 1 220 ? 13.471  8.086   -5.441  1.00 28.23 ? 220 TRP A CE3 1 
ATOM   1573 C  CZ2 . TRP A 1 220 ? 12.797  9.266   -2.957  1.00 30.06 ? 220 TRP A CZ2 1 
ATOM   1574 C  CZ3 . TRP A 1 220 ? 12.445  8.987   -5.338  1.00 28.72 ? 220 TRP A CZ3 1 
ATOM   1575 C  CH2 . TRP A 1 220 ? 12.113  9.572   -4.103  1.00 29.62 ? 220 TRP A CH2 1 
ATOM   1576 N  N   . GLY A 1 221 ? 18.491  5.876   -7.653  1.00 32.28 ? 221 GLY A N   1 
ATOM   1577 C  CA  . GLY A 1 221 ? 19.309  4.844   -8.346  1.00 32.21 ? 221 GLY A CA  1 
ATOM   1578 C  C   . GLY A 1 221 ? 20.828  5.017   -8.388  1.00 32.57 ? 221 GLY A C   1 
ATOM   1579 O  O   . GLY A 1 221 ? 21.364  5.943   -7.777  1.00 32.66 ? 221 GLY A O   1 
HETATM 1580 MG MG  . MG  B 2 .   ? -5.314  2.094   -0.454  1.00 31.02 ? 222 MG  A MG  1 
HETATM 1581 O  O   . HOH C 3 .   ? 3.855   -11.243 -12.226 1.00 25.00 ? 223 HOH A O   1 
HETATM 1582 O  O   . HOH C 3 .   ? -9.358  4.153   0.284   1.00 21.60 ? 224 HOH A O   1 
HETATM 1583 O  O   . HOH C 3 .   ? 4.235   -10.142 9.081   1.00 36.15 ? 225 HOH A O   1 
HETATM 1584 O  O   . HOH C 3 .   ? -14.157 1.927   -13.201 1.00 34.47 ? 226 HOH A O   1 
HETATM 1585 O  O   . HOH C 3 .   ? -11.836 -12.768 13.797  1.00 31.35 ? 227 HOH A O   1 
HETATM 1586 O  O   . HOH C 3 .   ? -15.975 -11.213 -4.427  1.00 24.57 ? 228 HOH A O   1 
HETATM 1587 O  O   . HOH C 3 .   ? -10.182 -8.981  16.215  1.00 28.43 ? 229 HOH A O   1 
HETATM 1588 O  O   . HOH C 3 .   ? 1.803   0.183   0.360   1.00 29.36 ? 230 HOH A O   1 
HETATM 1589 O  O   . HOH C 3 .   ? -18.292 -4.906  -10.483 1.00 25.89 ? 231 HOH A O   1 
HETATM 1590 O  O   . HOH C 3 .   ? -10.057 -3.372  16.965  1.00 28.17 ? 232 HOH A O   1 
HETATM 1591 O  O   . HOH C 3 .   ? -12.029 -15.844 0.932   1.00 27.35 ? 233 HOH A O   1 
HETATM 1592 O  O   . HOH C 3 .   ? -12.908 -3.914  9.659   1.00 27.09 ? 234 HOH A O   1 
HETATM 1593 O  O   . HOH C 3 .   ? 4.538   0.492   3.803   1.00 27.26 ? 235 HOH A O   1 
HETATM 1594 O  O   . HOH C 3 .   ? -6.114  3.330   -10.803 1.00 33.78 ? 236 HOH A O   1 
HETATM 1595 O  O   . HOH C 3 .   ? 4.416   -5.456  8.760   1.00 34.84 ? 237 HOH A O   1 
HETATM 1596 O  O   . HOH C 3 .   ? -17.542 -4.662  -13.915 1.00 20.79 ? 238 HOH A O   1 
HETATM 1597 O  O   . HOH C 3 .   ? 11.485  -0.538  -1.619  1.00 32.67 ? 239 HOH A O   1 
HETATM 1598 O  O   . HOH C 3 .   ? -8.244  3.933   -14.106 1.00 31.91 ? 240 HOH A O   1 
HETATM 1599 O  O   . HOH C 3 .   ? -5.120  -16.986 -7.921  1.00 37.32 ? 241 HOH A O   1 
HETATM 1600 O  O   . HOH C 3 .   ? -11.640 -7.980  1.055   1.00 23.20 ? 242 HOH A O   1 
HETATM 1601 O  O   . HOH C 3 .   ? -4.404  10.254  0.080   1.00 36.15 ? 243 HOH A O   1 
HETATM 1602 O  O   . HOH C 3 .   ? -4.806  20.088  6.330   1.00 59.20 ? 244 HOH A O   1 
HETATM 1603 O  O   . HOH C 3 .   ? 10.342  -5.309  2.583   1.00 39.36 ? 245 HOH A O   1 
HETATM 1604 O  O   . HOH C 3 .   ? -13.847 -16.927 7.547   1.00 43.45 ? 246 HOH A O   1 
HETATM 1605 O  O   . HOH C 3 .   ? 10.588  3.389   4.608   1.00 37.21 ? 247 HOH A O   1 
HETATM 1606 O  O   . HOH C 3 .   ? -14.232 -6.083  10.247  1.00 31.37 ? 248 HOH A O   1 
HETATM 1607 O  O   . HOH C 3 .   ? -18.549 -7.467  -9.305  1.00 29.37 ? 249 HOH A O   1 
HETATM 1608 O  O   . HOH C 3 .   ? -1.391  9.835   7.151   1.00 28.14 ? 250 HOH A O   1 
HETATM 1609 O  O   . HOH C 3 .   ? -14.426 4.733   -7.500  1.00 29.43 ? 251 HOH A O   1 
HETATM 1610 O  O   . HOH C 3 .   ? -10.089 -5.457  20.795  1.00 40.42 ? 252 HOH A O   1 
HETATM 1611 O  O   . HOH C 3 .   ? -10.097 0.929   -15.805 1.00 28.68 ? 253 HOH A O   1 
HETATM 1612 O  O   . HOH C 3 .   ? -19.765 -2.882  -8.989  1.00 30.59 ? 254 HOH A O   1 
HETATM 1613 O  O   . HOH C 3 .   ? 9.051   -6.247  0.303   1.00 38.32 ? 255 HOH A O   1 
HETATM 1614 O  O   . HOH C 3 .   ? -4.740  5.474   -3.106  1.00 41.30 ? 256 HOH A O   1 
HETATM 1615 O  O   . HOH C 3 .   ? -1.634  -15.136 0.629   1.00 28.29 ? 257 HOH A O   1 
HETATM 1616 O  O   . HOH C 3 .   ? -2.034  9.363   -8.888  1.00 42.20 ? 258 HOH A O   1 
HETATM 1617 O  O   . HOH C 3 .   ? -6.844  7.737   14.566  1.00 42.48 ? 259 HOH A O   1 
HETATM 1618 O  O   . HOH C 3 .   ? 0.295   12.719  14.060  1.00 61.61 ? 260 HOH A O   1 
HETATM 1619 O  O   . HOH C 3 .   ? -12.099 -17.769 -0.762  1.00 33.83 ? 261 HOH A O   1 
HETATM 1620 O  O   . HOH C 3 .   ? -4.633  10.330  6.448   1.00 40.04 ? 262 HOH A O   1 
HETATM 1621 O  O   . HOH C 3 .   ? 14.969  8.632   5.700   1.00 42.54 ? 263 HOH A O   1 
HETATM 1622 O  O   . HOH C 3 .   ? -12.384 -17.245 3.451   1.00 30.28 ? 264 HOH A O   1 
HETATM 1623 O  O   . HOH C 3 .   ? 20.751  8.377   -6.896  1.00 49.82 ? 265 HOH A O   1 
HETATM 1624 O  O   . HOH C 3 .   ? 8.265   0.576   -14.945 1.00 40.92 ? 266 HOH A O   1 
HETATM 1625 O  O   . HOH C 3 .   ? -5.796  -3.142  -20.075 1.00 35.24 ? 267 HOH A O   1 
HETATM 1626 O  O   . HOH C 3 .   ? -1.083  -0.155  0.844   1.00 29.22 ? 268 HOH A O   1 
HETATM 1627 O  O   . HOH C 3 .   ? 9.196   -4.648  -1.772  1.00 41.17 ? 269 HOH A O   1 
HETATM 1628 O  O   . HOH C 3 .   ? -4.991  -1.440  21.831  1.00 41.48 ? 270 HOH A O   1 
HETATM 1629 O  O   . HOH C 3 .   ? 2.939   10.970  -13.210 1.00 50.10 ? 271 HOH A O   1 
HETATM 1630 O  O   . HOH C 3 .   ? 11.512  18.436  -0.001  1.00 46.56 ? 272 HOH A O   1 
HETATM 1631 O  O   . HOH C 3 .   ? 2.177   -14.594 -2.418  1.00 38.49 ? 273 HOH A O   1 
HETATM 1632 O  O   . HOH C 3 .   ? -11.853 0.982   8.640   0.50 35.81 ? 274 HOH A O   1 
HETATM 1633 O  O   . HOH C 3 .   ? 2.085   18.475  2.746   1.00 45.69 ? 275 HOH A O   1 
HETATM 1634 O  O   . HOH C 3 .   ? 7.183   -6.758  -6.909  1.00 50.87 ? 276 HOH A O   1 
HETATM 1635 O  O   . HOH C 3 .   ? 10.462  10.053  -16.009 1.00 45.56 ? 277 HOH A O   1 
HETATM 1636 O  O   . HOH C 3 .   ? -5.612  1.961   -17.386 1.00 44.35 ? 278 HOH A O   1 
HETATM 1637 O  O   . HOH C 3 .   ? -5.406  -14.853 14.077  1.00 39.52 ? 279 HOH A O   1 
HETATM 1638 O  O   . HOH C 3 .   ? -2.536  12.701  6.402   1.00 36.67 ? 280 HOH A O   1 
HETATM 1639 O  O   . HOH C 3 .   ? -3.957  -12.650 18.706  1.00 36.25 ? 281 HOH A O   1 
HETATM 1640 O  O   . HOH C 3 .   ? -0.850  -17.283 -9.482  1.00 39.21 ? 282 HOH A O   1 
HETATM 1641 O  O   . HOH C 3 .   ? -8.507  10.443  15.113  1.00 38.98 ? 283 HOH A O   1 
HETATM 1642 O  O   . HOH C 3 .   ? 11.541  -1.573  -5.686  1.00 39.75 ? 284 HOH A O   1 
HETATM 1643 O  O   . HOH C 3 .   ? -3.574  0.631   17.139  1.00 45.79 ? 285 HOH A O   1 
HETATM 1644 O  O   . HOH C 3 .   ? -16.417 -15.587 -4.657  1.00 49.88 ? 286 HOH A O   1 
HETATM 1645 O  O   . HOH C 3 .   ? -1.158  11.222  9.234   1.00 42.84 ? 287 HOH A O   1 
HETATM 1646 O  O   . HOH C 3 .   ? -17.144 -13.473 -6.315  1.00 43.45 ? 288 HOH A O   1 
HETATM 1647 O  O   . HOH C 3 .   ? -0.218  -16.562 -0.996  1.00 46.76 ? 289 HOH A O   1 
HETATM 1648 O  O   . HOH C 3 .   ? -17.765 -9.508  -7.459  1.00 40.30 ? 290 HOH A O   1 
HETATM 1649 O  O   . HOH C 3 .   ? -20.922 -3.912  -6.883  1.00 30.37 ? 291 HOH A O   1 
HETATM 1650 O  O   . HOH C 3 .   ? 9.151   -5.714  -8.776  1.00 38.97 ? 292 HOH A O   1 
HETATM 1651 O  O   . HOH C 3 .   ? -5.578  6.151   -0.422  1.00 36.79 ? 293 HOH A O   1 
HETATM 1652 O  O   . HOH C 3 .   ? -16.416 -11.296 -8.922  1.00 41.18 ? 294 HOH A O   1 
HETATM 1653 O  O   . HOH C 3 .   ? -2.379  13.979  12.597  1.00 58.96 ? 295 HOH A O   1 
HETATM 1654 O  O   . HOH C 3 .   ? -0.797  9.201   -4.963  1.00 36.59 ? 296 HOH A O   1 
HETATM 1655 O  O   . HOH C 3 .   ? -19.799 -11.395 -7.165  0.50 35.88 ? 297 HOH A O   1 
HETATM 1656 O  O   . HOH C 3 .   ? 11.035  9.215   -18.407 1.00 52.33 ? 298 HOH A O   1 
HETATM 1657 O  O   . HOH C 3 .   ? -17.219 1.495   -2.433  1.00 22.38 ? 299 HOH A O   1 
HETATM 1658 O  O   . HOH C 3 .   ? -19.231 -0.066  -1.702  1.00 23.56 ? 300 HOH A O   1 
HETATM 1659 O  O   . HOH C 3 .   ? -3.567  1.436   0.914   1.00 36.49 ? 301 HOH A O   1 
HETATM 1660 O  O   . HOH C 3 .   ? -3.622  3.295   -1.545  1.00 33.46 ? 302 HOH A O   1 
HETATM 1661 O  O   . HOH C 3 .   ? -6.768  2.851   -1.428  1.00 28.65 ? 303 HOH A O   1 
HETATM 1662 O  O   . HOH C 3 .   ? -5.564  3.842   0.757   1.00 26.68 ? 304 HOH A O   1 
# 
loop_
_pdbx_poly_seq_scheme.asym_id 
_pdbx_poly_seq_scheme.entity_id 
_pdbx_poly_seq_scheme.seq_id 
_pdbx_poly_seq_scheme.mon_id 
_pdbx_poly_seq_scheme.ndb_seq_num 
_pdbx_poly_seq_scheme.pdb_seq_num 
_pdbx_poly_seq_scheme.auth_seq_num 
_pdbx_poly_seq_scheme.pdb_mon_id 
_pdbx_poly_seq_scheme.auth_mon_id 
_pdbx_poly_seq_scheme.pdb_strand_id 
_pdbx_poly_seq_scheme.pdb_ins_code 
_pdbx_poly_seq_scheme.hetero 
A 1 1   MET 1   1   ?   ?   ?   A . n 
A 1 2   THR 2   2   ?   ?   ?   A . n 
A 1 3   LYS 3   3   ?   ?   ?   A . n 
A 1 4   GLN 4   4   4   GLN GLY A . n 
A 1 5   LEU 5   5   5   LEU LEU A . n 
A 1 6   PRO 6   6   6   PRO PRO A . n 
A 1 7   ASN 7   7   7   ASN ASN A . n 
A 1 8   LEU 8   8   8   LEU LEU A . n 
A 1 9   GLN 9   9   9   GLN GLN A . n 
A 1 10  VAL 10  10  10  VAL VAL A . n 
A 1 11  ALA 11  11  11  ALA ALA A . n 
A 1 12  LEU 12  12  12  LEU LEU A . n 
A 1 13  ASP 13  13  13  ASP ASP A . n 
A 1 14  HIS 14  14  14  HIS HIS A . n 
A 1 15  SER 15  15  15  SER SER A . n 
A 1 16  ASN 16  16  16  ASN ASN A . n 
A 1 17  LEU 17  17  17  LEU LEU A . n 
A 1 18  LYS 18  18  18  LYS LYS A . n 
A 1 19  GLY 19  19  19  GLY GLY A . n 
A 1 20  ALA 20  20  20  ALA ALA A . n 
A 1 21  ILE 21  21  21  ILE ILE A . n 
A 1 22  THR 22  22  22  THR THR A . n 
A 1 23  ALA 23  23  23  ALA ALA A . n 
A 1 24  ALA 24  24  24  ALA ALA A . n 
A 1 25  VAL 25  25  25  VAL VAL A . n 
A 1 26  SER 26  26  26  SER SER A . n 
A 1 27  VAL 27  27  27  VAL VAL A . n 
A 1 28  GLY 28  28  28  GLY GLY A . n 
A 1 29  ASN 29  29  29  ASN ASN A . n 
A 1 30  GLU 30  30  30  GLU GLU A . n 
A 1 31  VAL 31  31  31  VAL VAL A . n 
A 1 32  ASP 32  32  32  ASP ASP A . n 
A 1 33  VAL 33  33  33  VAL VAL A . n 
A 1 34  ILE 34  34  34  ILE ILE A . n 
A 1 35  GLU 35  35  35  GLU GLU A . n 
A 1 36  ALA 36  36  36  ALA ALA A . n 
A 1 37  GLY 37  37  37  GLY GLY A . n 
A 1 38  THR 38  38  38  THR THR A . n 
A 1 39  VAL 39  39  39  VAL VAL A . n 
A 1 40  CYS 40  40  40  CYS CYS A . n 
A 1 41  LEU 41  41  41  LEU LEU A . n 
A 1 42  LEU 42  42  42  LEU LEU A . n 
A 1 43  GLN 43  43  43  GLN GLN A . n 
A 1 44  VAL 44  44  44  VAL VAL A . n 
A 1 45  GLY 45  45  45  GLY GLY A . n 
A 1 46  SER 46  46  46  SER SER A . n 
A 1 47  GLU 47  47  47  GLU GLU A . n 
A 1 48  LEU 48  48  48  LEU LEU A . n 
A 1 49  VAL 49  49  49  VAL VAL A . n 
A 1 50  GLU 50  50  50  GLU GLU A . n 
A 1 51  VAL 51  51  51  VAL VAL A . n 
A 1 52  LEU 52  52  52  LEU LEU A . n 
A 1 53  ARG 53  53  53  ARG ARG A . n 
A 1 54  SER 54  54  54  SER SER A . n 
A 1 55  LEU 55  55  55  LEU LEU A . n 
A 1 56  PHE 56  56  56  PHE PHE A . n 
A 1 57  PRO 57  57  57  PRO PRO A . n 
A 1 58  ASP 58  58  58  ASP ASP A . n 
A 1 59  LYS 59  59  59  LYS LYS A . n 
A 1 60  ILE 60  60  60  ILE ILE A . n 
A 1 61  ILE 61  61  61  ILE ILE A . n 
A 1 62  VAL 62  62  62  VAL VAL A . n 
A 1 63  ALA 63  63  63  ALA ALA A . n 
A 1 64  ASP 64  64  64  ASP ASP A . n 
A 1 65  THR 65  65  65  THR THR A . n 
A 1 66  LYS 66  66  66  LYS LYS A . n 
A 1 67  CYS 67  67  67  CYS CYS A . n 
A 1 68  ALA 68  68  68  ALA ALA A . n 
A 1 69  ASP 69  69  69  ASP ASP A . n 
A 1 70  ALA 70  70  70  ALA ALA A . n 
A 1 71  GLY 71  71  71  GLY GLY A . n 
A 1 72  GLY 72  72  72  GLY GLY A . n 
A 1 73  THR 73  73  73  THR THR A . n 
A 1 74  VAL 74  74  74  VAL VAL A . n 
A 1 75  ALA 75  75  75  ALA ALA A . n 
A 1 76  LYS 76  76  76  LYS LYS A . n 
A 1 77  ASN 77  77  77  ASN ASN A . n 
A 1 78  ASN 78  78  78  ASN ASN A . n 
A 1 79  ALA 79  79  79  ALA ALA A . n 
A 1 80  VAL 80  80  80  VAL VAL A . n 
A 1 81  ARG 81  81  81  ARG ARG A . n 
A 1 82  GLY 82  82  82  GLY GLY A . n 
A 1 83  ALA 83  83  83  ALA ALA A . n 
A 1 84  ASP 84  84  84  ASP ASP A . n 
A 1 85  TRP 85  85  85  TRP TRP A . n 
A 1 86  MET 86  86  86  MET MET A . n 
A 1 87  THR 87  87  87  THR THR A . n 
A 1 88  CYS 88  88  88  CYS CYS A . n 
A 1 89  ILE 89  89  89  ILE ILE A . n 
A 1 90  CYS 90  90  90  CYS CYS A . n 
A 1 91  SER 91  91  91  SER SER A . n 
A 1 92  ALA 92  92  92  ALA ALA A . n 
A 1 93  THR 93  93  93  THR THR A . n 
A 1 94  ILE 94  94  94  ILE ILE A . n 
A 1 95  PRO 95  95  95  PRO PRO A . n 
A 1 96  THR 96  96  96  THR THR A . n 
A 1 97  MET 97  97  97  MET MET A . n 
A 1 98  LYS 98  98  98  LYS LYS A . n 
A 1 99  ALA 99  99  99  ALA ALA A . n 
A 1 100 ALA 100 100 100 ALA ALA A . n 
A 1 101 ARG 101 101 101 ARG ARG A . n 
A 1 102 LYS 102 102 102 LYS LYS A . n 
A 1 103 ALA 103 103 103 ALA ALA A . n 
A 1 104 ILE 104 104 104 ILE ILE A . n 
A 1 105 GLU 105 105 105 GLU GLU A . n 
A 1 106 ASP 106 106 106 ASP ASP A . n 
A 1 107 ILE 107 107 107 ILE ILE A . n 
A 1 108 ASN 108 108 108 ASN ASN A . n 
A 1 109 PRO 109 109 109 PRO PRO A . n 
A 1 110 ASP 110 110 110 ASP ASP A . n 
A 1 111 LYS 111 111 111 LYS LYS A . n 
A 1 112 GLY 112 112 112 GLY GLY A . n 
A 1 113 GLU 113 113 113 GLU GLU A . n 
A 1 114 ILE 114 114 114 ILE ILE A . n 
A 1 115 GLN 115 115 115 GLN GLN A . n 
A 1 116 VAL 116 116 116 VAL VAL A . n 
A 1 117 GLU 117 117 117 GLU GLU A . n 
A 1 118 LEU 118 118 118 LEU LEU A . n 
A 1 119 TYR 119 119 119 TYR TYR A . n 
A 1 120 GLY 120 120 120 GLY GLY A . n 
A 1 121 ASP 121 121 121 ASP ASP A . n 
A 1 122 TRP 122 122 122 TRP TRP A . n 
A 1 123 THR 123 123 123 THR THR A . n 
A 1 124 TYR 124 124 124 TYR TYR A . n 
A 1 125 ASP 125 125 125 ASP ASP A . n 
A 1 126 GLN 126 126 126 GLN GLN A . n 
A 1 127 ALA 127 127 127 ALA ALA A . n 
A 1 128 GLN 128 128 128 GLN GLN A . n 
A 1 129 GLN 129 129 129 GLN GLN A . n 
A 1 130 TRP 130 130 130 TRP TRP A . n 
A 1 131 LEU 131 131 131 LEU LEU A . n 
A 1 132 ASP 132 132 132 ASP ASP A . n 
A 1 133 ALA 133 133 133 ALA ALA A . n 
A 1 134 GLY 134 134 134 GLY GLY A . n 
A 1 135 ILE 135 135 135 ILE ILE A . n 
A 1 136 SER 136 136 136 SER SER A . n 
A 1 137 GLN 137 137 137 GLN GLN A . n 
A 1 138 ALA 138 138 138 ALA ALA A . n 
A 1 139 ILE 139 139 139 ILE ILE A . n 
A 1 140 TYR 140 140 140 TYR TYR A . n 
A 1 141 HIS 141 141 141 HIS HIS A . n 
A 1 142 GLN 142 142 142 GLN GLN A . n 
A 1 143 SER 143 143 143 SER SER A . n 
A 1 144 ARG 144 144 144 ARG ARG A . n 
A 1 145 ASP 145 145 ?   ?   ?   A . n 
A 1 146 ALA 146 146 ?   ?   ?   A . n 
A 1 147 LEU 147 147 ?   ?   ?   A . n 
A 1 148 LEU 148 148 ?   ?   ?   A . n 
A 1 149 ALA 149 149 ?   ?   ?   A . n 
A 1 150 GLY 150 150 ?   ?   ?   A . n 
A 1 151 GLU 151 151 ?   ?   ?   A . n 
A 1 152 THR 152 152 152 THR ALA A . n 
A 1 153 TRP 153 153 153 TRP TRP A . n 
A 1 154 GLY 154 154 154 GLY GLY A . n 
A 1 155 GLU 155 155 155 GLU GLU A . n 
A 1 156 LYS 156 156 156 LYS ALA A . n 
A 1 157 ASP 157 157 157 ASP ASP A . n 
A 1 158 LEU 158 158 158 LEU LEU A . n 
A 1 159 ASN 159 159 159 ASN ASN A . n 
A 1 160 LYS 160 160 160 LYS LYS A . n 
A 1 161 VAL 161 161 161 VAL VAL A . n 
A 1 162 LYS 162 162 162 LYS LYS A . n 
A 1 163 LYS 163 163 163 LYS LYS A . n 
A 1 164 LEU 164 164 164 LEU LEU A . n 
A 1 165 ILE 165 165 165 ILE ILE A . n 
A 1 166 GLU 166 166 166 GLU GLU A . n 
A 1 167 MET 167 167 167 MET MET A . n 
A 1 168 GLY 168 168 168 GLY GLY A . n 
A 1 169 PHE 169 169 169 PHE PHE A . n 
A 1 170 ARG 170 170 170 ARG ARG A . n 
A 1 171 VAL 171 171 171 VAL VAL A . n 
A 1 172 SER 172 172 172 SER SER A . n 
A 1 173 VAL 173 173 173 VAL VAL A . n 
A 1 174 THR 174 174 174 THR THR A . n 
A 1 175 GLY 175 175 175 GLY GLY A . n 
A 1 176 GLY 176 176 176 GLY GLY A . n 
A 1 177 LEU 177 177 177 LEU LEU A . n 
A 1 178 SER 178 178 178 SER SER A . n 
A 1 179 VAL 179 179 179 VAL VAL A . n 
A 1 180 ASP 180 180 180 ASP ASP A . n 
A 1 181 THR 181 181 181 THR THR A . n 
A 1 182 LEU 182 182 182 LEU LEU A . n 
A 1 183 LYS 183 183 183 LYS LYS A . n 
A 1 184 LEU 184 184 184 LEU LEU A . n 
A 1 185 PHE 185 185 185 PHE PHE A . n 
A 1 186 GLU 186 186 186 GLU GLU A . n 
A 1 187 GLY 187 187 187 GLY GLY A . n 
A 1 188 VAL 188 188 188 VAL VAL A . n 
A 1 189 ASP 189 189 189 ASP ASP A . n 
A 1 190 VAL 190 190 190 VAL VAL A . n 
A 1 191 PHE 191 191 191 PHE PHE A . n 
A 1 192 THR 192 192 192 THR THR A . n 
A 1 193 PHE 193 193 193 PHE PHE A . n 
A 1 194 ILE 194 194 194 ILE ILE A . n 
A 1 195 ALA 195 195 195 ALA ALA A . n 
A 1 196 GLY 196 196 196 GLY GLY A . n 
A 1 197 ARG 197 197 197 ARG ARG A . n 
A 1 198 GLY 198 198 198 GLY GLY A . n 
A 1 199 ILE 199 199 199 ILE ILE A . n 
A 1 200 THR 200 200 200 THR THR A . n 
A 1 201 GLU 201 201 201 GLU GLU A . n 
A 1 202 ALA 202 202 202 ALA ALA A . n 
A 1 203 LYS 203 203 203 LYS ALA A . n 
A 1 204 ASN 204 204 204 ASN ASN A . n 
A 1 205 PRO 205 205 205 PRO PRO A . n 
A 1 206 ALA 206 206 206 ALA ALA A . n 
A 1 207 GLY 207 207 207 GLY GLY A . n 
A 1 208 ALA 208 208 208 ALA ALA A . n 
A 1 209 ALA 209 209 209 ALA ALA A . n 
A 1 210 ARG 210 210 210 ARG ARG A . n 
A 1 211 ALA 211 211 211 ALA ALA A . n 
A 1 212 PHE 212 212 212 PHE PHE A . n 
A 1 213 LYS 213 213 213 LYS LYS A . n 
A 1 214 ASP 214 214 214 ASP ASP A . n 
A 1 215 GLU 215 215 215 GLU GLU A . n 
A 1 216 ILE 216 216 216 ILE ILE A . n 
A 1 217 LYS 217 217 217 LYS LYS A . n 
A 1 218 ARG 218 218 218 ARG ARG A . n 
A 1 219 ILE 219 219 219 ILE ILE A . n 
A 1 220 TRP 220 220 220 TRP TRP A . n 
A 1 221 GLY 221 221 221 GLY GLY A . n 
# 
loop_
_pdbx_nonpoly_scheme.asym_id 
_pdbx_nonpoly_scheme.entity_id 
_pdbx_nonpoly_scheme.mon_id 
_pdbx_nonpoly_scheme.ndb_seq_num 
_pdbx_nonpoly_scheme.pdb_seq_num 
_pdbx_nonpoly_scheme.auth_seq_num 
_pdbx_nonpoly_scheme.pdb_mon_id 
_pdbx_nonpoly_scheme.auth_mon_id 
_pdbx_nonpoly_scheme.pdb_strand_id 
_pdbx_nonpoly_scheme.pdb_ins_code 
B 2 MG  1  222 1   MG  MG  A . 
C 3 HOH 1  223 1   HOH HOH A . 
C 3 HOH 2  224 2   HOH HOH A . 
C 3 HOH 3  225 3   HOH HOH A . 
C 3 HOH 4  226 4   HOH HOH A . 
C 3 HOH 5  227 5   HOH HOH A . 
C 3 HOH 6  228 6   HOH HOH A . 
C 3 HOH 7  229 7   HOH HOH A . 
C 3 HOH 8  230 8   HOH HOH A . 
C 3 HOH 9  231 9   HOH HOH A . 
C 3 HOH 10 232 10  HOH HOH A . 
C 3 HOH 11 233 11  HOH HOH A . 
C 3 HOH 12 234 12  HOH HOH A . 
C 3 HOH 13 235 13  HOH HOH A . 
C 3 HOH 14 236 14  HOH HOH A . 
C 3 HOH 15 237 15  HOH HOH A . 
C 3 HOH 16 238 16  HOH HOH A . 
C 3 HOH 17 239 17  HOH HOH A . 
C 3 HOH 18 240 18  HOH HOH A . 
C 3 HOH 19 241 19  HOH HOH A . 
C 3 HOH 20 242 20  HOH HOH A . 
C 3 HOH 21 243 21  HOH HOH A . 
C 3 HOH 22 244 22  HOH HOH A . 
C 3 HOH 23 245 23  HOH HOH A . 
C 3 HOH 24 246 24  HOH HOH A . 
C 3 HOH 25 247 25  HOH HOH A . 
C 3 HOH 26 248 26  HOH HOH A . 
C 3 HOH 27 249 27  HOH HOH A . 
C 3 HOH 28 250 28  HOH HOH A . 
C 3 HOH 29 251 29  HOH HOH A . 
C 3 HOH 30 252 31  HOH HOH A . 
C 3 HOH 31 253 32  HOH HOH A . 
C 3 HOH 32 254 33  HOH HOH A . 
C 3 HOH 33 255 34  HOH HOH A . 
C 3 HOH 34 256 35  HOH HOH A . 
C 3 HOH 35 257 37  HOH HOH A . 
C 3 HOH 36 258 39  HOH HOH A . 
C 3 HOH 37 259 40  HOH HOH A . 
C 3 HOH 38 260 41  HOH HOH A . 
C 3 HOH 39 261 42  HOH HOH A . 
C 3 HOH 40 262 43  HOH HOH A . 
C 3 HOH 41 263 44  HOH HOH A . 
C 3 HOH 42 264 45  HOH HOH A . 
C 3 HOH 43 265 46  HOH HOH A . 
C 3 HOH 44 266 48  HOH HOH A . 
C 3 HOH 45 267 49  HOH HOH A . 
C 3 HOH 46 268 50  HOH HOH A . 
C 3 HOH 47 269 53  HOH HOH A . 
C 3 HOH 48 270 54  HOH HOH A . 
C 3 HOH 49 271 55  HOH HOH A . 
C 3 HOH 50 272 56  HOH HOH A . 
C 3 HOH 51 273 59  HOH HOH A . 
C 3 HOH 52 274 60  HOH HOH A . 
C 3 HOH 53 275 61  HOH HOH A . 
C 3 HOH 54 276 63  HOH HOH A . 
C 3 HOH 55 277 67  HOH HOH A . 
C 3 HOH 56 278 68  HOH HOH A . 
C 3 HOH 57 279 69  HOH HOH A . 
C 3 HOH 58 280 70  HOH HOH A . 
C 3 HOH 59 281 71  HOH HOH A . 
C 3 HOH 60 282 72  HOH HOH A . 
C 3 HOH 61 283 73  HOH HOH A . 
C 3 HOH 62 284 75  HOH HOH A . 
C 3 HOH 63 285 77  HOH HOH A . 
C 3 HOH 64 286 78  HOH HOH A . 
C 3 HOH 65 287 79  HOH HOH A . 
C 3 HOH 66 288 80  HOH HOH A . 
C 3 HOH 67 289 81  HOH HOH A . 
C 3 HOH 68 290 84  HOH HOH A . 
C 3 HOH 69 291 86  HOH HOH A . 
C 3 HOH 70 292 87  HOH HOH A . 
C 3 HOH 71 293 89  HOH HOH A . 
C 3 HOH 72 294 91  HOH HOH A . 
C 3 HOH 73 295 92  HOH HOH A . 
C 3 HOH 74 296 95  HOH HOH A . 
C 3 HOH 75 297 98  HOH HOH A . 
C 3 HOH 76 298 99  HOH HOH A . 
C 3 HOH 77 299 100 HOH HOH A . 
C 3 HOH 78 300 101 HOH HOH A . 
C 3 HOH 79 301 102 HOH HOH A . 
C 3 HOH 80 302 103 HOH HOH A . 
C 3 HOH 81 303 104 HOH HOH A . 
C 3 HOH 82 304 105 HOH HOH A . 
# 
_pdbx_struct_assembly.id                   1 
_pdbx_struct_assembly.details              author_and_software_defined_assembly 
_pdbx_struct_assembly.method_details       PISA 
_pdbx_struct_assembly.oligomeric_details   dimeric 
_pdbx_struct_assembly.oligomeric_count     2 
# 
_pdbx_struct_assembly_gen.assembly_id       1 
_pdbx_struct_assembly_gen.oper_expression   1,2 
_pdbx_struct_assembly_gen.asym_id_list      A,B,C 
# 
loop_
_pdbx_struct_assembly_prop.biol_id 
_pdbx_struct_assembly_prop.type 
_pdbx_struct_assembly_prop.value 
_pdbx_struct_assembly_prop.details 
1 'ABSA (A^2)' 2390  ? 
1 MORE         -23.7 ? 
1 'SSA (A^2)'  17040 ? 
# 
loop_
_pdbx_struct_oper_list.id 
_pdbx_struct_oper_list.type 
_pdbx_struct_oper_list.name 
_pdbx_struct_oper_list.symmetry_operation 
_pdbx_struct_oper_list.matrix[1][1] 
_pdbx_struct_oper_list.matrix[1][2] 
_pdbx_struct_oper_list.matrix[1][3] 
_pdbx_struct_oper_list.vector[1] 
_pdbx_struct_oper_list.matrix[2][1] 
_pdbx_struct_oper_list.matrix[2][2] 
_pdbx_struct_oper_list.matrix[2][3] 
_pdbx_struct_oper_list.vector[2] 
_pdbx_struct_oper_list.matrix[3][1] 
_pdbx_struct_oper_list.matrix[3][2] 
_pdbx_struct_oper_list.matrix[3][3] 
_pdbx_struct_oper_list.vector[3] 
1 'identity operation'         1_555 x,y,z     1.0000000000  0.0000000000 0.0000000000 0.0000000000   0.0000000000 1.0000000000  0.0000000000 0.0000000000  0.0000000000 0.0000000000 1.0000000000 0.0000000000  
2 'crystal symmetry operation' 2_565 -x,-y+1,z -0.7268386672 0.4276814044 0.5373957277 -25.5669090027 0.4276814044 -0.3303906456 0.8413861406 -0.5151079127 0.5373957277 0.8413861406 0.0572293128 13.4057504412 
# 
loop_
_pdbx_struct_special_symmetry.id 
_pdbx_struct_special_symmetry.PDB_model_num 
_pdbx_struct_special_symmetry.auth_asym_id 
_pdbx_struct_special_symmetry.auth_comp_id 
_pdbx_struct_special_symmetry.auth_seq_id 
_pdbx_struct_special_symmetry.PDB_ins_code 
_pdbx_struct_special_symmetry.label_asym_id 
_pdbx_struct_special_symmetry.label_comp_id 
_pdbx_struct_special_symmetry.label_seq_id 
1 1 A HOH 274 ? C HOH . 
2 1 A HOH 297 ? C HOH . 
# 
loop_
_pdbx_struct_conn_angle.id 
_pdbx_struct_conn_angle.ptnr1_label_atom_id 
_pdbx_struct_conn_angle.ptnr1_label_alt_id 
_pdbx_struct_conn_angle.ptnr1_label_asym_id 
_pdbx_struct_conn_angle.ptnr1_label_comp_id 
_pdbx_struct_conn_angle.ptnr1_label_seq_id 
_pdbx_struct_conn_angle.ptnr1_auth_atom_id 
_pdbx_struct_conn_angle.ptnr1_auth_asym_id 
_pdbx_struct_conn_angle.ptnr1_auth_comp_id 
_pdbx_struct_conn_angle.ptnr1_auth_seq_id 
_pdbx_struct_conn_angle.ptnr1_PDB_ins_code 
_pdbx_struct_conn_angle.ptnr1_symmetry 
_pdbx_struct_conn_angle.ptnr2_label_atom_id 
_pdbx_struct_conn_angle.ptnr2_label_alt_id 
_pdbx_struct_conn_angle.ptnr2_label_asym_id 
_pdbx_struct_conn_angle.ptnr2_label_comp_id 
_pdbx_struct_conn_angle.ptnr2_label_seq_id 
_pdbx_struct_conn_angle.ptnr2_auth_atom_id 
_pdbx_struct_conn_angle.ptnr2_auth_asym_id 
_pdbx_struct_conn_angle.ptnr2_auth_comp_id 
_pdbx_struct_conn_angle.ptnr2_auth_seq_id 
_pdbx_struct_conn_angle.ptnr2_PDB_ins_code 
_pdbx_struct_conn_angle.ptnr2_symmetry 
_pdbx_struct_conn_angle.ptnr3_label_atom_id 
_pdbx_struct_conn_angle.ptnr3_label_alt_id 
_pdbx_struct_conn_angle.ptnr3_label_asym_id 
_pdbx_struct_conn_angle.ptnr3_label_comp_id 
_pdbx_struct_conn_angle.ptnr3_label_seq_id 
_pdbx_struct_conn_angle.ptnr3_auth_atom_id 
_pdbx_struct_conn_angle.ptnr3_auth_asym_id 
_pdbx_struct_conn_angle.ptnr3_auth_comp_id 
_pdbx_struct_conn_angle.ptnr3_auth_seq_id 
_pdbx_struct_conn_angle.ptnr3_PDB_ins_code 
_pdbx_struct_conn_angle.ptnr3_symmetry 
_pdbx_struct_conn_angle.value 
_pdbx_struct_conn_angle.value_esd 
1  OE2 ? A GLU 35 ? A GLU 35  ? 1_555 MG ? B MG . ? A MG 222 ? 1_555 OD2 ? A ASP 64 ? A ASP 64  ? 1_555 90.2  ? 
2  OE2 ? A GLU 35 ? A GLU 35  ? 1_555 MG ? B MG . ? A MG 222 ? 1_555 O   ? C HOH .  ? A HOH 301 ? 1_555 95.2  ? 
3  OD2 ? A ASP 64 ? A ASP 64  ? 1_555 MG ? B MG . ? A MG 222 ? 1_555 O   ? C HOH .  ? A HOH 301 ? 1_555 92.0  ? 
4  OE2 ? A GLU 35 ? A GLU 35  ? 1_555 MG ? B MG . ? A MG 222 ? 1_555 O   ? C HOH .  ? A HOH 302 ? 1_555 87.8  ? 
5  OD2 ? A ASP 64 ? A ASP 64  ? 1_555 MG ? B MG . ? A MG 222 ? 1_555 O   ? C HOH .  ? A HOH 302 ? 1_555 174.4 ? 
6  O   ? C HOH .  ? A HOH 301 ? 1_555 MG ? B MG . ? A MG 222 ? 1_555 O   ? C HOH .  ? A HOH 302 ? 1_555 82.9  ? 
7  OE2 ? A GLU 35 ? A GLU 35  ? 1_555 MG ? B MG . ? A MG 222 ? 1_555 O   ? C HOH .  ? A HOH 303 ? 1_555 92.6  ? 
8  OD2 ? A ASP 64 ? A ASP 64  ? 1_555 MG ? B MG . ? A MG 222 ? 1_555 O   ? C HOH .  ? A HOH 303 ? 1_555 89.1  ? 
9  O   ? C HOH .  ? A HOH 301 ? 1_555 MG ? B MG . ? A MG 222 ? 1_555 O   ? C HOH .  ? A HOH 303 ? 1_555 172.1 ? 
10 O   ? C HOH .  ? A HOH 302 ? 1_555 MG ? B MG . ? A MG 222 ? 1_555 O   ? C HOH .  ? A HOH 303 ? 1_555 96.3  ? 
11 OE2 ? A GLU 35 ? A GLU 35  ? 1_555 MG ? B MG . ? A MG 222 ? 1_555 O   ? C HOH .  ? A HOH 304 ? 1_555 171.9 ? 
12 OD2 ? A ASP 64 ? A ASP 64  ? 1_555 MG ? B MG . ? A MG 222 ? 1_555 O   ? C HOH .  ? A HOH 304 ? 1_555 96.5  ? 
13 O   ? C HOH .  ? A HOH 301 ? 1_555 MG ? B MG . ? A MG 222 ? 1_555 O   ? C HOH .  ? A HOH 304 ? 1_555 89.2  ? 
14 O   ? C HOH .  ? A HOH 302 ? 1_555 MG ? B MG . ? A MG 222 ? 1_555 O   ? C HOH .  ? A HOH 304 ? 1_555 86.0  ? 
15 O   ? C HOH .  ? A HOH 303 ? 1_555 MG ? B MG . ? A MG 222 ? 1_555 O   ? C HOH .  ? A HOH 304 ? 1_555 82.9  ? 
# 
loop_
_pdbx_audit_revision_history.ordinal 
_pdbx_audit_revision_history.data_content_type 
_pdbx_audit_revision_history.major_revision 
_pdbx_audit_revision_history.minor_revision 
_pdbx_audit_revision_history.revision_date 
1 'Structure model' 1 0 2009-08-25 
2 'Structure model' 1 1 2011-07-13 
3 'Structure model' 1 2 2018-05-23 
4 'Structure model' 1 3 2023-11-01 
# 
_pdbx_audit_revision_details.ordinal             1 
_pdbx_audit_revision_details.revision_ordinal    1 
_pdbx_audit_revision_details.data_content_type   'Structure model' 
_pdbx_audit_revision_details.provider            repository 
_pdbx_audit_revision_details.type                'Initial release' 
_pdbx_audit_revision_details.description         ? 
_pdbx_audit_revision_details.details             ? 
# 
loop_
_pdbx_audit_revision_group.ordinal 
_pdbx_audit_revision_group.revision_ordinal 
_pdbx_audit_revision_group.data_content_type 
_pdbx_audit_revision_group.group 
1 2 'Structure model' Advisory                    
2 2 'Structure model' 'Version format compliance' 
3 3 'Structure model' 'Data collection'           
4 3 'Structure model' 'Refinement description'    
5 4 'Structure model' 'Data collection'           
6 4 'Structure model' 'Database references'       
7 4 'Structure model' 'Derived calculations'      
8 4 'Structure model' 'Refinement description'    
# 
loop_
_pdbx_audit_revision_category.ordinal 
_pdbx_audit_revision_category.revision_ordinal 
_pdbx_audit_revision_category.data_content_type 
_pdbx_audit_revision_category.category 
1  3 'Structure model' diffrn_source                 
2  3 'Structure model' software                      
3  4 'Structure model' chem_comp_atom                
4  4 'Structure model' chem_comp_bond                
5  4 'Structure model' database_2                    
6  4 'Structure model' pdbx_initial_refinement_model 
7  4 'Structure model' pdbx_struct_conn_angle        
8  4 'Structure model' pdbx_struct_special_symmetry  
9  4 'Structure model' struct_conn                   
10 4 'Structure model' struct_site                   
# 
loop_
_pdbx_audit_revision_item.ordinal 
_pdbx_audit_revision_item.revision_ordinal 
_pdbx_audit_revision_item.data_content_type 
_pdbx_audit_revision_item.item 
1  3 'Structure model' '_diffrn_source.pdbx_synchrotron_site'      
2  3 'Structure model' '_software.version'                         
3  4 'Structure model' '_database_2.pdbx_DOI'                      
4  4 'Structure model' '_database_2.pdbx_database_accession'       
5  4 'Structure model' '_pdbx_struct_conn_angle.ptnr1_auth_seq_id' 
6  4 'Structure model' '_pdbx_struct_conn_angle.ptnr3_auth_seq_id' 
7  4 'Structure model' '_pdbx_struct_conn_angle.value'             
8  4 'Structure model' '_struct_conn.pdbx_dist_value'              
9  4 'Structure model' '_struct_conn.ptnr2_auth_seq_id'            
10 4 'Structure model' '_struct_site.pdbx_auth_asym_id'            
11 4 'Structure model' '_struct_site.pdbx_auth_comp_id'            
12 4 'Structure model' '_struct_site.pdbx_auth_seq_id'             
# 
loop_
_pdbx_refine_tls.id 
_pdbx_refine_tls.details 
_pdbx_refine_tls.method 
_pdbx_refine_tls.origin_x 
_pdbx_refine_tls.origin_y 
_pdbx_refine_tls.origin_z 
_pdbx_refine_tls.T[1][1] 
_pdbx_refine_tls.T[2][2] 
_pdbx_refine_tls.T[3][3] 
_pdbx_refine_tls.T[1][2] 
_pdbx_refine_tls.T[1][3] 
_pdbx_refine_tls.T[2][3] 
_pdbx_refine_tls.L[1][1] 
_pdbx_refine_tls.L[2][2] 
_pdbx_refine_tls.L[3][3] 
_pdbx_refine_tls.L[1][2] 
_pdbx_refine_tls.L[1][3] 
_pdbx_refine_tls.L[2][3] 
_pdbx_refine_tls.S[1][1] 
_pdbx_refine_tls.S[2][2] 
_pdbx_refine_tls.S[3][3] 
_pdbx_refine_tls.S[1][2] 
_pdbx_refine_tls.S[1][3] 
_pdbx_refine_tls.S[2][3] 
_pdbx_refine_tls.S[2][1] 
_pdbx_refine_tls.S[3][1] 
_pdbx_refine_tls.S[3][2] 
_pdbx_refine_tls.pdbx_refine_id 
1 ? refined -3.6681 -5.0912 1.2282   0.0149 0.0617 0.0826 -0.0266 0.0321 0.0208  1.1076 0.5877 1.5006 0.6636 -0.2805 0.3533  0.1507 0.0260  -0.1768 -0.1399 -0.1785 -0.0990 -0.0403 -0.1388 0.1488 'X-RAY DIFFRACTION' 
2 ? refined 2.3658  6.9732  7.5000   0.0712 0.1560 0.0495 -0.1748 0.0886 -0.0940 1.4500 3.8274 2.2215 1.9664 -0.3269 -2.0223 0.3967 -0.1763 -0.2204 -0.5252 0.1687  -0.1193 0.1373  -0.4306 0.4811 'X-RAY DIFFRACTION' 
3 ? refined 8.3051  9.5695  2.5048   0.0614 0.1390 0.0907 -0.1965 0.1344 -0.1260 1.8359 2.0620 2.7738 0.1696 -0.3044 -1.2718 0.3648 -0.1514 -0.2135 -0.3464 0.1769  -0.1157 -0.1147 -0.4415 0.5150 'X-RAY DIFFRACTION' 
4 ? refined 5.6083  6.5476  -12.4303 0.1209 0.0209 0.1326 -0.1371 0.1736 -0.0240 6.1284 1.2535 2.4117 2.6749 -0.1545 -0.5224 0.0079 0.3493  -0.3571 0.1587  0.2122  0.0895  -0.2043 -0.3919 0.3395 'X-RAY DIFFRACTION' 
# 
loop_
_pdbx_refine_tls_group.id 
_pdbx_refine_tls_group.refine_tls_id 
_pdbx_refine_tls_group.beg_auth_asym_id 
_pdbx_refine_tls_group.beg_auth_seq_id 
_pdbx_refine_tls_group.beg_label_asym_id 
_pdbx_refine_tls_group.beg_label_seq_id 
_pdbx_refine_tls_group.end_auth_asym_id 
_pdbx_refine_tls_group.end_auth_seq_id 
_pdbx_refine_tls_group.end_label_asym_id 
_pdbx_refine_tls_group.end_label_seq_id 
_pdbx_refine_tls_group.selection 
_pdbx_refine_tls_group.pdbx_refine_id 
_pdbx_refine_tls_group.selection_details 
1 1 A 4   ? ? A 129 ? ? ? 'X-RAY DIFFRACTION' ? 
2 2 A 130 ? ? A 155 ? ? ? 'X-RAY DIFFRACTION' ? 
3 3 A 156 ? ? A 192 ? ? ? 'X-RAY DIFFRACTION' ? 
4 4 A 193 ? ? A 221 ? ? ? 'X-RAY DIFFRACTION' ? 
# 
_pdbx_phasing_MR.entry_id                     3EXT 
_pdbx_phasing_MR.method_rotation              ? 
_pdbx_phasing_MR.method_translation           ? 
_pdbx_phasing_MR.model_details                ? 
_pdbx_phasing_MR.R_factor                     0.589 
_pdbx_phasing_MR.R_rigid_body                 ? 
_pdbx_phasing_MR.correlation_coeff_Fo_to_Fc   0.587 
_pdbx_phasing_MR.correlation_coeff_Io_to_Ic   ? 
_pdbx_phasing_MR.d_res_high_rotation          2.000 
_pdbx_phasing_MR.d_res_low_rotation           28.630 
_pdbx_phasing_MR.d_res_high_translation       2.000 
_pdbx_phasing_MR.d_res_low_translation        28.630 
_pdbx_phasing_MR.packing                      ? 
_pdbx_phasing_MR.reflns_percent_rotation      ? 
_pdbx_phasing_MR.reflns_percent_translation   ? 
_pdbx_phasing_MR.sigma_F_rotation             ? 
_pdbx_phasing_MR.sigma_F_translation          ? 
_pdbx_phasing_MR.sigma_I_rotation             ? 
_pdbx_phasing_MR.sigma_I_translation          ? 
# 
_phasing.method   MR 
# 
loop_
_software.name 
_software.version 
_software.date 
_software.type 
_software.contact_author 
_software.contact_author_email 
_software.classification 
_software.location 
_software.language 
_software.citation_id 
_software.pdbx_ordinal 
XSCALE      .        ?               package 'Wolfgang Kabsch'    ?                      'data scaling'    
http://www.mpimf-heidelberg.mpg.de/~kabsch/xds/html_doc/xscale_program.html ?          ? 1 
MOLREP      .        ?               program 'Alexei Vaguine'     alexei@ysbl.york.ac.uk phasing           
http://www.ccp4.ac.uk/dist/html/molrep.html                                 Fortran_77 ? 2 
REFMAC      5.2.0019 ?               program 'Garib N. Murshudov' garib@ysbl.york.ac.uk  refinement        
http://www.ccp4.ac.uk/dist/html/refmac5.html                                Fortran_77 ? 3 
PDB_EXTRACT 3.006    'June 11, 2008' package PDB                  help@deposit.rcsb.org  'data extraction' 
http://sw-tools.pdb.org/apps/PDB_EXTRACT/                                   C++        ? 4 
# 
_pdbx_validate_torsion.id              1 
_pdbx_validate_torsion.PDB_model_num   1 
_pdbx_validate_torsion.auth_comp_id    TRP 
_pdbx_validate_torsion.auth_asym_id    A 
_pdbx_validate_torsion.auth_seq_id     153 
_pdbx_validate_torsion.PDB_ins_code    ? 
_pdbx_validate_torsion.label_alt_id    ? 
_pdbx_validate_torsion.phi             40.61 
_pdbx_validate_torsion.psi             70.81 
# 
loop_
_pdbx_unobs_or_zero_occ_atoms.id 
_pdbx_unobs_or_zero_occ_atoms.PDB_model_num 
_pdbx_unobs_or_zero_occ_atoms.polymer_flag 
_pdbx_unobs_or_zero_occ_atoms.occupancy_flag 
_pdbx_unobs_or_zero_occ_atoms.auth_asym_id 
_pdbx_unobs_or_zero_occ_atoms.auth_comp_id 
_pdbx_unobs_or_zero_occ_atoms.auth_seq_id 
_pdbx_unobs_or_zero_occ_atoms.PDB_ins_code 
_pdbx_unobs_or_zero_occ_atoms.auth_atom_id 
_pdbx_unobs_or_zero_occ_atoms.label_alt_id 
_pdbx_unobs_or_zero_occ_atoms.label_asym_id 
_pdbx_unobs_or_zero_occ_atoms.label_comp_id 
_pdbx_unobs_or_zero_occ_atoms.label_seq_id 
_pdbx_unobs_or_zero_occ_atoms.label_atom_id 
1  1 Y 1 A GLN 4   ? CB  ? A GLN 4   CB  
2  1 Y 1 A GLN 4   ? CG  ? A GLN 4   CG  
3  1 Y 1 A GLN 4   ? CD  ? A GLN 4   CD  
4  1 Y 1 A GLN 4   ? OE1 ? A GLN 4   OE1 
5  1 Y 1 A GLN 4   ? NE2 ? A GLN 4   NE2 
6  1 Y 1 A THR 152 ? OG1 ? A THR 152 OG1 
7  1 Y 1 A THR 152 ? CG2 ? A THR 152 CG2 
8  1 Y 1 A LYS 156 ? CG  ? A LYS 156 CG  
9  1 Y 1 A LYS 156 ? CD  ? A LYS 156 CD  
10 1 Y 1 A LYS 156 ? CE  ? A LYS 156 CE  
11 1 Y 1 A LYS 156 ? NZ  ? A LYS 156 NZ  
12 1 Y 1 A GLU 166 ? CG  ? A GLU 166 CG  
13 1 Y 1 A GLU 166 ? CD  ? A GLU 166 CD  
14 1 Y 1 A GLU 166 ? OE1 ? A GLU 166 OE1 
15 1 Y 1 A GLU 166 ? OE2 ? A GLU 166 OE2 
16 1 Y 1 A ASP 180 ? CG  ? A ASP 180 CG  
17 1 Y 1 A ASP 180 ? OD1 ? A ASP 180 OD1 
18 1 Y 1 A ASP 180 ? OD2 ? A ASP 180 OD2 
19 1 Y 1 A LYS 203 ? CG  ? A LYS 203 CG  
20 1 Y 1 A LYS 203 ? CD  ? A LYS 203 CD  
21 1 Y 1 A LYS 203 ? CE  ? A LYS 203 CE  
22 1 Y 1 A LYS 203 ? NZ  ? A LYS 203 NZ  
# 
loop_
_pdbx_unobs_or_zero_occ_residues.id 
_pdbx_unobs_or_zero_occ_residues.PDB_model_num 
_pdbx_unobs_or_zero_occ_residues.polymer_flag 
_pdbx_unobs_or_zero_occ_residues.occupancy_flag 
_pdbx_unobs_or_zero_occ_residues.auth_asym_id 
_pdbx_unobs_or_zero_occ_residues.auth_comp_id 
_pdbx_unobs_or_zero_occ_residues.auth_seq_id 
_pdbx_unobs_or_zero_occ_residues.PDB_ins_code 
_pdbx_unobs_or_zero_occ_residues.label_asym_id 
_pdbx_unobs_or_zero_occ_residues.label_comp_id 
_pdbx_unobs_or_zero_occ_residues.label_seq_id 
1  1 Y 1 A MET 1   ? A MET 1   
2  1 Y 1 A THR 2   ? A THR 2   
3  1 Y 1 A LYS 3   ? A LYS 3   
4  1 Y 1 A ASP 145 ? A ASP 145 
5  1 Y 1 A ALA 146 ? A ALA 146 
6  1 Y 1 A LEU 147 ? A LEU 147 
7  1 Y 1 A LEU 148 ? A LEU 148 
8  1 Y 1 A ALA 149 ? A ALA 149 
9  1 Y 1 A GLY 150 ? A GLY 150 
10 1 Y 1 A GLU 151 ? A GLU 151 
# 
loop_
_chem_comp_atom.comp_id 
_chem_comp_atom.atom_id 
_chem_comp_atom.type_symbol 
_chem_comp_atom.pdbx_aromatic_flag 
_chem_comp_atom.pdbx_stereo_config 
_chem_comp_atom.pdbx_ordinal 
ALA N    N  N N 1   
ALA CA   C  N S 2   
ALA C    C  N N 3   
ALA O    O  N N 4   
ALA CB   C  N N 5   
ALA OXT  O  N N 6   
ALA H    H  N N 7   
ALA H2   H  N N 8   
ALA HA   H  N N 9   
ALA HB1  H  N N 10  
ALA HB2  H  N N 11  
ALA HB3  H  N N 12  
ALA HXT  H  N N 13  
ARG N    N  N N 14  
ARG CA   C  N S 15  
ARG C    C  N N 16  
ARG O    O  N N 17  
ARG CB   C  N N 18  
ARG CG   C  N N 19  
ARG CD   C  N N 20  
ARG NE   N  N N 21  
ARG CZ   C  N N 22  
ARG NH1  N  N N 23  
ARG NH2  N  N N 24  
ARG OXT  O  N N 25  
ARG H    H  N N 26  
ARG H2   H  N N 27  
ARG HA   H  N N 28  
ARG HB2  H  N N 29  
ARG HB3  H  N N 30  
ARG HG2  H  N N 31  
ARG HG3  H  N N 32  
ARG HD2  H  N N 33  
ARG HD3  H  N N 34  
ARG HE   H  N N 35  
ARG HH11 H  N N 36  
ARG HH12 H  N N 37  
ARG HH21 H  N N 38  
ARG HH22 H  N N 39  
ARG HXT  H  N N 40  
ASN N    N  N N 41  
ASN CA   C  N S 42  
ASN C    C  N N 43  
ASN O    O  N N 44  
ASN CB   C  N N 45  
ASN CG   C  N N 46  
ASN OD1  O  N N 47  
ASN ND2  N  N N 48  
ASN OXT  O  N N 49  
ASN H    H  N N 50  
ASN H2   H  N N 51  
ASN HA   H  N N 52  
ASN HB2  H  N N 53  
ASN HB3  H  N N 54  
ASN HD21 H  N N 55  
ASN HD22 H  N N 56  
ASN HXT  H  N N 57  
ASP N    N  N N 58  
ASP CA   C  N S 59  
ASP C    C  N N 60  
ASP O    O  N N 61  
ASP CB   C  N N 62  
ASP CG   C  N N 63  
ASP OD1  O  N N 64  
ASP OD2  O  N N 65  
ASP OXT  O  N N 66  
ASP H    H  N N 67  
ASP H2   H  N N 68  
ASP HA   H  N N 69  
ASP HB2  H  N N 70  
ASP HB3  H  N N 71  
ASP HD2  H  N N 72  
ASP HXT  H  N N 73  
CYS N    N  N N 74  
CYS CA   C  N R 75  
CYS C    C  N N 76  
CYS O    O  N N 77  
CYS CB   C  N N 78  
CYS SG   S  N N 79  
CYS OXT  O  N N 80  
CYS H    H  N N 81  
CYS H2   H  N N 82  
CYS HA   H  N N 83  
CYS HB2  H  N N 84  
CYS HB3  H  N N 85  
CYS HG   H  N N 86  
CYS HXT  H  N N 87  
GLN N    N  N N 88  
GLN CA   C  N S 89  
GLN C    C  N N 90  
GLN O    O  N N 91  
GLN CB   C  N N 92  
GLN CG   C  N N 93  
GLN CD   C  N N 94  
GLN OE1  O  N N 95  
GLN NE2  N  N N 96  
GLN OXT  O  N N 97  
GLN H    H  N N 98  
GLN H2   H  N N 99  
GLN HA   H  N N 100 
GLN HB2  H  N N 101 
GLN HB3  H  N N 102 
GLN HG2  H  N N 103 
GLN HG3  H  N N 104 
GLN HE21 H  N N 105 
GLN HE22 H  N N 106 
GLN HXT  H  N N 107 
GLU N    N  N N 108 
GLU CA   C  N S 109 
GLU C    C  N N 110 
GLU O    O  N N 111 
GLU CB   C  N N 112 
GLU CG   C  N N 113 
GLU CD   C  N N 114 
GLU OE1  O  N N 115 
GLU OE2  O  N N 116 
GLU OXT  O  N N 117 
GLU H    H  N N 118 
GLU H2   H  N N 119 
GLU HA   H  N N 120 
GLU HB2  H  N N 121 
GLU HB3  H  N N 122 
GLU HG2  H  N N 123 
GLU HG3  H  N N 124 
GLU HE2  H  N N 125 
GLU HXT  H  N N 126 
GLY N    N  N N 127 
GLY CA   C  N N 128 
GLY C    C  N N 129 
GLY O    O  N N 130 
GLY OXT  O  N N 131 
GLY H    H  N N 132 
GLY H2   H  N N 133 
GLY HA2  H  N N 134 
GLY HA3  H  N N 135 
GLY HXT  H  N N 136 
HIS N    N  N N 137 
HIS CA   C  N S 138 
HIS C    C  N N 139 
HIS O    O  N N 140 
HIS CB   C  N N 141 
HIS CG   C  Y N 142 
HIS ND1  N  Y N 143 
HIS CD2  C  Y N 144 
HIS CE1  C  Y N 145 
HIS NE2  N  Y N 146 
HIS OXT  O  N N 147 
HIS H    H  N N 148 
HIS H2   H  N N 149 
HIS HA   H  N N 150 
HIS HB2  H  N N 151 
HIS HB3  H  N N 152 
HIS HD1  H  N N 153 
HIS HD2  H  N N 154 
HIS HE1  H  N N 155 
HIS HE2  H  N N 156 
HIS HXT  H  N N 157 
HOH O    O  N N 158 
HOH H1   H  N N 159 
HOH H2   H  N N 160 
ILE N    N  N N 161 
ILE CA   C  N S 162 
ILE C    C  N N 163 
ILE O    O  N N 164 
ILE CB   C  N S 165 
ILE CG1  C  N N 166 
ILE CG2  C  N N 167 
ILE CD1  C  N N 168 
ILE OXT  O  N N 169 
ILE H    H  N N 170 
ILE H2   H  N N 171 
ILE HA   H  N N 172 
ILE HB   H  N N 173 
ILE HG12 H  N N 174 
ILE HG13 H  N N 175 
ILE HG21 H  N N 176 
ILE HG22 H  N N 177 
ILE HG23 H  N N 178 
ILE HD11 H  N N 179 
ILE HD12 H  N N 180 
ILE HD13 H  N N 181 
ILE HXT  H  N N 182 
LEU N    N  N N 183 
LEU CA   C  N S 184 
LEU C    C  N N 185 
LEU O    O  N N 186 
LEU CB   C  N N 187 
LEU CG   C  N N 188 
LEU CD1  C  N N 189 
LEU CD2  C  N N 190 
LEU OXT  O  N N 191 
LEU H    H  N N 192 
LEU H2   H  N N 193 
LEU HA   H  N N 194 
LEU HB2  H  N N 195 
LEU HB3  H  N N 196 
LEU HG   H  N N 197 
LEU HD11 H  N N 198 
LEU HD12 H  N N 199 
LEU HD13 H  N N 200 
LEU HD21 H  N N 201 
LEU HD22 H  N N 202 
LEU HD23 H  N N 203 
LEU HXT  H  N N 204 
LYS N    N  N N 205 
LYS CA   C  N S 206 
LYS C    C  N N 207 
LYS O    O  N N 208 
LYS CB   C  N N 209 
LYS CG   C  N N 210 
LYS CD   C  N N 211 
LYS CE   C  N N 212 
LYS NZ   N  N N 213 
LYS OXT  O  N N 214 
LYS H    H  N N 215 
LYS H2   H  N N 216 
LYS HA   H  N N 217 
LYS HB2  H  N N 218 
LYS HB3  H  N N 219 
LYS HG2  H  N N 220 
LYS HG3  H  N N 221 
LYS HD2  H  N N 222 
LYS HD3  H  N N 223 
LYS HE2  H  N N 224 
LYS HE3  H  N N 225 
LYS HZ1  H  N N 226 
LYS HZ2  H  N N 227 
LYS HZ3  H  N N 228 
LYS HXT  H  N N 229 
MET N    N  N N 230 
MET CA   C  N S 231 
MET C    C  N N 232 
MET O    O  N N 233 
MET CB   C  N N 234 
MET CG   C  N N 235 
MET SD   S  N N 236 
MET CE   C  N N 237 
MET OXT  O  N N 238 
MET H    H  N N 239 
MET H2   H  N N 240 
MET HA   H  N N 241 
MET HB2  H  N N 242 
MET HB3  H  N N 243 
MET HG2  H  N N 244 
MET HG3  H  N N 245 
MET HE1  H  N N 246 
MET HE2  H  N N 247 
MET HE3  H  N N 248 
MET HXT  H  N N 249 
MG  MG   MG N N 250 
PHE N    N  N N 251 
PHE CA   C  N S 252 
PHE C    C  N N 253 
PHE O    O  N N 254 
PHE CB   C  N N 255 
PHE CG   C  Y N 256 
PHE CD1  C  Y N 257 
PHE CD2  C  Y N 258 
PHE CE1  C  Y N 259 
PHE CE2  C  Y N 260 
PHE CZ   C  Y N 261 
PHE OXT  O  N N 262 
PHE H    H  N N 263 
PHE H2   H  N N 264 
PHE HA   H  N N 265 
PHE HB2  H  N N 266 
PHE HB3  H  N N 267 
PHE HD1  H  N N 268 
PHE HD2  H  N N 269 
PHE HE1  H  N N 270 
PHE HE2  H  N N 271 
PHE HZ   H  N N 272 
PHE HXT  H  N N 273 
PRO N    N  N N 274 
PRO CA   C  N S 275 
PRO C    C  N N 276 
PRO O    O  N N 277 
PRO CB   C  N N 278 
PRO CG   C  N N 279 
PRO CD   C  N N 280 
PRO OXT  O  N N 281 
PRO H    H  N N 282 
PRO HA   H  N N 283 
PRO HB2  H  N N 284 
PRO HB3  H  N N 285 
PRO HG2  H  N N 286 
PRO HG3  H  N N 287 
PRO HD2  H  N N 288 
PRO HD3  H  N N 289 
PRO HXT  H  N N 290 
SER N    N  N N 291 
SER CA   C  N S 292 
SER C    C  N N 293 
SER O    O  N N 294 
SER CB   C  N N 295 
SER OG   O  N N 296 
SER OXT  O  N N 297 
SER H    H  N N 298 
SER H2   H  N N 299 
SER HA   H  N N 300 
SER HB2  H  N N 301 
SER HB3  H  N N 302 
SER HG   H  N N 303 
SER HXT  H  N N 304 
THR N    N  N N 305 
THR CA   C  N S 306 
THR C    C  N N 307 
THR O    O  N N 308 
THR CB   C  N R 309 
THR OG1  O  N N 310 
THR CG2  C  N N 311 
THR OXT  O  N N 312 
THR H    H  N N 313 
THR H2   H  N N 314 
THR HA   H  N N 315 
THR HB   H  N N 316 
THR HG1  H  N N 317 
THR HG21 H  N N 318 
THR HG22 H  N N 319 
THR HG23 H  N N 320 
THR HXT  H  N N 321 
TRP N    N  N N 322 
TRP CA   C  N S 323 
TRP C    C  N N 324 
TRP O    O  N N 325 
TRP CB   C  N N 326 
TRP CG   C  Y N 327 
TRP CD1  C  Y N 328 
TRP CD2  C  Y N 329 
TRP NE1  N  Y N 330 
TRP CE2  C  Y N 331 
TRP CE3  C  Y N 332 
TRP CZ2  C  Y N 333 
TRP CZ3  C  Y N 334 
TRP CH2  C  Y N 335 
TRP OXT  O  N N 336 
TRP H    H  N N 337 
TRP H2   H  N N 338 
TRP HA   H  N N 339 
TRP HB2  H  N N 340 
TRP HB3  H  N N 341 
TRP HD1  H  N N 342 
TRP HE1  H  N N 343 
TRP HE3  H  N N 344 
TRP HZ2  H  N N 345 
TRP HZ3  H  N N 346 
TRP HH2  H  N N 347 
TRP HXT  H  N N 348 
TYR N    N  N N 349 
TYR CA   C  N S 350 
TYR C    C  N N 351 
TYR O    O  N N 352 
TYR CB   C  N N 353 
TYR CG   C  Y N 354 
TYR CD1  C  Y N 355 
TYR CD2  C  Y N 356 
TYR CE1  C  Y N 357 
TYR CE2  C  Y N 358 
TYR CZ   C  Y N 359 
TYR OH   O  N N 360 
TYR OXT  O  N N 361 
TYR H    H  N N 362 
TYR H2   H  N N 363 
TYR HA   H  N N 364 
TYR HB2  H  N N 365 
TYR HB3  H  N N 366 
TYR HD1  H  N N 367 
TYR HD2  H  N N 368 
TYR HE1  H  N N 369 
TYR HE2  H  N N 370 
TYR HH   H  N N 371 
TYR HXT  H  N N 372 
VAL N    N  N N 373 
VAL CA   C  N S 374 
VAL C    C  N N 375 
VAL O    O  N N 376 
VAL CB   C  N N 377 
VAL CG1  C  N N 378 
VAL CG2  C  N N 379 
VAL OXT  O  N N 380 
VAL H    H  N N 381 
VAL H2   H  N N 382 
VAL HA   H  N N 383 
VAL HB   H  N N 384 
VAL HG11 H  N N 385 
VAL HG12 H  N N 386 
VAL HG13 H  N N 387 
VAL HG21 H  N N 388 
VAL HG22 H  N N 389 
VAL HG23 H  N N 390 
VAL HXT  H  N N 391 
# 
loop_
_chem_comp_bond.comp_id 
_chem_comp_bond.atom_id_1 
_chem_comp_bond.atom_id_2 
_chem_comp_bond.value_order 
_chem_comp_bond.pdbx_aromatic_flag 
_chem_comp_bond.pdbx_stereo_config 
_chem_comp_bond.pdbx_ordinal 
ALA N   CA   sing N N 1   
ALA N   H    sing N N 2   
ALA N   H2   sing N N 3   
ALA CA  C    sing N N 4   
ALA CA  CB   sing N N 5   
ALA CA  HA   sing N N 6   
ALA C   O    doub N N 7   
ALA C   OXT  sing N N 8   
ALA CB  HB1  sing N N 9   
ALA CB  HB2  sing N N 10  
ALA CB  HB3  sing N N 11  
ALA OXT HXT  sing N N 12  
ARG N   CA   sing N N 13  
ARG N   H    sing N N 14  
ARG N   H2   sing N N 15  
ARG CA  C    sing N N 16  
ARG CA  CB   sing N N 17  
ARG CA  HA   sing N N 18  
ARG C   O    doub N N 19  
ARG C   OXT  sing N N 20  
ARG CB  CG   sing N N 21  
ARG CB  HB2  sing N N 22  
ARG CB  HB3  sing N N 23  
ARG CG  CD   sing N N 24  
ARG CG  HG2  sing N N 25  
ARG CG  HG3  sing N N 26  
ARG CD  NE   sing N N 27  
ARG CD  HD2  sing N N 28  
ARG CD  HD3  sing N N 29  
ARG NE  CZ   sing N N 30  
ARG NE  HE   sing N N 31  
ARG CZ  NH1  sing N N 32  
ARG CZ  NH2  doub N N 33  
ARG NH1 HH11 sing N N 34  
ARG NH1 HH12 sing N N 35  
ARG NH2 HH21 sing N N 36  
ARG NH2 HH22 sing N N 37  
ARG OXT HXT  sing N N 38  
ASN N   CA   sing N N 39  
ASN N   H    sing N N 40  
ASN N   H2   sing N N 41  
ASN CA  C    sing N N 42  
ASN CA  CB   sing N N 43  
ASN CA  HA   sing N N 44  
ASN C   O    doub N N 45  
ASN C   OXT  sing N N 46  
ASN CB  CG   sing N N 47  
ASN CB  HB2  sing N N 48  
ASN CB  HB3  sing N N 49  
ASN CG  OD1  doub N N 50  
ASN CG  ND2  sing N N 51  
ASN ND2 HD21 sing N N 52  
ASN ND2 HD22 sing N N 53  
ASN OXT HXT  sing N N 54  
ASP N   CA   sing N N 55  
ASP N   H    sing N N 56  
ASP N   H2   sing N N 57  
ASP CA  C    sing N N 58  
ASP CA  CB   sing N N 59  
ASP CA  HA   sing N N 60  
ASP C   O    doub N N 61  
ASP C   OXT  sing N N 62  
ASP CB  CG   sing N N 63  
ASP CB  HB2  sing N N 64  
ASP CB  HB3  sing N N 65  
ASP CG  OD1  doub N N 66  
ASP CG  OD2  sing N N 67  
ASP OD2 HD2  sing N N 68  
ASP OXT HXT  sing N N 69  
CYS N   CA   sing N N 70  
CYS N   H    sing N N 71  
CYS N   H2   sing N N 72  
CYS CA  C    sing N N 73  
CYS CA  CB   sing N N 74  
CYS CA  HA   sing N N 75  
CYS C   O    doub N N 76  
CYS C   OXT  sing N N 77  
CYS CB  SG   sing N N 78  
CYS CB  HB2  sing N N 79  
CYS CB  HB3  sing N N 80  
CYS SG  HG   sing N N 81  
CYS OXT HXT  sing N N 82  
GLN N   CA   sing N N 83  
GLN N   H    sing N N 84  
GLN N   H2   sing N N 85  
GLN CA  C    sing N N 86  
GLN CA  CB   sing N N 87  
GLN CA  HA   sing N N 88  
GLN C   O    doub N N 89  
GLN C   OXT  sing N N 90  
GLN CB  CG   sing N N 91  
GLN CB  HB2  sing N N 92  
GLN CB  HB3  sing N N 93  
GLN CG  CD   sing N N 94  
GLN CG  HG2  sing N N 95  
GLN CG  HG3  sing N N 96  
GLN CD  OE1  doub N N 97  
GLN CD  NE2  sing N N 98  
GLN NE2 HE21 sing N N 99  
GLN NE2 HE22 sing N N 100 
GLN OXT HXT  sing N N 101 
GLU N   CA   sing N N 102 
GLU N   H    sing N N 103 
GLU N   H2   sing N N 104 
GLU CA  C    sing N N 105 
GLU CA  CB   sing N N 106 
GLU CA  HA   sing N N 107 
GLU C   O    doub N N 108 
GLU C   OXT  sing N N 109 
GLU CB  CG   sing N N 110 
GLU CB  HB2  sing N N 111 
GLU CB  HB3  sing N N 112 
GLU CG  CD   sing N N 113 
GLU CG  HG2  sing N N 114 
GLU CG  HG3  sing N N 115 
GLU CD  OE1  doub N N 116 
GLU CD  OE2  sing N N 117 
GLU OE2 HE2  sing N N 118 
GLU OXT HXT  sing N N 119 
GLY N   CA   sing N N 120 
GLY N   H    sing N N 121 
GLY N   H2   sing N N 122 
GLY CA  C    sing N N 123 
GLY CA  HA2  sing N N 124 
GLY CA  HA3  sing N N 125 
GLY C   O    doub N N 126 
GLY C   OXT  sing N N 127 
GLY OXT HXT  sing N N 128 
HIS N   CA   sing N N 129 
HIS N   H    sing N N 130 
HIS N   H2   sing N N 131 
HIS CA  C    sing N N 132 
HIS CA  CB   sing N N 133 
HIS CA  HA   sing N N 134 
HIS C   O    doub N N 135 
HIS C   OXT  sing N N 136 
HIS CB  CG   sing N N 137 
HIS CB  HB2  sing N N 138 
HIS CB  HB3  sing N N 139 
HIS CG  ND1  sing Y N 140 
HIS CG  CD2  doub Y N 141 
HIS ND1 CE1  doub Y N 142 
HIS ND1 HD1  sing N N 143 
HIS CD2 NE2  sing Y N 144 
HIS CD2 HD2  sing N N 145 
HIS CE1 NE2  sing Y N 146 
HIS CE1 HE1  sing N N 147 
HIS NE2 HE2  sing N N 148 
HIS OXT HXT  sing N N 149 
HOH O   H1   sing N N 150 
HOH O   H2   sing N N 151 
ILE N   CA   sing N N 152 
ILE N   H    sing N N 153 
ILE N   H2   sing N N 154 
ILE CA  C    sing N N 155 
ILE CA  CB   sing N N 156 
ILE CA  HA   sing N N 157 
ILE C   O    doub N N 158 
ILE C   OXT  sing N N 159 
ILE CB  CG1  sing N N 160 
ILE CB  CG2  sing N N 161 
ILE CB  HB   sing N N 162 
ILE CG1 CD1  sing N N 163 
ILE CG1 HG12 sing N N 164 
ILE CG1 HG13 sing N N 165 
ILE CG2 HG21 sing N N 166 
ILE CG2 HG22 sing N N 167 
ILE CG2 HG23 sing N N 168 
ILE CD1 HD11 sing N N 169 
ILE CD1 HD12 sing N N 170 
ILE CD1 HD13 sing N N 171 
ILE OXT HXT  sing N N 172 
LEU N   CA   sing N N 173 
LEU N   H    sing N N 174 
LEU N   H2   sing N N 175 
LEU CA  C    sing N N 176 
LEU CA  CB   sing N N 177 
LEU CA  HA   sing N N 178 
LEU C   O    doub N N 179 
LEU C   OXT  sing N N 180 
LEU CB  CG   sing N N 181 
LEU CB  HB2  sing N N 182 
LEU CB  HB3  sing N N 183 
LEU CG  CD1  sing N N 184 
LEU CG  CD2  sing N N 185 
LEU CG  HG   sing N N 186 
LEU CD1 HD11 sing N N 187 
LEU CD1 HD12 sing N N 188 
LEU CD1 HD13 sing N N 189 
LEU CD2 HD21 sing N N 190 
LEU CD2 HD22 sing N N 191 
LEU CD2 HD23 sing N N 192 
LEU OXT HXT  sing N N 193 
LYS N   CA   sing N N 194 
LYS N   H    sing N N 195 
LYS N   H2   sing N N 196 
LYS CA  C    sing N N 197 
LYS CA  CB   sing N N 198 
LYS CA  HA   sing N N 199 
LYS C   O    doub N N 200 
LYS C   OXT  sing N N 201 
LYS CB  CG   sing N N 202 
LYS CB  HB2  sing N N 203 
LYS CB  HB3  sing N N 204 
LYS CG  CD   sing N N 205 
LYS CG  HG2  sing N N 206 
LYS CG  HG3  sing N N 207 
LYS CD  CE   sing N N 208 
LYS CD  HD2  sing N N 209 
LYS CD  HD3  sing N N 210 
LYS CE  NZ   sing N N 211 
LYS CE  HE2  sing N N 212 
LYS CE  HE3  sing N N 213 
LYS NZ  HZ1  sing N N 214 
LYS NZ  HZ2  sing N N 215 
LYS NZ  HZ3  sing N N 216 
LYS OXT HXT  sing N N 217 
MET N   CA   sing N N 218 
MET N   H    sing N N 219 
MET N   H2   sing N N 220 
MET CA  C    sing N N 221 
MET CA  CB   sing N N 222 
MET CA  HA   sing N N 223 
MET C   O    doub N N 224 
MET C   OXT  sing N N 225 
MET CB  CG   sing N N 226 
MET CB  HB2  sing N N 227 
MET CB  HB3  sing N N 228 
MET CG  SD   sing N N 229 
MET CG  HG2  sing N N 230 
MET CG  HG3  sing N N 231 
MET SD  CE   sing N N 232 
MET CE  HE1  sing N N 233 
MET CE  HE2  sing N N 234 
MET CE  HE3  sing N N 235 
MET OXT HXT  sing N N 236 
PHE N   CA   sing N N 237 
PHE N   H    sing N N 238 
PHE N   H2   sing N N 239 
PHE CA  C    sing N N 240 
PHE CA  CB   sing N N 241 
PHE CA  HA   sing N N 242 
PHE C   O    doub N N 243 
PHE C   OXT  sing N N 244 
PHE CB  CG   sing N N 245 
PHE CB  HB2  sing N N 246 
PHE CB  HB3  sing N N 247 
PHE CG  CD1  doub Y N 248 
PHE CG  CD2  sing Y N 249 
PHE CD1 CE1  sing Y N 250 
PHE CD1 HD1  sing N N 251 
PHE CD2 CE2  doub Y N 252 
PHE CD2 HD2  sing N N 253 
PHE CE1 CZ   doub Y N 254 
PHE CE1 HE1  sing N N 255 
PHE CE2 CZ   sing Y N 256 
PHE CE2 HE2  sing N N 257 
PHE CZ  HZ   sing N N 258 
PHE OXT HXT  sing N N 259 
PRO N   CA   sing N N 260 
PRO N   CD   sing N N 261 
PRO N   H    sing N N 262 
PRO CA  C    sing N N 263 
PRO CA  CB   sing N N 264 
PRO CA  HA   sing N N 265 
PRO C   O    doub N N 266 
PRO C   OXT  sing N N 267 
PRO CB  CG   sing N N 268 
PRO CB  HB2  sing N N 269 
PRO CB  HB3  sing N N 270 
PRO CG  CD   sing N N 271 
PRO CG  HG2  sing N N 272 
PRO CG  HG3  sing N N 273 
PRO CD  HD2  sing N N 274 
PRO CD  HD3  sing N N 275 
PRO OXT HXT  sing N N 276 
SER N   CA   sing N N 277 
SER N   H    sing N N 278 
SER N   H2   sing N N 279 
SER CA  C    sing N N 280 
SER CA  CB   sing N N 281 
SER CA  HA   sing N N 282 
SER C   O    doub N N 283 
SER C   OXT  sing N N 284 
SER CB  OG   sing N N 285 
SER CB  HB2  sing N N 286 
SER CB  HB3  sing N N 287 
SER OG  HG   sing N N 288 
SER OXT HXT  sing N N 289 
THR N   CA   sing N N 290 
THR N   H    sing N N 291 
THR N   H2   sing N N 292 
THR CA  C    sing N N 293 
THR CA  CB   sing N N 294 
THR CA  HA   sing N N 295 
THR C   O    doub N N 296 
THR C   OXT  sing N N 297 
THR CB  OG1  sing N N 298 
THR CB  CG2  sing N N 299 
THR CB  HB   sing N N 300 
THR OG1 HG1  sing N N 301 
THR CG2 HG21 sing N N 302 
THR CG2 HG22 sing N N 303 
THR CG2 HG23 sing N N 304 
THR OXT HXT  sing N N 305 
TRP N   CA   sing N N 306 
TRP N   H    sing N N 307 
TRP N   H2   sing N N 308 
TRP CA  C    sing N N 309 
TRP CA  CB   sing N N 310 
TRP CA  HA   sing N N 311 
TRP C   O    doub N N 312 
TRP C   OXT  sing N N 313 
TRP CB  CG   sing N N 314 
TRP CB  HB2  sing N N 315 
TRP CB  HB3  sing N N 316 
TRP CG  CD1  doub Y N 317 
TRP CG  CD2  sing Y N 318 
TRP CD1 NE1  sing Y N 319 
TRP CD1 HD1  sing N N 320 
TRP CD2 CE2  doub Y N 321 
TRP CD2 CE3  sing Y N 322 
TRP NE1 CE2  sing Y N 323 
TRP NE1 HE1  sing N N 324 
TRP CE2 CZ2  sing Y N 325 
TRP CE3 CZ3  doub Y N 326 
TRP CE3 HE3  sing N N 327 
TRP CZ2 CH2  doub Y N 328 
TRP CZ2 HZ2  sing N N 329 
TRP CZ3 CH2  sing Y N 330 
TRP CZ3 HZ3  sing N N 331 
TRP CH2 HH2  sing N N 332 
TRP OXT HXT  sing N N 333 
TYR N   CA   sing N N 334 
TYR N   H    sing N N 335 
TYR N   H2   sing N N 336 
TYR CA  C    sing N N 337 
TYR CA  CB   sing N N 338 
TYR CA  HA   sing N N 339 
TYR C   O    doub N N 340 
TYR C   OXT  sing N N 341 
TYR CB  CG   sing N N 342 
TYR CB  HB2  sing N N 343 
TYR CB  HB3  sing N N 344 
TYR CG  CD1  doub Y N 345 
TYR CG  CD2  sing Y N 346 
TYR CD1 CE1  sing Y N 347 
TYR CD1 HD1  sing N N 348 
TYR CD2 CE2  doub Y N 349 
TYR CD2 HD2  sing N N 350 
TYR CE1 CZ   doub Y N 351 
TYR CE1 HE1  sing N N 352 
TYR CE2 CZ   sing Y N 353 
TYR CE2 HE2  sing N N 354 
TYR CZ  OH   sing N N 355 
TYR OH  HH   sing N N 356 
TYR OXT HXT  sing N N 357 
VAL N   CA   sing N N 358 
VAL N   H    sing N N 359 
VAL N   H2   sing N N 360 
VAL CA  C    sing N N 361 
VAL CA  CB   sing N N 362 
VAL CA  HA   sing N N 363 
VAL C   O    doub N N 364 
VAL C   OXT  sing N N 365 
VAL CB  CG1  sing N N 366 
VAL CB  CG2  sing N N 367 
VAL CB  HB   sing N N 368 
VAL CG1 HG11 sing N N 369 
VAL CG1 HG12 sing N N 370 
VAL CG1 HG13 sing N N 371 
VAL CG2 HG21 sing N N 372 
VAL CG2 HG22 sing N N 373 
VAL CG2 HG23 sing N N 374 
VAL OXT HXT  sing N N 375 
# 
loop_
_pdbx_entity_nonpoly.entity_id 
_pdbx_entity_nonpoly.name 
_pdbx_entity_nonpoly.comp_id 
2 'MAGNESIUM ION' MG  
3 water           HOH 
# 
_pdbx_initial_refinement_model.id               1 
_pdbx_initial_refinement_model.entity_id_list   ? 
_pdbx_initial_refinement_model.type             'experimental model' 
_pdbx_initial_refinement_model.source_name      PDB 
_pdbx_initial_refinement_model.accession_code   1KV8 
_pdbx_initial_refinement_model.details          'PDB ENTRY 1KV8' 
# 
